data_7OJ9
#
_entry.id   7OJ9
#
loop_
_entity.id
_entity.type
_entity.pdbx_description
1 polymer 'EEEV nsP3 peptide'
2 polymer 'Sorting nexin-9'
#
loop_
_entity_poly.entity_id
_entity_poly.type
_entity_poly.pdbx_seq_one_letter_code
_entity_poly.pdbx_strand_id
1 'polypeptide(L)' AERLIPRRPAPPVPVPARIPSPR B
2 'polypeptide(L)' GSHMATKARVMYDFAAEPGNNELTVNEGEIITITNPDVGGGWLEGRNIKGERGLVPTDYVEILPSDG A
#
# COMPACT_ATOMS: atom_id res chain seq x y z
N ALA A 1 -7.40 -16.75 4.94
CA ALA A 1 -7.26 -16.16 6.29
C ALA A 1 -8.56 -15.47 6.74
N GLU A 2 -8.63 -15.00 7.97
CA GLU A 2 -9.70 -14.11 8.48
C GLU A 2 -9.37 -12.61 8.25
N ARG A 3 -8.54 -12.32 7.24
CA ARG A 3 -8.02 -11.01 6.83
C ARG A 3 -7.82 -10.96 5.32
N LEU A 4 -7.69 -9.75 4.77
CA LEU A 4 -7.61 -9.43 3.34
C LEU A 4 -6.29 -9.96 2.69
N ILE A 5 -6.38 -10.58 1.51
CA ILE A 5 -5.25 -11.23 0.81
C ILE A 5 -5.22 -10.87 -0.69
N PRO A 6 -4.04 -10.51 -1.26
CA PRO A 6 -3.90 -10.21 -2.68
C PRO A 6 -4.21 -11.39 -3.60
N ARG A 7 -4.99 -11.13 -4.67
CA ARG A 7 -5.34 -12.11 -5.72
C ARG A 7 -4.28 -12.24 -6.83
N ARG A 8 -3.27 -11.37 -6.83
CA ARG A 8 -2.21 -11.22 -7.84
C ARG A 8 -0.92 -10.61 -7.24
N PRO A 9 0.25 -10.75 -7.87
CA PRO A 9 1.46 -10.00 -7.53
C PRO A 9 1.27 -8.49 -7.76
N ALA A 10 2.02 -7.64 -7.07
CA ALA A 10 1.95 -6.19 -7.24
C ALA A 10 2.25 -5.75 -8.69
N PRO A 11 1.55 -4.73 -9.23
CA PRO A 11 1.88 -4.15 -10.53
C PRO A 11 3.25 -3.44 -10.51
N PRO A 12 3.89 -3.23 -11.68
CA PRO A 12 5.11 -2.43 -11.80
C PRO A 12 4.86 -0.96 -11.44
N VAL A 13 5.91 -0.27 -10.97
CA VAL A 13 5.87 1.10 -10.43
C VAL A 13 6.75 2.10 -11.22
N PRO A 14 6.29 3.36 -11.43
CA PRO A 14 6.99 4.35 -12.26
C PRO A 14 8.12 5.10 -11.51
N VAL A 15 8.95 4.35 -10.77
CA VAL A 15 10.07 4.91 -10.01
C VAL A 15 11.17 5.41 -10.94
N PRO A 16 11.70 6.64 -10.76
CA PRO A 16 12.84 7.15 -11.52
C PRO A 16 14.13 6.46 -11.06
N ALA A 17 14.58 5.45 -11.81
CA ALA A 17 15.75 4.65 -11.47
C ALA A 17 16.34 3.94 -12.70
N ARG A 18 17.30 4.60 -13.36
CA ARG A 18 18.13 3.99 -14.43
C ARG A 18 18.81 2.71 -13.94
N ILE A 19 19.27 2.75 -12.69
CA ILE A 19 19.76 1.63 -11.89
C ILE A 19 19.19 1.70 -10.46
N PRO A 20 18.89 0.55 -9.81
CA PRO A 20 18.32 0.51 -8.47
C PRO A 20 19.31 0.95 -7.38
N SER A 21 18.78 1.37 -6.22
CA SER A 21 19.56 1.83 -5.07
C SER A 21 20.51 0.74 -4.54
N PRO A 22 21.74 1.08 -4.10
CA PRO A 22 22.63 0.13 -3.44
C PRO A 22 22.19 -0.22 -2.02
N ARG A 23 21.23 0.50 -1.43
CA ARG A 23 20.74 0.37 -0.06
C ARG A 23 19.21 0.41 0.03
N GLY B 1 2.61 1.17 16.44
CA GLY B 1 3.36 0.94 17.68
C GLY B 1 3.08 2.02 18.70
N SER B 2 3.28 1.70 19.98
CA SER B 2 3.14 2.61 21.13
C SER B 2 1.77 3.31 21.19
N HIS B 3 0.70 2.53 21.33
CA HIS B 3 -0.69 2.98 21.49
C HIS B 3 -1.23 3.79 20.28
N MET B 4 -0.70 3.52 19.08
CA MET B 4 -1.04 4.16 17.80
C MET B 4 -0.82 3.20 16.62
N ALA B 5 -1.66 3.31 15.58
CA ALA B 5 -1.48 2.60 14.31
C ALA B 5 -0.24 3.06 13.52
N THR B 6 0.25 2.21 12.62
CA THR B 6 1.29 2.53 11.61
C THR B 6 0.68 3.38 10.49
N LYS B 7 1.49 4.18 9.81
CA LYS B 7 1.07 5.15 8.78
C LYS B 7 1.96 5.05 7.53
N ALA B 8 1.45 5.46 6.36
CA ALA B 8 2.23 5.56 5.13
C ALA B 8 1.81 6.73 4.24
N ARG B 9 2.76 7.28 3.49
CA ARG B 9 2.54 8.26 2.41
C ARG B 9 2.63 7.56 1.04
N VAL B 10 1.83 8.02 0.08
CA VAL B 10 1.87 7.56 -1.32
C VAL B 10 2.99 8.22 -2.14
N MET B 11 3.71 7.40 -2.90
CA MET B 11 4.79 7.82 -3.80
C MET B 11 4.35 7.97 -5.26
N TYR B 12 3.32 7.25 -5.70
CA TYR B 12 2.75 7.34 -7.07
C TYR B 12 1.24 7.04 -7.06
N ASP B 13 0.44 7.71 -7.91
CA ASP B 13 -1.02 7.48 -7.97
C ASP B 13 -1.40 6.07 -8.43
N PHE B 14 -2.47 5.53 -7.83
CA PHE B 14 -2.97 4.17 -8.01
C PHE B 14 -4.50 4.09 -8.04
N ALA B 15 -5.04 3.08 -8.71
CA ALA B 15 -6.47 2.82 -8.85
C ALA B 15 -6.79 1.35 -8.57
N ALA B 16 -7.76 1.08 -7.70
CA ALA B 16 -8.15 -0.29 -7.30
C ALA B 16 -8.84 -1.10 -8.40
N GLU B 17 -8.71 -2.43 -8.32
CA GLU B 17 -9.50 -3.39 -9.10
C GLU B 17 -10.64 -3.98 -8.24
N PRO B 18 -11.88 -4.03 -8.78
CA PRO B 18 -13.09 -4.42 -8.06
C PRO B 18 -13.12 -5.88 -7.60
N GLY B 19 -12.52 -6.80 -8.35
CA GLY B 19 -12.38 -8.22 -8.00
C GLY B 19 -11.18 -8.55 -7.11
N ASN B 20 -10.34 -7.57 -6.76
CA ASN B 20 -9.13 -7.75 -5.97
C ASN B 20 -9.19 -7.14 -4.55
N ASN B 21 -10.21 -6.31 -4.29
CA ASN B 21 -10.43 -5.62 -3.00
C ASN B 21 -9.31 -4.63 -2.61
N GLU B 22 -8.70 -3.99 -3.61
CA GLU B 22 -7.66 -2.97 -3.48
C GLU B 22 -8.23 -1.61 -2.99
N LEU B 23 -7.38 -0.63 -2.66
CA LEU B 23 -7.78 0.74 -2.27
C LEU B 23 -7.12 1.79 -3.18
N THR B 24 -7.92 2.62 -3.86
CA THR B 24 -7.47 3.74 -4.70
C THR B 24 -6.82 4.83 -3.86
N VAL B 25 -5.66 5.34 -4.29
CA VAL B 25 -4.90 6.39 -3.58
C VAL B 25 -4.15 7.32 -4.54
N ASN B 26 -3.83 8.53 -4.09
CA ASN B 26 -3.16 9.57 -4.88
C ASN B 26 -1.80 9.97 -4.29
N GLU B 27 -0.84 10.37 -5.13
CA GLU B 27 0.52 10.68 -4.67
C GLU B 27 0.58 11.81 -3.63
N GLY B 28 1.34 11.58 -2.55
CA GLY B 28 1.43 12.49 -1.41
C GLY B 28 0.35 12.29 -0.33
N GLU B 29 -0.71 11.54 -0.62
CA GLU B 29 -1.77 11.19 0.34
C GLU B 29 -1.23 10.35 1.50
N ILE B 30 -1.71 10.62 2.72
CA ILE B 30 -1.40 9.84 3.93
C ILE B 30 -2.53 8.85 4.24
N ILE B 31 -2.20 7.58 4.48
CA ILE B 31 -3.11 6.51 4.90
C ILE B 31 -2.63 5.80 6.17
N THR B 32 -3.54 5.22 6.95
CA THR B 32 -3.18 4.34 8.05
C THR B 32 -2.91 2.95 7.49
N ILE B 33 -1.81 2.31 7.89
CA ILE B 33 -1.52 0.92 7.58
C ILE B 33 -2.21 0.01 8.59
N THR B 34 -2.93 -1.00 8.11
CA THR B 34 -3.50 -2.07 8.94
C THR B 34 -2.68 -3.36 8.88
N ASN B 35 -1.99 -3.67 7.76
CA ASN B 35 -1.17 -4.87 7.62
C ASN B 35 0.02 -4.68 6.64
N PRO B 36 1.25 -4.42 7.12
CA PRO B 36 2.39 -4.11 6.26
C PRO B 36 3.02 -5.28 5.48
N ASP B 37 2.59 -6.51 5.75
CA ASP B 37 3.04 -7.74 5.07
C ASP B 37 1.81 -8.64 4.85
N VAL B 38 1.44 -8.83 3.59
CA VAL B 38 0.32 -9.71 3.15
C VAL B 38 0.75 -10.75 2.11
N GLY B 39 1.96 -10.58 1.57
CA GLY B 39 2.51 -11.34 0.48
C GLY B 39 2.35 -10.60 -0.85
N GLY B 40 3.07 -11.07 -1.86
CA GLY B 40 2.93 -10.66 -3.26
C GLY B 40 3.31 -9.21 -3.60
N GLY B 41 3.94 -8.46 -2.70
CA GLY B 41 4.29 -7.04 -2.93
C GLY B 41 3.28 -6.01 -2.41
N TRP B 42 2.36 -6.38 -1.52
CA TRP B 42 1.27 -5.50 -1.05
C TRP B 42 1.34 -5.21 0.46
N LEU B 43 0.48 -4.28 0.88
CA LEU B 43 0.12 -3.96 2.26
C LEU B 43 -1.37 -3.59 2.36
N GLU B 44 -1.96 -3.71 3.55
CA GLU B 44 -3.33 -3.31 3.87
C GLU B 44 -3.37 -1.90 4.48
N GLY B 45 -4.31 -1.06 4.07
CA GLY B 45 -4.42 0.32 4.55
C GLY B 45 -5.82 0.93 4.44
N ARG B 46 -6.00 2.10 5.07
CA ARG B 46 -7.25 2.88 5.09
C ARG B 46 -6.99 4.38 4.90
N ASN B 47 -7.80 5.01 4.06
CA ASN B 47 -7.81 6.47 3.88
C ASN B 47 -8.80 7.18 4.80
N ILE B 48 -8.65 8.50 4.85
CA ILE B 48 -9.40 9.43 5.69
C ILE B 48 -10.92 9.18 5.70
N LYS B 49 -11.50 8.79 4.55
CA LYS B 49 -12.93 8.52 4.38
C LYS B 49 -13.44 7.33 5.20
N GLY B 50 -12.54 6.39 5.50
CA GLY B 50 -12.80 5.12 6.17
C GLY B 50 -12.97 3.92 5.25
N GLU B 51 -12.42 3.95 4.03
CA GLU B 51 -12.33 2.75 3.19
C GLU B 51 -11.01 2.02 3.42
N ARG B 52 -11.04 0.69 3.42
CA ARG B 52 -9.84 -0.18 3.52
C ARG B 52 -9.50 -0.87 2.21
N GLY B 53 -8.32 -1.45 2.10
CA GLY B 53 -7.97 -2.32 0.99
C GLY B 53 -6.48 -2.59 0.87
N LEU B 54 -6.13 -3.38 -0.14
CA LEU B 54 -4.74 -3.70 -0.50
C LEU B 54 -4.15 -2.63 -1.42
N VAL B 55 -2.88 -2.30 -1.20
CA VAL B 55 -2.10 -1.37 -2.02
C VAL B 55 -0.69 -1.93 -2.24
N PRO B 56 -0.12 -1.81 -3.45
CA PRO B 56 1.25 -2.21 -3.71
C PRO B 56 2.23 -1.43 -2.84
N THR B 57 3.03 -2.10 -2.00
CA THR B 57 3.94 -1.43 -1.05
C THR B 57 5.06 -0.66 -1.74
N ASP B 58 5.42 -1.03 -2.98
CA ASP B 58 6.33 -0.25 -3.83
C ASP B 58 5.77 1.09 -4.32
N TYR B 59 4.45 1.30 -4.26
CA TYR B 59 3.80 2.60 -4.52
C TYR B 59 3.75 3.54 -3.30
N VAL B 60 4.06 3.06 -2.08
CA VAL B 60 3.95 3.85 -0.82
C VAL B 60 5.19 3.72 0.06
N GLU B 61 5.30 4.56 1.08
CA GLU B 61 6.41 4.59 2.05
C GLU B 61 5.89 4.63 3.49
N ILE B 62 6.38 3.73 4.33
CA ILE B 62 6.02 3.67 5.75
C ILE B 62 6.62 4.88 6.47
N LEU B 63 5.79 5.61 7.22
CA LEU B 63 6.17 6.83 7.94
C LEU B 63 6.73 6.52 9.35
N PRO B 64 7.59 7.42 9.92
CA PRO B 64 8.27 7.18 11.19
C PRO B 64 7.35 7.16 12.41
N SER B 65 7.80 6.44 13.45
CA SER B 65 7.22 6.43 14.80
C SER B 65 7.64 7.67 15.60
N ASP B 66 6.89 7.97 16.67
CA ASP B 66 7.10 9.13 17.57
C ASP B 66 6.98 10.51 16.87
N GLY B 67 6.38 10.51 15.66
CA GLY B 67 5.95 11.68 14.88
C GLY B 67 4.45 11.85 14.94
N ALA A 1 -12.48 -16.77 2.79
CA ALA A 1 -12.09 -16.51 4.19
C ALA A 1 -12.16 -15.01 4.52
N GLU A 2 -12.23 -14.69 5.82
CA GLU A 2 -12.41 -13.32 6.33
C GLU A 2 -11.22 -12.36 6.10
N ARG A 3 -10.00 -12.91 6.00
CA ARG A 3 -8.75 -12.14 5.85
C ARG A 3 -8.58 -11.61 4.42
N LEU A 4 -8.20 -10.34 4.29
CA LEU A 4 -7.91 -9.67 3.03
C LEU A 4 -6.52 -10.06 2.52
N ILE A 5 -6.47 -10.70 1.35
CA ILE A 5 -5.24 -11.22 0.72
C ILE A 5 -5.21 -10.82 -0.77
N PRO A 6 -4.05 -10.37 -1.31
CA PRO A 6 -3.92 -9.99 -2.72
C PRO A 6 -4.24 -11.14 -3.69
N ARG A 7 -5.01 -10.85 -4.73
CA ARG A 7 -5.42 -11.82 -5.77
C ARG A 7 -4.43 -11.88 -6.97
N ARG A 8 -3.44 -10.98 -6.99
CA ARG A 8 -2.39 -10.82 -8.00
C ARG A 8 -1.10 -10.27 -7.36
N PRO A 9 0.10 -10.54 -7.91
CA PRO A 9 1.34 -9.87 -7.48
C PRO A 9 1.32 -8.36 -7.80
N ALA A 10 2.05 -7.56 -7.02
CA ALA A 10 2.02 -6.09 -7.15
C ALA A 10 2.49 -5.57 -8.54
N PRO A 11 1.76 -4.62 -9.15
CA PRO A 11 2.04 -4.10 -10.50
C PRO A 11 3.37 -3.32 -10.60
N PRO A 12 3.90 -3.11 -11.82
CA PRO A 12 5.11 -2.33 -12.04
C PRO A 12 4.93 -0.87 -11.60
N VAL A 13 5.84 -0.36 -10.77
CA VAL A 13 5.80 1.01 -10.23
C VAL A 13 6.46 2.01 -11.19
N PRO A 14 5.88 3.19 -11.45
CA PRO A 14 6.36 4.16 -12.44
C PRO A 14 7.52 5.06 -11.96
N VAL A 15 8.48 4.48 -11.26
CA VAL A 15 9.61 5.19 -10.62
C VAL A 15 10.52 5.89 -11.64
N PRO A 16 10.95 7.16 -11.40
CA PRO A 16 11.82 7.94 -12.28
C PRO A 16 13.30 7.51 -12.21
N ALA A 17 13.54 6.26 -12.60
CA ALA A 17 14.86 5.62 -12.70
C ALA A 17 14.82 4.56 -13.81
N ARG A 18 15.67 4.72 -14.83
CA ARG A 18 15.86 3.79 -15.97
C ARG A 18 16.82 2.65 -15.62
N ILE A 19 16.56 1.42 -16.07
CA ILE A 19 17.35 0.22 -15.69
C ILE A 19 18.10 -0.46 -16.87
N PRO A 20 19.20 -1.21 -16.63
CA PRO A 20 20.01 -1.81 -17.69
C PRO A 20 19.39 -3.04 -18.37
N SER A 21 19.95 -3.46 -19.52
CA SER A 21 19.58 -4.71 -20.20
C SER A 21 19.93 -5.94 -19.33
N PRO A 22 19.12 -7.02 -19.32
CA PRO A 22 19.42 -8.23 -18.55
C PRO A 22 20.73 -8.90 -19.00
N ARG A 23 21.52 -9.40 -18.05
CA ARG A 23 22.71 -10.24 -18.30
C ARG A 23 23.02 -11.19 -17.15
N GLY B 1 6.97 3.33 22.85
CA GLY B 1 7.29 3.18 21.43
C GLY B 1 6.42 2.12 20.77
N SER B 2 6.14 2.27 19.48
CA SER B 2 5.23 1.41 18.68
C SER B 2 3.80 1.34 19.26
N HIS B 3 3.36 2.42 19.88
CA HIS B 3 2.10 2.56 20.61
C HIS B 3 1.03 3.40 19.87
N MET B 4 1.33 3.91 18.67
CA MET B 4 0.44 4.69 17.80
C MET B 4 0.24 4.03 16.43
N ALA B 5 -0.85 4.33 15.71
CA ALA B 5 -1.12 3.75 14.39
C ALA B 5 -0.03 4.09 13.36
N THR B 6 0.50 3.09 12.67
CA THR B 6 1.51 3.28 11.60
C THR B 6 0.89 4.03 10.42
N LYS B 7 1.70 4.84 9.74
CA LYS B 7 1.26 5.74 8.67
C LYS B 7 2.18 5.63 7.44
N ALA B 8 1.68 5.95 6.26
CA ALA B 8 2.47 5.97 5.02
C ALA B 8 2.03 7.08 4.07
N ARG B 9 2.98 7.65 3.32
CA ARG B 9 2.72 8.57 2.19
C ARG B 9 2.77 7.80 0.87
N VAL B 10 1.94 8.21 -0.08
CA VAL B 10 1.94 7.67 -1.45
C VAL B 10 3.04 8.31 -2.31
N MET B 11 3.77 7.49 -3.05
CA MET B 11 4.85 7.90 -3.96
C MET B 11 4.39 8.00 -5.43
N TYR B 12 3.34 7.26 -5.81
CA TYR B 12 2.70 7.29 -7.13
C TYR B 12 1.20 6.97 -7.03
N ASP B 13 0.36 7.58 -7.87
CA ASP B 13 -1.07 7.23 -7.94
C ASP B 13 -1.30 5.72 -8.18
N PHE B 14 -2.36 5.17 -7.59
CA PHE B 14 -2.76 3.77 -7.74
C PHE B 14 -4.29 3.63 -7.84
N ALA B 15 -4.75 2.67 -8.65
CA ALA B 15 -6.16 2.38 -8.86
C ALA B 15 -6.49 0.91 -8.58
N ALA B 16 -7.45 0.68 -7.67
CA ALA B 16 -7.85 -0.63 -7.19
C ALA B 16 -8.72 -1.45 -8.16
N GLU B 17 -8.53 -2.77 -8.16
CA GLU B 17 -9.45 -3.70 -8.82
C GLU B 17 -10.61 -4.10 -7.87
N PRO B 18 -11.85 -4.11 -8.37
CA PRO B 18 -13.07 -4.31 -7.57
C PRO B 18 -13.27 -5.73 -7.03
N GLY B 19 -12.81 -6.76 -7.76
CA GLY B 19 -12.84 -8.15 -7.30
C GLY B 19 -11.75 -8.45 -6.25
N ASN B 20 -10.66 -7.68 -6.25
CA ASN B 20 -9.48 -7.93 -5.40
C ASN B 20 -9.55 -7.27 -4.02
N ASN B 21 -10.45 -6.29 -3.83
CA ASN B 21 -10.61 -5.47 -2.63
C ASN B 21 -9.37 -4.58 -2.33
N GLU B 22 -8.76 -4.04 -3.37
CA GLU B 22 -7.67 -3.07 -3.28
C GLU B 22 -8.21 -1.66 -2.89
N LEU B 23 -7.35 -0.70 -2.52
CA LEU B 23 -7.74 0.68 -2.15
C LEU B 23 -7.08 1.71 -3.09
N THR B 24 -7.88 2.50 -3.81
CA THR B 24 -7.40 3.57 -4.70
C THR B 24 -6.80 4.71 -3.88
N VAL B 25 -5.63 5.21 -4.29
CA VAL B 25 -4.91 6.30 -3.63
C VAL B 25 -4.19 7.20 -4.64
N ASN B 26 -3.87 8.42 -4.25
CA ASN B 26 -3.20 9.41 -5.09
C ASN B 26 -1.84 9.82 -4.51
N GLU B 27 -0.87 10.17 -5.36
CA GLU B 27 0.47 10.56 -4.91
C GLU B 27 0.45 11.71 -3.90
N GLY B 28 1.26 11.60 -2.84
CA GLY B 28 1.34 12.58 -1.77
C GLY B 28 0.26 12.46 -0.70
N GLU B 29 -0.76 11.62 -0.90
CA GLU B 29 -1.77 11.32 0.11
C GLU B 29 -1.17 10.53 1.29
N ILE B 30 -1.61 10.83 2.51
CA ILE B 30 -1.22 10.13 3.75
C ILE B 30 -2.32 9.14 4.18
N ILE B 31 -1.97 7.87 4.36
CA ILE B 31 -2.87 6.77 4.79
C ILE B 31 -2.34 6.06 6.04
N THR B 32 -3.24 5.42 6.79
CA THR B 32 -2.91 4.62 7.97
C THR B 32 -2.68 3.17 7.55
N ILE B 33 -1.69 2.47 8.10
CA ILE B 33 -1.37 1.08 7.76
C ILE B 33 -2.05 0.09 8.72
N THR B 34 -2.82 -0.84 8.17
CA THR B 34 -3.50 -1.92 8.91
C THR B 34 -2.83 -3.29 8.76
N ASN B 35 -2.10 -3.56 7.68
CA ASN B 35 -1.32 -4.80 7.53
C ASN B 35 -0.08 -4.65 6.63
N PRO B 36 1.13 -4.44 7.17
CA PRO B 36 2.32 -4.17 6.36
C PRO B 36 2.85 -5.35 5.52
N ASP B 37 2.43 -6.61 5.77
CA ASP B 37 2.92 -7.79 5.05
C ASP B 37 1.79 -8.83 4.82
N VAL B 38 1.23 -8.82 3.61
CA VAL B 38 0.10 -9.67 3.15
C VAL B 38 0.54 -10.70 2.10
N GLY B 39 1.78 -10.57 1.62
CA GLY B 39 2.36 -11.34 0.53
C GLY B 39 2.25 -10.59 -0.78
N GLY B 40 3.01 -11.06 -1.77
CA GLY B 40 2.90 -10.66 -3.17
C GLY B 40 3.27 -9.21 -3.51
N GLY B 41 3.89 -8.45 -2.60
CA GLY B 41 4.28 -7.05 -2.85
C GLY B 41 3.31 -5.98 -2.32
N TRP B 42 2.35 -6.34 -1.46
CA TRP B 42 1.30 -5.44 -0.97
C TRP B 42 1.39 -5.15 0.53
N LEU B 43 0.56 -4.21 0.96
CA LEU B 43 0.22 -3.87 2.34
C LEU B 43 -1.26 -3.49 2.40
N GLU B 44 -1.89 -3.60 3.57
CA GLU B 44 -3.24 -3.10 3.82
C GLU B 44 -3.18 -1.71 4.46
N GLY B 45 -4.02 -0.78 4.00
CA GLY B 45 -4.12 0.57 4.54
C GLY B 45 -5.52 1.15 4.46
N ARG B 46 -5.73 2.30 5.13
CA ARG B 46 -6.98 3.06 5.17
C ARG B 46 -6.74 4.55 4.95
N ASN B 47 -7.52 5.11 4.04
CA ASN B 47 -7.57 6.55 3.75
C ASN B 47 -8.59 7.30 4.58
N ILE B 48 -8.53 8.62 4.48
CA ILE B 48 -9.37 9.62 5.15
C ILE B 48 -10.87 9.27 5.10
N LYS B 49 -11.31 8.69 3.97
CA LYS B 49 -12.68 8.24 3.70
C LYS B 49 -13.15 7.13 4.66
N GLY B 50 -12.22 6.48 5.35
CA GLY B 50 -12.41 5.38 6.30
C GLY B 50 -12.42 4.00 5.67
N GLU B 51 -12.11 3.92 4.38
CA GLU B 51 -12.06 2.63 3.66
C GLU B 51 -10.70 2.00 3.77
N ARG B 52 -10.71 0.69 4.04
CA ARG B 52 -9.51 -0.16 3.99
C ARG B 52 -9.35 -0.83 2.63
N GLY B 53 -8.16 -1.37 2.40
CA GLY B 53 -7.90 -2.23 1.26
C GLY B 53 -6.41 -2.39 0.97
N LEU B 54 -6.12 -3.23 -0.01
CA LEU B 54 -4.75 -3.60 -0.40
C LEU B 54 -4.14 -2.56 -1.36
N VAL B 55 -2.86 -2.23 -1.12
CA VAL B 55 -2.04 -1.32 -1.95
C VAL B 55 -0.62 -1.90 -2.11
N PRO B 56 0.00 -1.79 -3.30
CA PRO B 56 1.39 -2.18 -3.50
C PRO B 56 2.35 -1.37 -2.63
N THR B 57 3.18 -2.00 -1.78
CA THR B 57 4.15 -1.28 -0.94
C THR B 57 5.24 -0.58 -1.78
N ASP B 58 5.50 -1.05 -3.01
CA ASP B 58 6.36 -0.35 -3.97
C ASP B 58 5.89 1.08 -4.30
N TYR B 59 4.58 1.36 -4.18
CA TYR B 59 3.95 2.64 -4.49
C TYR B 59 3.89 3.61 -3.28
N VAL B 60 4.23 3.18 -2.06
CA VAL B 60 4.10 3.96 -0.82
C VAL B 60 5.34 3.87 0.07
N GLU B 61 5.40 4.69 1.10
CA GLU B 61 6.53 4.79 2.04
C GLU B 61 6.08 4.97 3.49
N ILE B 62 6.59 4.13 4.39
CA ILE B 62 6.22 4.13 5.82
C ILE B 62 6.86 5.34 6.52
N LEU B 63 6.02 6.17 7.15
CA LEU B 63 6.40 7.43 7.78
C LEU B 63 6.98 7.25 9.21
N PRO B 64 7.82 8.20 9.68
CA PRO B 64 8.54 8.11 10.95
C PRO B 64 7.67 8.22 12.22
N SER B 65 8.20 7.70 13.33
CA SER B 65 7.61 7.68 14.67
C SER B 65 8.06 8.91 15.49
N ASP B 66 7.34 10.02 15.31
CA ASP B 66 7.58 11.34 15.95
C ASP B 66 7.02 11.44 17.39
N GLY B 67 6.39 10.36 17.89
CA GLY B 67 5.85 10.21 19.26
C GLY B 67 6.75 9.44 20.22
N ALA A 1 -11.70 -13.92 8.22
CA ALA A 1 -10.58 -13.43 7.41
C ALA A 1 -9.67 -12.53 8.25
N GLU A 2 -8.53 -13.05 8.73
CA GLU A 2 -7.63 -12.31 9.65
C GLU A 2 -7.12 -10.98 9.08
N ARG A 3 -6.79 -11.00 7.78
CA ARG A 3 -6.30 -9.88 6.96
C ARG A 3 -6.74 -10.08 5.51
N LEU A 4 -6.67 -9.04 4.68
CA LEU A 4 -6.89 -9.19 3.24
C LEU A 4 -5.83 -10.08 2.58
N ILE A 5 -6.21 -10.73 1.47
CA ILE A 5 -5.34 -11.58 0.65
C ILE A 5 -5.29 -11.02 -0.79
N PRO A 6 -4.12 -10.55 -1.29
CA PRO A 6 -3.99 -10.07 -2.66
C PRO A 6 -4.24 -11.15 -3.72
N ARG A 7 -4.95 -10.77 -4.79
CA ARG A 7 -5.42 -11.65 -5.88
C ARG A 7 -4.50 -11.65 -7.11
N ARG A 8 -3.45 -10.82 -7.09
CA ARG A 8 -2.44 -10.65 -8.14
C ARG A 8 -1.11 -10.18 -7.52
N PRO A 9 0.07 -10.47 -8.13
CA PRO A 9 1.33 -9.87 -7.69
C PRO A 9 1.34 -8.35 -7.89
N ALA A 10 2.17 -7.62 -7.14
CA ALA A 10 2.17 -6.17 -7.18
C ALA A 10 2.52 -5.62 -8.59
N PRO A 11 1.76 -4.63 -9.10
CA PRO A 11 2.03 -4.01 -10.40
C PRO A 11 3.40 -3.29 -10.41
N PRO A 12 4.06 -3.16 -11.58
CA PRO A 12 5.28 -2.38 -11.72
C PRO A 12 5.03 -0.88 -11.51
N VAL A 13 5.68 -0.32 -10.50
CA VAL A 13 5.64 1.10 -10.13
C VAL A 13 6.43 1.96 -11.15
N PRO A 14 5.99 3.18 -11.49
CA PRO A 14 6.59 4.00 -12.55
C PRO A 14 7.87 4.75 -12.12
N VAL A 15 8.80 4.05 -11.48
CA VAL A 15 10.09 4.55 -11.02
C VAL A 15 11.17 4.44 -12.12
N PRO A 16 11.98 5.49 -12.38
CA PRO A 16 13.02 5.52 -13.41
C PRO A 16 14.33 4.86 -12.94
N ALA A 17 14.25 3.60 -12.50
CA ALA A 17 15.36 2.82 -11.97
C ALA A 17 15.28 1.36 -12.47
N ARG A 18 16.11 1.01 -13.45
CA ARG A 18 16.08 -0.30 -14.11
C ARG A 18 16.62 -1.45 -13.24
N ILE A 19 16.07 -2.64 -13.47
CA ILE A 19 16.58 -3.91 -12.92
C ILE A 19 17.97 -4.26 -13.49
N PRO A 20 18.78 -5.09 -12.80
CA PRO A 20 20.01 -5.64 -13.36
C PRO A 20 19.73 -6.64 -14.50
N SER A 21 20.58 -6.63 -15.54
CA SER A 21 20.44 -7.46 -16.74
C SER A 21 21.76 -7.59 -17.54
N PRO A 22 22.02 -8.74 -18.21
CA PRO A 22 23.18 -8.95 -19.11
C PRO A 22 23.14 -8.13 -20.42
N ARG A 23 22.05 -7.39 -20.67
CA ARG A 23 21.89 -6.42 -21.77
C ARG A 23 20.83 -5.35 -21.48
N GLY B 1 2.55 -8.67 14.76
CA GLY B 1 1.61 -7.63 14.29
C GLY B 1 1.69 -6.40 15.16
N SER B 2 1.62 -5.22 14.53
CA SER B 2 1.79 -3.92 15.19
C SER B 2 0.63 -3.54 16.12
N HIS B 3 0.95 -3.24 17.38
CA HIS B 3 -0.03 -2.81 18.38
C HIS B 3 -0.49 -1.36 18.18
N MET B 4 0.43 -0.42 17.95
CA MET B 4 0.13 0.94 17.53
C MET B 4 -0.12 0.98 16.01
N ALA B 5 -0.99 1.89 15.54
CA ALA B 5 -1.25 2.04 14.11
C ALA B 5 -0.06 2.67 13.37
N THR B 6 0.53 1.92 12.45
CA THR B 6 1.56 2.38 11.50
C THR B 6 0.95 3.31 10.45
N LYS B 7 1.76 4.12 9.74
CA LYS B 7 1.30 5.11 8.76
C LYS B 7 2.10 5.00 7.44
N ALA B 8 1.66 5.60 6.33
CA ALA B 8 2.45 5.70 5.09
C ALA B 8 2.01 6.86 4.20
N ARG B 9 2.95 7.40 3.40
CA ARG B 9 2.70 8.34 2.29
C ARG B 9 2.75 7.64 0.95
N VAL B 10 1.90 8.03 0.01
CA VAL B 10 1.92 7.55 -1.37
C VAL B 10 2.98 8.25 -2.22
N MET B 11 3.80 7.48 -2.92
CA MET B 11 4.85 7.95 -3.82
C MET B 11 4.41 8.03 -5.28
N TYR B 12 3.40 7.25 -5.69
CA TYR B 12 2.78 7.27 -7.02
C TYR B 12 1.30 6.88 -6.90
N ASP B 13 0.40 7.52 -7.65
CA ASP B 13 -1.04 7.20 -7.62
C ASP B 13 -1.34 5.78 -8.13
N PHE B 14 -2.38 5.17 -7.55
CA PHE B 14 -2.79 3.79 -7.78
C PHE B 14 -4.31 3.64 -7.90
N ALA B 15 -4.77 2.65 -8.66
CA ALA B 15 -6.19 2.33 -8.85
C ALA B 15 -6.48 0.84 -8.58
N ALA B 16 -7.50 0.57 -7.78
CA ALA B 16 -7.95 -0.77 -7.43
C ALA B 16 -8.59 -1.56 -8.59
N GLU B 17 -8.22 -2.82 -8.75
CA GLU B 17 -8.91 -3.76 -9.65
C GLU B 17 -10.33 -4.12 -9.14
N PRO B 18 -11.28 -4.45 -10.02
CA PRO B 18 -12.65 -4.80 -9.64
C PRO B 18 -12.69 -6.11 -8.84
N GLY B 19 -13.20 -6.04 -7.61
CA GLY B 19 -13.42 -7.19 -6.72
C GLY B 19 -12.19 -7.76 -6.01
N ASN B 20 -10.96 -7.27 -6.26
CA ASN B 20 -9.75 -7.76 -5.57
C ASN B 20 -9.61 -7.31 -4.10
N ASN B 21 -10.37 -6.28 -3.70
CA ASN B 21 -10.33 -5.59 -2.41
C ASN B 21 -9.09 -4.68 -2.24
N GLU B 22 -8.67 -4.07 -3.35
CA GLU B 22 -7.63 -3.04 -3.39
C GLU B 22 -8.24 -1.66 -3.06
N LEU B 23 -7.44 -0.72 -2.54
CA LEU B 23 -7.86 0.65 -2.17
C LEU B 23 -7.24 1.67 -3.14
N THR B 24 -8.04 2.41 -3.90
CA THR B 24 -7.54 3.48 -4.80
C THR B 24 -7.00 4.65 -3.99
N VAL B 25 -5.78 5.08 -4.29
CA VAL B 25 -5.06 6.16 -3.59
C VAL B 25 -4.33 7.09 -4.56
N ASN B 26 -4.08 8.33 -4.14
CA ASN B 26 -3.36 9.33 -4.93
C ASN B 26 -1.99 9.67 -4.33
N GLU B 27 -1.05 10.09 -5.16
CA GLU B 27 0.29 10.49 -4.71
C GLU B 27 0.27 11.63 -3.67
N GLY B 28 1.14 11.52 -2.66
CA GLY B 28 1.23 12.44 -1.53
C GLY B 28 0.19 12.24 -0.43
N GLU B 29 -0.83 11.40 -0.66
CA GLU B 29 -1.82 11.04 0.35
C GLU B 29 -1.21 10.29 1.53
N ILE B 30 -1.56 10.65 2.76
CA ILE B 30 -1.24 9.89 3.97
C ILE B 30 -2.36 8.90 4.32
N ILE B 31 -2.02 7.64 4.58
CA ILE B 31 -2.94 6.58 5.02
C ILE B 31 -2.42 5.87 6.27
N THR B 32 -3.33 5.28 7.04
CA THR B 32 -2.99 4.42 8.17
C THR B 32 -2.80 2.99 7.67
N ILE B 33 -1.71 2.33 8.05
CA ILE B 33 -1.40 0.96 7.67
C ILE B 33 -1.94 -0.04 8.70
N THR B 34 -2.78 -0.96 8.25
CA THR B 34 -3.35 -2.05 9.07
C THR B 34 -2.60 -3.37 8.93
N ASN B 35 -1.94 -3.64 7.80
CA ASN B 35 -1.11 -4.84 7.64
C ASN B 35 0.04 -4.69 6.62
N PRO B 36 1.28 -4.39 7.05
CA PRO B 36 2.39 -4.15 6.13
C PRO B 36 2.95 -5.39 5.39
N ASP B 37 2.50 -6.60 5.73
CA ASP B 37 3.02 -7.87 5.19
C ASP B 37 1.89 -8.88 4.95
N VAL B 38 1.28 -8.79 3.75
CA VAL B 38 0.12 -9.59 3.30
C VAL B 38 0.50 -10.61 2.23
N GLY B 39 1.70 -10.49 1.65
CA GLY B 39 2.19 -11.27 0.53
C GLY B 39 2.05 -10.51 -0.78
N GLY B 40 2.73 -11.05 -1.80
CA GLY B 40 2.62 -10.65 -3.21
C GLY B 40 3.10 -9.24 -3.57
N GLY B 41 3.68 -8.49 -2.63
CA GLY B 41 4.13 -7.10 -2.84
C GLY B 41 3.18 -6.00 -2.33
N TRP B 42 2.25 -6.32 -1.42
CA TRP B 42 1.20 -5.40 -0.96
C TRP B 42 1.27 -5.07 0.54
N LEU B 43 0.42 -4.13 0.95
CA LEU B 43 0.10 -3.78 2.34
C LEU B 43 -1.41 -3.47 2.46
N GLU B 44 -1.99 -3.73 3.63
CA GLU B 44 -3.36 -3.33 4.00
C GLU B 44 -3.33 -1.92 4.59
N GLY B 45 -4.21 -1.03 4.13
CA GLY B 45 -4.27 0.37 4.56
C GLY B 45 -5.67 0.95 4.51
N ARG B 46 -5.84 2.10 5.17
CA ARG B 46 -7.08 2.88 5.27
C ARG B 46 -6.81 4.37 5.10
N ASN B 47 -7.61 5.02 4.25
CA ASN B 47 -7.60 6.48 4.13
C ASN B 47 -8.59 7.17 5.07
N ILE B 48 -8.47 8.49 5.12
CA ILE B 48 -9.22 9.41 5.96
C ILE B 48 -10.74 9.15 5.99
N LYS B 49 -11.29 8.72 4.85
CA LYS B 49 -12.70 8.37 4.63
C LYS B 49 -13.17 7.09 5.34
N GLY B 50 -12.24 6.28 5.86
CA GLY B 50 -12.46 4.99 6.52
C GLY B 50 -12.51 3.78 5.59
N GLU B 51 -12.16 3.97 4.32
CA GLU B 51 -12.12 2.87 3.35
C GLU B 51 -10.82 2.11 3.51
N ARG B 52 -10.90 0.78 3.58
CA ARG B 52 -9.73 -0.10 3.64
C ARG B 52 -9.49 -0.85 2.34
N GLY B 53 -8.28 -1.37 2.18
CA GLY B 53 -7.97 -2.30 1.10
C GLY B 53 -6.46 -2.50 0.96
N LEU B 54 -6.11 -3.30 -0.05
CA LEU B 54 -4.72 -3.57 -0.43
C LEU B 54 -4.15 -2.48 -1.34
N VAL B 55 -2.89 -2.14 -1.12
CA VAL B 55 -2.09 -1.22 -1.96
C VAL B 55 -0.69 -1.79 -2.15
N PRO B 56 -0.08 -1.69 -3.35
CA PRO B 56 1.29 -2.14 -3.60
C PRO B 56 2.28 -1.35 -2.72
N THR B 57 3.10 -2.03 -1.92
CA THR B 57 4.05 -1.33 -1.02
C THR B 57 5.20 -0.66 -1.76
N ASP B 58 5.46 -1.03 -3.01
CA ASP B 58 6.40 -0.33 -3.89
C ASP B 58 5.92 1.09 -4.28
N TYR B 59 4.61 1.35 -4.22
CA TYR B 59 3.99 2.65 -4.51
C TYR B 59 3.95 3.60 -3.30
N VAL B 60 4.28 3.15 -2.09
CA VAL B 60 4.15 3.94 -0.85
C VAL B 60 5.39 3.80 0.05
N GLU B 61 5.49 4.67 1.05
CA GLU B 61 6.59 4.68 2.03
C GLU B 61 6.08 4.81 3.46
N ILE B 62 6.55 3.92 4.34
CA ILE B 62 6.10 3.86 5.74
C ILE B 62 6.54 5.11 6.50
N LEU B 63 5.60 5.71 7.24
CA LEU B 63 5.79 6.77 8.21
C LEU B 63 5.58 6.26 9.66
N PRO B 64 6.25 6.87 10.65
CA PRO B 64 6.20 6.44 12.05
C PRO B 64 4.85 6.71 12.71
N SER B 65 4.57 5.93 13.76
CA SER B 65 3.41 6.09 14.65
C SER B 65 3.62 7.18 15.71
N ASP B 66 2.60 7.44 16.54
CA ASP B 66 2.59 8.43 17.63
C ASP B 66 2.80 9.89 17.15
N GLY B 67 2.51 10.15 15.86
CA GLY B 67 2.50 11.47 15.21
C GLY B 67 1.21 12.23 15.43
N ALA A 1 -8.13 -17.73 8.73
CA ALA A 1 -8.83 -16.63 9.42
C ALA A 1 -9.35 -15.63 8.39
N GLU A 2 -10.45 -14.92 8.67
CA GLU A 2 -11.04 -13.93 7.75
C GLU A 2 -10.15 -12.66 7.67
N ARG A 3 -9.20 -12.64 6.74
CA ARG A 3 -8.20 -11.58 6.56
C ARG A 3 -8.00 -11.26 5.07
N LEU A 4 -7.68 -10.01 4.75
CA LEU A 4 -7.55 -9.52 3.38
C LEU A 4 -6.27 -10.03 2.68
N ILE A 5 -6.41 -10.63 1.50
CA ILE A 5 -5.34 -11.29 0.73
C ILE A 5 -5.33 -10.85 -0.75
N PRO A 6 -4.18 -10.44 -1.33
CA PRO A 6 -4.10 -10.00 -2.74
C PRO A 6 -4.45 -11.09 -3.77
N ARG A 7 -5.14 -10.71 -4.86
CA ARG A 7 -5.58 -11.59 -5.96
C ARG A 7 -4.66 -11.55 -7.22
N ARG A 8 -3.53 -10.84 -7.12
CA ARG A 8 -2.49 -10.66 -8.14
C ARG A 8 -1.18 -10.20 -7.47
N PRO A 9 0.01 -10.42 -8.06
CA PRO A 9 1.24 -9.78 -7.57
C PRO A 9 1.18 -8.26 -7.80
N ALA A 10 1.99 -7.47 -7.09
CA ALA A 10 1.97 -6.01 -7.23
C ALA A 10 2.33 -5.55 -8.67
N PRO A 11 1.65 -4.52 -9.21
CA PRO A 11 2.00 -3.96 -10.52
C PRO A 11 3.40 -3.31 -10.51
N PRO A 12 4.03 -3.13 -11.69
CA PRO A 12 5.29 -2.41 -11.81
C PRO A 12 5.07 -0.93 -11.52
N VAL A 13 5.67 -0.44 -10.43
CA VAL A 13 5.66 0.97 -10.02
C VAL A 13 6.47 1.82 -11.01
N PRO A 14 6.11 3.09 -11.27
CA PRO A 14 6.84 3.95 -12.21
C PRO A 14 8.06 4.62 -11.55
N VAL A 15 8.88 3.83 -10.84
CA VAL A 15 10.11 4.29 -10.19
C VAL A 15 11.23 4.46 -11.24
N PRO A 16 11.94 5.60 -11.26
CA PRO A 16 13.04 5.85 -12.20
C PRO A 16 14.28 4.98 -11.87
N ALA A 17 14.46 3.90 -12.62
CA ALA A 17 15.62 3.01 -12.60
C ALA A 17 15.56 2.05 -13.80
N ARG A 18 16.68 1.86 -14.50
CA ARG A 18 16.80 0.85 -15.57
C ARG A 18 17.41 -0.49 -15.13
N ILE A 19 18.21 -0.48 -14.06
CA ILE A 19 18.83 -1.71 -13.55
C ILE A 19 17.78 -2.68 -12.99
N PRO A 20 17.91 -4.01 -13.22
CA PRO A 20 17.02 -5.02 -12.67
C PRO A 20 16.96 -5.03 -11.13
N SER A 21 15.85 -5.51 -10.58
CA SER A 21 15.73 -5.79 -9.14
C SER A 21 16.61 -6.98 -8.73
N PRO A 22 17.18 -6.99 -7.51
CA PRO A 22 18.13 -8.02 -7.06
C PRO A 22 17.46 -9.39 -6.88
N ARG A 23 18.12 -10.47 -7.32
CA ARG A 23 17.62 -11.86 -7.16
C ARG A 23 17.69 -12.38 -5.73
N GLY B 1 8.95 2.47 19.28
CA GLY B 1 7.86 3.00 18.45
C GLY B 1 6.67 3.43 19.29
N SER B 2 5.96 4.49 18.86
CA SER B 2 4.75 5.02 19.50
C SER B 2 3.57 4.03 19.45
N HIS B 3 2.69 4.07 20.45
CA HIS B 3 1.52 3.19 20.58
C HIS B 3 0.36 3.51 19.62
N MET B 4 0.47 4.57 18.81
CA MET B 4 -0.47 4.94 17.75
C MET B 4 -0.32 4.08 16.47
N ALA B 5 -1.39 3.99 15.67
CA ALA B 5 -1.39 3.34 14.36
C ALA B 5 -0.31 3.88 13.41
N THR B 6 0.32 2.98 12.64
CA THR B 6 1.35 3.31 11.64
C THR B 6 0.72 4.02 10.45
N LYS B 7 1.48 4.88 9.78
CA LYS B 7 1.04 5.73 8.67
C LYS B 7 1.96 5.57 7.44
N ALA B 8 1.48 5.88 6.25
CA ALA B 8 2.29 5.94 5.03
C ALA B 8 1.83 7.04 4.07
N ARG B 9 2.78 7.62 3.33
CA ARG B 9 2.51 8.53 2.19
C ARG B 9 2.63 7.78 0.87
N VAL B 10 1.78 8.15 -0.09
CA VAL B 10 1.83 7.63 -1.46
C VAL B 10 2.90 8.32 -2.30
N MET B 11 3.69 7.53 -3.01
CA MET B 11 4.76 7.98 -3.92
C MET B 11 4.32 8.03 -5.39
N TYR B 12 3.32 7.23 -5.79
CA TYR B 12 2.74 7.22 -7.15
C TYR B 12 1.26 6.83 -7.13
N ASP B 13 0.44 7.38 -8.04
CA ASP B 13 -1.00 7.11 -8.14
C ASP B 13 -1.34 5.63 -8.42
N PHE B 14 -2.38 5.13 -7.75
CA PHE B 14 -2.82 3.73 -7.77
C PHE B 14 -4.33 3.59 -7.90
N ALA B 15 -4.78 2.55 -8.61
CA ALA B 15 -6.19 2.30 -8.88
C ALA B 15 -6.55 0.83 -8.65
N ALA B 16 -7.57 0.60 -7.84
CA ALA B 16 -8.08 -0.73 -7.49
C ALA B 16 -8.73 -1.46 -8.68
N GLU B 17 -8.47 -2.77 -8.77
CA GLU B 17 -9.16 -3.69 -9.66
C GLU B 17 -10.56 -4.06 -9.13
N PRO B 18 -11.55 -4.37 -9.99
CA PRO B 18 -12.87 -4.82 -9.54
C PRO B 18 -12.77 -6.12 -8.76
N GLY B 19 -13.35 -6.13 -7.55
CA GLY B 19 -13.50 -7.32 -6.69
C GLY B 19 -12.24 -7.86 -6.01
N ASN B 20 -11.04 -7.31 -6.29
CA ASN B 20 -9.79 -7.72 -5.62
C ASN B 20 -9.67 -7.25 -4.15
N ASN B 21 -10.47 -6.25 -3.77
CA ASN B 21 -10.50 -5.56 -2.48
C ASN B 21 -9.29 -4.62 -2.23
N GLU B 22 -8.73 -4.08 -3.31
CA GLU B 22 -7.66 -3.08 -3.31
C GLU B 22 -8.22 -1.69 -2.95
N LEU B 23 -7.39 -0.75 -2.46
CA LEU B 23 -7.81 0.60 -2.07
C LEU B 23 -7.19 1.66 -3.00
N THR B 24 -8.01 2.38 -3.77
CA THR B 24 -7.53 3.45 -4.66
C THR B 24 -6.98 4.64 -3.86
N VAL B 25 -5.78 5.10 -4.22
CA VAL B 25 -5.06 6.20 -3.55
C VAL B 25 -4.26 7.03 -4.56
N ASN B 26 -4.05 8.31 -4.26
CA ASN B 26 -3.35 9.27 -5.12
C ASN B 26 -1.97 9.67 -4.56
N GLU B 27 -1.03 10.08 -5.41
CA GLU B 27 0.31 10.48 -4.97
C GLU B 27 0.27 11.66 -3.99
N GLY B 28 1.04 11.56 -2.90
CA GLY B 28 1.05 12.51 -1.80
C GLY B 28 -0.07 12.35 -0.77
N GLU B 29 -1.06 11.49 -1.02
CA GLU B 29 -2.05 11.14 -0.01
C GLU B 29 -1.41 10.40 1.18
N ILE B 30 -1.94 10.65 2.38
CA ILE B 30 -1.59 9.96 3.62
C ILE B 30 -2.68 8.94 3.98
N ILE B 31 -2.29 7.69 4.26
CA ILE B 31 -3.16 6.60 4.73
C ILE B 31 -2.60 5.95 6.00
N THR B 32 -3.49 5.36 6.80
CA THR B 32 -3.12 4.56 7.97
C THR B 32 -2.85 3.14 7.50
N ILE B 33 -1.80 2.48 8.00
CA ILE B 33 -1.52 1.08 7.73
C ILE B 33 -2.34 0.16 8.66
N THR B 34 -2.86 -0.93 8.11
CA THR B 34 -3.47 -2.05 8.84
C THR B 34 -2.71 -3.37 8.70
N ASN B 35 -1.87 -3.56 7.68
CA ASN B 35 -0.94 -4.69 7.60
C ASN B 35 0.25 -4.44 6.65
N PRO B 36 1.46 -4.18 7.14
CA PRO B 36 2.60 -3.82 6.29
C PRO B 36 3.21 -4.95 5.44
N ASP B 37 2.76 -6.20 5.61
CA ASP B 37 3.25 -7.38 4.89
C ASP B 37 2.14 -8.43 4.78
N VAL B 38 1.56 -8.57 3.59
CA VAL B 38 0.48 -9.53 3.26
C VAL B 38 0.91 -10.61 2.25
N GLY B 39 2.00 -10.36 1.51
CA GLY B 39 2.49 -11.18 0.41
C GLY B 39 2.30 -10.45 -0.93
N GLY B 40 2.98 -10.95 -1.96
CA GLY B 40 2.83 -10.54 -3.36
C GLY B 40 3.32 -9.12 -3.72
N GLY B 41 3.92 -8.37 -2.80
CA GLY B 41 4.30 -6.97 -3.00
C GLY B 41 3.32 -5.93 -2.43
N TRP B 42 2.40 -6.33 -1.54
CA TRP B 42 1.34 -5.47 -1.00
C TRP B 42 1.44 -5.19 0.50
N LEU B 43 0.63 -4.23 0.92
CA LEU B 43 0.30 -3.88 2.31
C LEU B 43 -1.19 -3.53 2.39
N GLU B 44 -1.77 -3.64 3.58
CA GLU B 44 -3.15 -3.28 3.90
C GLU B 44 -3.18 -1.89 4.54
N GLY B 45 -4.14 -1.05 4.15
CA GLY B 45 -4.24 0.34 4.59
C GLY B 45 -5.65 0.89 4.52
N ARG B 46 -5.85 2.08 5.09
CA ARG B 46 -7.13 2.79 5.18
C ARG B 46 -6.96 4.29 4.95
N ASN B 47 -7.86 4.88 4.15
CA ASN B 47 -7.95 6.33 3.93
C ASN B 47 -8.88 7.01 4.91
N ILE B 48 -8.85 8.35 4.88
CA ILE B 48 -9.66 9.24 5.71
C ILE B 48 -11.15 8.90 5.77
N LYS B 49 -11.72 8.38 4.68
CA LYS B 49 -13.12 7.93 4.58
C LYS B 49 -13.46 6.71 5.46
N GLY B 50 -12.43 5.98 5.89
CA GLY B 50 -12.51 4.76 6.68
C GLY B 50 -12.70 3.48 5.87
N GLU B 51 -12.42 3.51 4.56
CA GLU B 51 -12.34 2.28 3.77
C GLU B 51 -10.95 1.70 3.88
N ARG B 52 -10.88 0.39 4.06
CA ARG B 52 -9.63 -0.38 4.03
C ARG B 52 -9.42 -1.11 2.72
N GLY B 53 -8.20 -1.55 2.46
CA GLY B 53 -7.89 -2.39 1.32
C GLY B 53 -6.40 -2.55 1.07
N LEU B 54 -6.09 -3.32 0.03
CA LEU B 54 -4.71 -3.64 -0.37
C LEU B 54 -4.13 -2.57 -1.29
N VAL B 55 -2.87 -2.22 -1.08
CA VAL B 55 -2.07 -1.30 -1.90
C VAL B 55 -0.66 -1.86 -2.10
N PRO B 56 -0.07 -1.73 -3.30
CA PRO B 56 1.31 -2.14 -3.54
C PRO B 56 2.29 -1.33 -2.68
N THR B 57 3.11 -1.98 -1.86
CA THR B 57 4.06 -1.29 -0.94
C THR B 57 5.15 -0.54 -1.70
N ASP B 58 5.49 -0.98 -2.92
CA ASP B 58 6.37 -0.26 -3.85
C ASP B 58 5.88 1.17 -4.18
N TYR B 59 4.57 1.42 -4.12
CA TYR B 59 3.93 2.70 -4.43
C TYR B 59 3.87 3.66 -3.23
N VAL B 60 4.22 3.22 -2.01
CA VAL B 60 4.09 4.02 -0.78
C VAL B 60 5.35 3.96 0.10
N GLU B 61 5.39 4.81 1.12
CA GLU B 61 6.48 4.85 2.11
C GLU B 61 5.97 5.03 3.54
N ILE B 62 6.47 4.20 4.46
CA ILE B 62 6.10 4.22 5.89
C ILE B 62 6.62 5.48 6.56
N LEU B 63 5.74 6.21 7.24
CA LEU B 63 6.04 7.46 7.95
C LEU B 63 6.35 7.25 9.45
N PRO B 64 7.10 8.17 10.08
CA PRO B 64 7.31 8.20 11.52
C PRO B 64 6.09 8.75 12.26
N SER B 65 5.80 8.20 13.44
CA SER B 65 4.61 8.53 14.25
C SER B 65 4.77 9.78 15.14
N ASP B 66 5.60 10.74 14.75
CA ASP B 66 5.98 11.95 15.52
C ASP B 66 4.90 13.07 15.57
N GLY B 67 3.61 12.71 15.68
CA GLY B 67 2.48 13.64 15.76
C GLY B 67 2.25 14.24 17.15
N ALA A 1 -11.56 -15.26 11.49
CA ALA A 1 -11.60 -13.91 10.89
C ALA A 1 -10.91 -13.89 9.53
N GLU A 2 -11.66 -13.82 8.42
CA GLU A 2 -11.11 -13.82 7.06
C GLU A 2 -10.39 -12.50 6.72
N ARG A 3 -9.09 -12.40 7.04
CA ARG A 3 -8.23 -11.23 6.71
C ARG A 3 -8.01 -11.09 5.19
N LEU A 4 -7.74 -9.87 4.73
CA LEU A 4 -7.57 -9.51 3.33
C LEU A 4 -6.34 -10.19 2.70
N ILE A 5 -6.48 -10.73 1.49
CA ILE A 5 -5.47 -11.49 0.73
C ILE A 5 -5.33 -10.95 -0.71
N PRO A 6 -4.10 -10.69 -1.22
CA PRO A 6 -3.89 -10.30 -2.62
C PRO A 6 -4.30 -11.36 -3.66
N ARG A 7 -5.10 -10.94 -4.66
CA ARG A 7 -5.55 -11.76 -5.81
C ARG A 7 -4.57 -11.79 -7.00
N ARG A 8 -3.45 -11.06 -6.91
CA ARG A 8 -2.42 -10.87 -7.96
C ARG A 8 -1.09 -10.40 -7.35
N PRO A 9 0.06 -10.58 -8.02
CA PRO A 9 1.31 -9.93 -7.61
C PRO A 9 1.24 -8.41 -7.84
N ALA A 10 2.05 -7.64 -7.11
CA ALA A 10 2.04 -6.18 -7.20
C ALA A 10 2.40 -5.65 -8.61
N PRO A 11 1.72 -4.60 -9.11
CA PRO A 11 2.04 -3.99 -10.40
C PRO A 11 3.40 -3.28 -10.43
N PRO A 12 3.97 -3.04 -11.64
CA PRO A 12 5.21 -2.29 -11.81
C PRO A 12 5.06 -0.85 -11.29
N VAL A 13 5.97 -0.41 -10.43
CA VAL A 13 6.01 0.98 -9.94
C VAL A 13 6.79 1.88 -10.91
N PRO A 14 6.25 3.05 -11.32
CA PRO A 14 6.85 3.93 -12.34
C PRO A 14 7.99 4.82 -11.83
N VAL A 15 8.87 4.26 -11.00
CA VAL A 15 10.03 4.96 -10.42
C VAL A 15 11.09 5.28 -11.50
N PRO A 16 11.62 6.51 -11.59
CA PRO A 16 12.72 6.91 -12.48
C PRO A 16 14.08 6.36 -12.00
N ALA A 17 14.18 5.03 -12.01
CA ALA A 17 15.37 4.24 -11.71
C ALA A 17 15.22 2.84 -12.34
N ARG A 18 16.06 2.51 -13.33
CA ARG A 18 16.09 1.21 -14.02
C ARG A 18 17.51 0.89 -14.49
N ILE A 19 17.88 -0.40 -14.53
CA ILE A 19 19.19 -0.83 -15.06
C ILE A 19 19.24 -0.67 -16.60
N PRO A 20 20.42 -0.32 -17.19
CA PRO A 20 20.58 -0.02 -18.62
C PRO A 20 20.60 -1.27 -19.52
N SER A 21 19.52 -2.05 -19.51
CA SER A 21 19.35 -3.29 -20.29
C SER A 21 20.53 -4.29 -20.30
N PRO A 22 21.13 -4.70 -19.15
CA PRO A 22 22.22 -5.69 -19.14
C PRO A 22 21.81 -7.10 -19.62
N ARG A 23 22.83 -7.93 -19.89
CA ARG A 23 22.74 -9.35 -20.30
C ARG A 23 23.50 -10.25 -19.31
N GLY B 1 -8.89 -3.14 22.13
CA GLY B 1 -7.82 -3.04 21.13
C GLY B 1 -7.26 -1.63 21.06
N SER B 2 -5.94 -1.53 20.96
CA SER B 2 -5.15 -0.28 20.99
C SER B 2 -5.49 0.69 19.85
N HIS B 3 -5.46 1.98 20.14
CA HIS B 3 -5.64 3.08 19.17
C HIS B 3 -4.41 3.32 18.28
N MET B 4 -3.23 2.81 18.66
CA MET B 4 -1.98 3.06 17.95
C MET B 4 -1.99 2.43 16.54
N ALA B 5 -1.39 3.13 15.57
CA ALA B 5 -1.29 2.70 14.18
C ALA B 5 -0.07 3.30 13.45
N THR B 6 0.49 2.54 12.51
CA THR B 6 1.52 3.00 11.56
C THR B 6 0.89 3.80 10.41
N LYS B 7 1.65 4.66 9.75
CA LYS B 7 1.20 5.57 8.69
C LYS B 7 2.12 5.49 7.46
N ALA B 8 1.61 5.82 6.27
CA ALA B 8 2.40 5.89 5.04
C ALA B 8 1.92 6.99 4.08
N ARG B 9 2.84 7.59 3.33
CA ARG B 9 2.55 8.49 2.19
C ARG B 9 2.63 7.74 0.87
N VAL B 10 1.80 8.14 -0.10
CA VAL B 10 1.84 7.62 -1.46
C VAL B 10 2.91 8.29 -2.31
N MET B 11 3.65 7.47 -3.07
CA MET B 11 4.70 7.92 -4.00
C MET B 11 4.23 7.96 -5.45
N TYR B 12 3.21 7.16 -5.83
CA TYR B 12 2.61 7.16 -7.18
C TYR B 12 1.11 6.85 -7.13
N ASP B 13 0.32 7.48 -7.99
CA ASP B 13 -1.15 7.30 -8.04
C ASP B 13 -1.55 5.87 -8.44
N PHE B 14 -2.57 5.32 -7.76
CA PHE B 14 -3.04 3.94 -7.89
C PHE B 14 -4.56 3.84 -7.93
N ALA B 15 -5.10 2.87 -8.67
CA ALA B 15 -6.53 2.66 -8.82
C ALA B 15 -6.92 1.18 -8.69
N ALA B 16 -7.84 0.89 -7.78
CA ALA B 16 -8.27 -0.46 -7.42
C ALA B 16 -8.98 -1.22 -8.54
N GLU B 17 -8.55 -2.44 -8.79
CA GLU B 17 -9.22 -3.39 -9.68
C GLU B 17 -10.54 -3.95 -9.09
N PRO B 18 -11.47 -4.37 -9.96
CA PRO B 18 -12.78 -4.85 -9.57
C PRO B 18 -12.66 -6.23 -8.90
N GLY B 19 -13.29 -6.40 -7.73
CA GLY B 19 -13.28 -7.62 -6.92
C GLY B 19 -11.96 -7.92 -6.18
N ASN B 20 -10.83 -7.31 -6.54
CA ASN B 20 -9.52 -7.59 -5.92
C ASN B 20 -9.39 -7.16 -4.45
N ASN B 21 -10.22 -6.21 -4.01
CA ASN B 21 -10.22 -5.56 -2.67
C ASN B 21 -9.00 -4.67 -2.42
N GLU B 22 -8.61 -3.93 -3.46
CA GLU B 22 -7.57 -2.92 -3.42
C GLU B 22 -8.14 -1.55 -2.95
N LEU B 23 -7.30 -0.62 -2.49
CA LEU B 23 -7.70 0.74 -2.10
C LEU B 23 -7.13 1.78 -3.08
N THR B 24 -7.99 2.51 -3.77
CA THR B 24 -7.59 3.62 -4.67
C THR B 24 -6.99 4.76 -3.86
N VAL B 25 -5.80 5.23 -4.25
CA VAL B 25 -5.06 6.29 -3.56
C VAL B 25 -4.30 7.17 -4.55
N ASN B 26 -4.03 8.42 -4.18
CA ASN B 26 -3.33 9.39 -5.03
C ASN B 26 -1.98 9.81 -4.45
N GLU B 27 -1.04 10.20 -5.30
CA GLU B 27 0.32 10.52 -4.89
C GLU B 27 0.36 11.70 -3.90
N GLY B 28 1.14 11.53 -2.82
CA GLY B 28 1.21 12.49 -1.73
C GLY B 28 0.12 12.36 -0.68
N GLU B 29 -0.93 11.58 -0.96
CA GLU B 29 -1.94 11.24 0.04
C GLU B 29 -1.31 10.45 1.20
N ILE B 30 -1.75 10.71 2.44
CA ILE B 30 -1.38 9.94 3.62
C ILE B 30 -2.48 8.93 3.97
N ILE B 31 -2.10 7.70 4.29
CA ILE B 31 -3.00 6.63 4.77
C ILE B 31 -2.48 5.97 6.03
N THR B 32 -3.38 5.41 6.83
CA THR B 32 -3.02 4.59 8.00
C THR B 32 -2.79 3.17 7.51
N ILE B 33 -1.67 2.54 7.87
CA ILE B 33 -1.39 1.14 7.56
C ILE B 33 -2.15 0.24 8.54
N THR B 34 -2.82 -0.79 8.04
CA THR B 34 -3.40 -1.86 8.87
C THR B 34 -2.59 -3.15 8.83
N ASN B 35 -1.93 -3.50 7.71
CA ASN B 35 -1.13 -4.73 7.61
C ASN B 35 0.04 -4.62 6.62
N PRO B 36 1.28 -4.38 7.07
CA PRO B 36 2.43 -4.14 6.18
C PRO B 36 3.01 -5.38 5.47
N ASP B 37 2.52 -6.59 5.74
CA ASP B 37 3.02 -7.84 5.17
C ASP B 37 1.85 -8.82 4.94
N VAL B 38 1.38 -8.90 3.68
CA VAL B 38 0.27 -9.73 3.18
C VAL B 38 0.73 -10.71 2.08
N GLY B 39 1.94 -10.53 1.57
CA GLY B 39 2.53 -11.25 0.46
C GLY B 39 2.34 -10.53 -0.86
N GLY B 40 3.07 -11.01 -1.86
CA GLY B 40 2.93 -10.66 -3.28
C GLY B 40 3.39 -9.26 -3.69
N GLY B 41 3.83 -8.41 -2.76
CA GLY B 41 4.21 -7.01 -2.99
C GLY B 41 3.23 -5.97 -2.43
N TRP B 42 2.32 -6.33 -1.52
CA TRP B 42 1.24 -5.46 -1.05
C TRP B 42 1.34 -5.10 0.45
N LEU B 43 0.48 -4.19 0.87
CA LEU B 43 0.18 -3.84 2.26
C LEU B 43 -1.31 -3.47 2.39
N GLU B 44 -1.91 -3.67 3.56
CA GLU B 44 -3.27 -3.24 3.89
C GLU B 44 -3.24 -1.84 4.50
N GLY B 45 -4.18 -0.97 4.12
CA GLY B 45 -4.27 0.41 4.60
C GLY B 45 -5.67 1.00 4.52
N ARG B 46 -5.87 2.17 5.14
CA ARG B 46 -7.13 2.93 5.21
C ARG B 46 -6.92 4.42 5.01
N ASN B 47 -7.71 5.01 4.11
CA ASN B 47 -7.72 6.46 3.85
C ASN B 47 -8.67 7.22 4.76
N ILE B 48 -8.58 8.56 4.67
CA ILE B 48 -9.36 9.54 5.41
C ILE B 48 -10.87 9.26 5.42
N LYS B 49 -11.41 8.74 4.32
CA LYS B 49 -12.82 8.37 4.14
C LYS B 49 -13.27 7.20 5.05
N GLY B 50 -12.31 6.41 5.53
CA GLY B 50 -12.50 5.19 6.32
C GLY B 50 -12.70 3.92 5.51
N GLU B 51 -12.33 3.92 4.23
CA GLU B 51 -12.26 2.70 3.42
C GLU B 51 -10.89 2.06 3.57
N ARG B 52 -10.86 0.73 3.48
CA ARG B 52 -9.64 -0.08 3.51
C ARG B 52 -9.41 -0.91 2.26
N GLY B 53 -8.19 -1.41 2.11
CA GLY B 53 -7.85 -2.30 1.02
C GLY B 53 -6.36 -2.52 0.87
N LEU B 54 -6.01 -3.34 -0.11
CA LEU B 54 -4.64 -3.64 -0.50
C LEU B 54 -4.05 -2.55 -1.42
N VAL B 55 -2.79 -2.22 -1.19
CA VAL B 55 -2.00 -1.28 -2.01
C VAL B 55 -0.58 -1.83 -2.20
N PRO B 56 0.02 -1.72 -3.39
CA PRO B 56 1.40 -2.13 -3.62
C PRO B 56 2.37 -1.34 -2.74
N THR B 57 3.17 -2.01 -1.90
CA THR B 57 4.12 -1.31 -0.99
C THR B 57 5.24 -0.61 -1.75
N ASP B 58 5.56 -1.05 -2.97
CA ASP B 58 6.48 -0.36 -3.89
C ASP B 58 6.02 1.08 -4.20
N TYR B 59 4.70 1.34 -4.20
CA TYR B 59 4.06 2.63 -4.51
C TYR B 59 3.98 3.59 -3.32
N VAL B 60 4.29 3.18 -2.09
CA VAL B 60 4.13 3.99 -0.87
C VAL B 60 5.39 3.95 0.02
N GLU B 61 5.43 4.84 1.01
CA GLU B 61 6.56 5.02 1.94
C GLU B 61 6.09 5.10 3.40
N ILE B 62 6.67 4.27 4.27
CA ILE B 62 6.30 4.19 5.69
C ILE B 62 6.87 5.40 6.44
N LEU B 63 6.00 6.17 7.09
CA LEU B 63 6.35 7.43 7.77
C LEU B 63 6.95 7.19 9.17
N PRO B 64 7.85 8.07 9.65
CA PRO B 64 8.58 7.90 10.91
C PRO B 64 7.71 8.04 12.16
N SER B 65 8.18 7.47 13.27
CA SER B 65 7.54 7.58 14.60
C SER B 65 7.45 9.03 15.10
N ASP B 66 6.23 9.53 15.32
CA ASP B 66 5.97 10.83 15.93
C ASP B 66 6.26 10.85 17.43
N GLY B 67 6.16 9.70 18.13
CA GLY B 67 6.62 9.53 19.52
C GLY B 67 5.72 10.15 20.58
N ALA A 1 -12.49 -9.49 10.51
CA ALA A 1 -11.46 -9.70 9.47
C ALA A 1 -12.10 -9.85 8.09
N GLU A 2 -12.03 -8.80 7.25
CA GLU A 2 -12.55 -8.76 5.87
C GLU A 2 -11.92 -9.78 4.90
N ARG A 3 -10.91 -10.56 5.32
CA ARG A 3 -10.24 -11.64 4.56
C ARG A 3 -9.48 -11.12 3.34
N LEU A 4 -8.80 -9.99 3.56
CA LEU A 4 -7.94 -9.29 2.61
C LEU A 4 -6.64 -10.06 2.37
N ILE A 5 -6.50 -10.56 1.13
CA ILE A 5 -5.41 -11.42 0.67
C ILE A 5 -5.17 -11.09 -0.83
N PRO A 6 -4.00 -10.57 -1.23
CA PRO A 6 -3.78 -10.15 -2.61
C PRO A 6 -3.90 -11.30 -3.62
N ARG A 7 -4.77 -11.12 -4.62
CA ARG A 7 -5.11 -12.09 -5.68
C ARG A 7 -4.39 -11.82 -7.01
N ARG A 8 -3.29 -11.09 -6.95
CA ARG A 8 -2.31 -10.82 -8.02
C ARG A 8 -1.01 -10.27 -7.42
N PRO A 9 0.16 -10.43 -8.08
CA PRO A 9 1.37 -9.73 -7.68
C PRO A 9 1.22 -8.23 -7.90
N ALA A 10 2.01 -7.43 -7.17
CA ALA A 10 1.97 -5.97 -7.29
C ALA A 10 2.17 -5.47 -8.75
N PRO A 11 1.51 -4.37 -9.17
CA PRO A 11 1.75 -3.73 -10.46
C PRO A 11 3.17 -3.15 -10.59
N PRO A 12 3.69 -2.98 -11.82
CA PRO A 12 5.03 -2.42 -12.07
C PRO A 12 5.07 -0.90 -11.81
N VAL A 13 5.71 -0.50 -10.71
CA VAL A 13 5.79 0.88 -10.23
C VAL A 13 6.64 1.77 -11.16
N PRO A 14 6.21 3.00 -11.49
CA PRO A 14 6.89 3.87 -12.44
C PRO A 14 8.06 4.67 -11.84
N VAL A 15 8.89 4.00 -11.04
CA VAL A 15 10.01 4.60 -10.30
C VAL A 15 11.16 5.01 -11.26
N PRO A 16 11.65 6.26 -11.18
CA PRO A 16 12.78 6.79 -11.97
C PRO A 16 14.14 6.40 -11.38
N ALA A 17 14.41 5.09 -11.34
CA ALA A 17 15.60 4.45 -10.83
C ALA A 17 15.68 3.02 -11.42
N ARG A 18 16.89 2.55 -11.72
CA ARG A 18 17.13 1.19 -12.20
C ARG A 18 16.75 0.17 -11.11
N ILE A 19 15.85 -0.76 -11.44
CA ILE A 19 15.28 -1.73 -10.50
C ILE A 19 16.38 -2.66 -9.96
N PRO A 20 16.55 -2.83 -8.63
CA PRO A 20 17.66 -3.57 -8.00
C PRO A 20 17.54 -5.12 -8.03
N SER A 21 16.72 -5.69 -8.92
CA SER A 21 16.58 -7.15 -9.09
C SER A 21 16.17 -7.53 -10.54
N PRO A 22 16.37 -8.79 -10.98
CA PRO A 22 15.91 -9.28 -12.28
C PRO A 22 14.37 -9.47 -12.34
N ARG A 23 13.81 -9.67 -13.54
CA ARG A 23 12.36 -9.87 -13.73
C ARG A 23 11.82 -11.18 -13.16
N GLY B 1 -8.56 -1.42 18.70
CA GLY B 1 -7.81 -1.35 19.98
C GLY B 1 -6.98 -0.09 20.08
N SER B 2 -6.41 0.17 21.26
CA SER B 2 -5.67 1.39 21.62
C SER B 2 -4.28 1.61 21.03
N HIS B 3 -3.67 0.61 20.36
CA HIS B 3 -2.31 0.75 19.80
C HIS B 3 -2.24 1.72 18.61
N MET B 4 -1.24 2.61 18.60
CA MET B 4 -1.10 3.66 17.57
C MET B 4 -0.62 3.11 16.21
N ALA B 5 -1.53 3.03 15.24
CA ALA B 5 -1.25 2.49 13.91
C ALA B 5 -0.20 3.31 13.13
N THR B 6 0.68 2.63 12.41
CA THR B 6 1.73 3.22 11.54
C THR B 6 1.13 4.02 10.39
N LYS B 7 1.87 4.96 9.82
CA LYS B 7 1.44 5.83 8.71
C LYS B 7 2.33 5.70 7.47
N ALA B 8 1.80 6.01 6.29
CA ALA B 8 2.57 6.08 5.05
C ALA B 8 2.06 7.17 4.09
N ARG B 9 2.97 7.74 3.30
CA ARG B 9 2.66 8.64 2.16
C ARG B 9 2.71 7.85 0.85
N VAL B 10 1.88 8.24 -0.12
CA VAL B 10 1.88 7.69 -1.49
C VAL B 10 2.94 8.34 -2.37
N MET B 11 3.69 7.53 -3.10
CA MET B 11 4.75 7.93 -4.04
C MET B 11 4.28 7.97 -5.49
N TYR B 12 3.25 7.18 -5.86
CA TYR B 12 2.64 7.17 -7.20
C TYR B 12 1.14 6.82 -7.12
N ASP B 13 0.31 7.41 -7.98
CA ASP B 13 -1.12 7.10 -8.07
C ASP B 13 -1.41 5.59 -8.32
N PHE B 14 -2.45 5.07 -7.68
CA PHE B 14 -2.89 3.68 -7.76
C PHE B 14 -4.41 3.54 -7.80
N ALA B 15 -4.92 2.61 -8.61
CA ALA B 15 -6.35 2.41 -8.86
C ALA B 15 -6.77 0.95 -8.59
N ALA B 16 -7.62 0.76 -7.59
CA ALA B 16 -8.06 -0.52 -7.08
C ALA B 16 -9.09 -1.29 -7.94
N GLU B 17 -8.90 -2.60 -7.99
CA GLU B 17 -9.89 -3.56 -8.49
C GLU B 17 -10.91 -3.86 -7.35
N PRO B 18 -12.20 -4.01 -7.67
CA PRO B 18 -13.27 -4.17 -6.68
C PRO B 18 -13.23 -5.50 -5.91
N GLY B 19 -13.23 -6.63 -6.62
CA GLY B 19 -13.25 -7.97 -6.03
C GLY B 19 -11.90 -8.41 -5.45
N ASN B 20 -10.80 -7.74 -5.85
CA ASN B 20 -9.48 -7.92 -5.22
C ASN B 20 -9.40 -7.21 -3.86
N ASN B 21 -10.33 -6.28 -3.58
CA ASN B 21 -10.46 -5.51 -2.33
C ASN B 21 -9.30 -4.52 -2.09
N GLU B 22 -8.68 -4.02 -3.16
CA GLU B 22 -7.60 -3.03 -3.14
C GLU B 22 -8.13 -1.63 -2.72
N LEU B 23 -7.27 -0.68 -2.31
CA LEU B 23 -7.67 0.70 -1.97
C LEU B 23 -7.06 1.73 -2.94
N THR B 24 -7.90 2.49 -3.64
CA THR B 24 -7.45 3.57 -4.55
C THR B 24 -6.83 4.72 -3.76
N VAL B 25 -5.67 5.20 -4.20
CA VAL B 25 -4.93 6.31 -3.57
C VAL B 25 -4.23 7.18 -4.62
N ASN B 26 -3.95 8.42 -4.27
CA ASN B 26 -3.27 9.39 -5.14
C ASN B 26 -1.90 9.79 -4.57
N GLU B 27 -0.93 10.10 -5.43
CA GLU B 27 0.41 10.52 -5.00
C GLU B 27 0.35 11.71 -4.04
N GLY B 28 1.15 11.64 -2.97
CA GLY B 28 1.17 12.65 -1.91
C GLY B 28 0.01 12.57 -0.92
N GLU B 29 -0.91 11.62 -1.07
CA GLU B 29 -1.90 11.34 -0.03
C GLU B 29 -1.23 10.59 1.14
N ILE B 30 -1.68 10.84 2.36
CA ILE B 30 -1.31 10.09 3.56
C ILE B 30 -2.38 9.02 3.85
N ILE B 31 -1.97 7.82 4.28
CA ILE B 31 -2.85 6.73 4.75
C ILE B 31 -2.30 6.06 6.01
N THR B 32 -3.17 5.46 6.80
CA THR B 32 -2.79 4.63 7.96
C THR B 32 -2.56 3.19 7.51
N ILE B 33 -1.55 2.50 8.04
CA ILE B 33 -1.22 1.10 7.73
C ILE B 33 -1.87 0.14 8.73
N THR B 34 -2.58 -0.87 8.22
CA THR B 34 -3.24 -1.92 9.02
C THR B 34 -2.59 -3.30 8.88
N ASN B 35 -1.87 -3.60 7.79
CA ASN B 35 -1.14 -4.87 7.62
C ASN B 35 0.08 -4.71 6.70
N PRO B 36 1.29 -4.47 7.24
CA PRO B 36 2.48 -4.17 6.44
C PRO B 36 3.11 -5.34 5.67
N ASP B 37 2.64 -6.58 5.83
CA ASP B 37 3.18 -7.76 5.14
C ASP B 37 2.11 -8.83 4.87
N VAL B 38 1.44 -8.72 3.74
CA VAL B 38 0.29 -9.56 3.32
C VAL B 38 0.65 -10.60 2.24
N GLY B 39 1.81 -10.46 1.61
CA GLY B 39 2.27 -11.25 0.48
C GLY B 39 2.17 -10.47 -0.83
N GLY B 40 2.79 -11.02 -1.86
CA GLY B 40 2.68 -10.62 -3.28
C GLY B 40 3.20 -9.23 -3.68
N GLY B 41 3.76 -8.45 -2.75
CA GLY B 41 4.20 -7.08 -2.95
C GLY B 41 3.28 -5.99 -2.37
N TRP B 42 2.39 -6.33 -1.42
CA TRP B 42 1.36 -5.42 -0.90
C TRP B 42 1.48 -5.12 0.61
N LEU B 43 0.66 -4.16 1.04
CA LEU B 43 0.34 -3.81 2.41
C LEU B 43 -1.15 -3.45 2.50
N GLU B 44 -1.78 -3.63 3.67
CA GLU B 44 -3.13 -3.13 3.94
C GLU B 44 -3.05 -1.72 4.54
N GLY B 45 -3.91 -0.82 4.06
CA GLY B 45 -4.00 0.56 4.55
C GLY B 45 -5.43 1.10 4.47
N ARG B 46 -5.64 2.27 5.09
CA ARG B 46 -6.92 2.98 5.19
C ARG B 46 -6.73 4.49 4.96
N ASN B 47 -7.58 5.06 4.11
CA ASN B 47 -7.67 6.52 3.92
C ASN B 47 -8.57 7.18 4.94
N ILE B 48 -8.48 8.51 4.97
CA ILE B 48 -9.17 9.40 5.90
C ILE B 48 -10.68 9.13 6.04
N LYS B 49 -11.34 8.74 4.94
CA LYS B 49 -12.78 8.35 4.87
C LYS B 49 -13.13 7.10 5.70
N GLY B 50 -12.12 6.29 6.04
CA GLY B 50 -12.24 5.02 6.75
C GLY B 50 -12.45 3.79 5.87
N GLU B 51 -12.15 3.88 4.56
CA GLU B 51 -12.11 2.69 3.71
C GLU B 51 -10.72 2.07 3.80
N ARG B 52 -10.67 0.74 3.90
CA ARG B 52 -9.44 -0.04 3.87
C ARG B 52 -9.29 -0.88 2.62
N GLY B 53 -8.07 -1.32 2.34
CA GLY B 53 -7.79 -2.23 1.25
C GLY B 53 -6.30 -2.44 1.04
N LEU B 54 -6.00 -3.33 0.10
CA LEU B 54 -4.64 -3.65 -0.31
C LEU B 54 -4.06 -2.58 -1.23
N VAL B 55 -2.81 -2.20 -0.98
CA VAL B 55 -2.01 -1.27 -1.81
C VAL B 55 -0.60 -1.84 -2.00
N PRO B 56 -0.01 -1.73 -3.19
CA PRO B 56 1.38 -2.14 -3.43
C PRO B 56 2.36 -1.31 -2.57
N THR B 57 3.18 -1.97 -1.73
CA THR B 57 4.11 -1.27 -0.83
C THR B 57 5.18 -0.48 -1.58
N ASP B 58 5.56 -0.94 -2.77
CA ASP B 58 6.44 -0.24 -3.71
C ASP B 58 5.91 1.14 -4.17
N TYR B 59 4.60 1.38 -4.09
CA TYR B 59 3.94 2.66 -4.41
C TYR B 59 3.86 3.64 -3.23
N VAL B 60 4.20 3.22 -2.01
CA VAL B 60 4.11 4.07 -0.79
C VAL B 60 5.42 4.08 0.00
N GLU B 61 5.49 4.95 1.00
CA GLU B 61 6.65 5.15 1.88
C GLU B 61 6.22 5.30 3.35
N ILE B 62 6.78 4.46 4.21
CA ILE B 62 6.49 4.43 5.65
C ILE B 62 7.05 5.71 6.31
N LEU B 63 6.20 6.39 7.07
CA LEU B 63 6.50 7.66 7.75
C LEU B 63 7.09 7.48 9.18
N PRO B 64 7.79 8.49 9.74
CA PRO B 64 8.38 8.44 11.08
C PRO B 64 7.36 8.64 12.21
N SER B 65 7.68 8.16 13.42
CA SER B 65 6.81 8.23 14.61
C SER B 65 7.54 8.56 15.93
N ASP B 66 8.79 9.03 15.87
CA ASP B 66 9.65 9.34 17.03
C ASP B 66 9.33 10.71 17.70
N GLY B 67 8.34 11.45 17.21
CA GLY B 67 7.86 12.70 17.79
C GLY B 67 7.15 12.50 19.13
N ALA A 1 -12.73 -11.96 10.30
CA ALA A 1 -13.84 -11.92 9.33
C ALA A 1 -13.37 -11.56 7.93
N GLU A 2 -12.78 -10.37 7.74
CA GLU A 2 -12.34 -9.88 6.43
C GLU A 2 -11.08 -10.65 5.98
N ARG A 3 -11.25 -11.59 5.05
CA ARG A 3 -10.20 -12.51 4.56
C ARG A 3 -9.36 -11.89 3.43
N LEU A 4 -8.96 -10.65 3.66
CA LEU A 4 -8.19 -9.80 2.75
C LEU A 4 -6.85 -10.44 2.40
N ILE A 5 -6.66 -10.73 1.11
CA ILE A 5 -5.42 -11.29 0.52
C ILE A 5 -5.24 -10.71 -0.90
N PRO A 6 -4.04 -10.26 -1.29
CA PRO A 6 -3.80 -9.75 -2.64
C PRO A 6 -3.93 -10.87 -3.70
N ARG A 7 -4.88 -10.68 -4.63
CA ARG A 7 -5.24 -11.64 -5.69
C ARG A 7 -4.31 -11.63 -6.91
N ARG A 8 -3.36 -10.70 -6.97
CA ARG A 8 -2.37 -10.52 -8.04
C ARG A 8 -1.03 -10.08 -7.45
N PRO A 9 0.12 -10.41 -8.05
CA PRO A 9 1.39 -9.80 -7.66
C PRO A 9 1.33 -8.30 -7.92
N ALA A 10 2.07 -7.51 -7.14
CA ALA A 10 2.01 -6.06 -7.25
C ALA A 10 2.34 -5.55 -8.68
N PRO A 11 1.65 -4.51 -9.18
CA PRO A 11 1.89 -3.95 -10.51
C PRO A 11 3.30 -3.33 -10.65
N PRO A 12 3.81 -3.16 -11.88
CA PRO A 12 5.10 -2.53 -12.14
C PRO A 12 5.06 -1.02 -11.84
N VAL A 13 5.74 -0.60 -10.76
CA VAL A 13 5.78 0.79 -10.28
C VAL A 13 6.57 1.70 -11.25
N PRO A 14 6.10 2.93 -11.52
CA PRO A 14 6.72 3.82 -12.52
C PRO A 14 7.96 4.58 -12.02
N VAL A 15 8.83 3.88 -11.28
CA VAL A 15 10.14 4.37 -10.84
C VAL A 15 11.16 4.23 -11.98
N PRO A 16 12.07 5.20 -12.21
CA PRO A 16 13.13 5.11 -13.21
C PRO A 16 14.26 4.16 -12.75
N ALA A 17 14.05 2.85 -12.90
CA ALA A 17 15.01 1.82 -12.50
C ALA A 17 14.83 0.53 -13.32
N ARG A 18 15.87 0.14 -14.08
CA ARG A 18 15.96 -1.13 -14.81
C ARG A 18 16.77 -2.21 -14.05
N ILE A 19 17.59 -1.79 -13.08
CA ILE A 19 18.45 -2.60 -12.20
C ILE A 19 19.24 -3.71 -12.96
N PRO A 20 20.45 -3.41 -13.47
CA PRO A 20 21.28 -4.37 -14.21
C PRO A 20 22.01 -5.40 -13.33
N SER A 21 22.59 -6.41 -13.99
CA SER A 21 23.42 -7.51 -13.49
C SER A 21 22.74 -8.48 -12.49
N PRO A 22 22.19 -9.63 -12.95
CA PRO A 22 21.71 -10.72 -12.09
C PRO A 22 22.82 -11.39 -11.27
N ARG A 23 22.47 -12.18 -10.24
CA ARG A 23 23.44 -12.84 -9.35
C ARG A 23 24.25 -13.93 -10.07
N GLY B 1 -3.95 -4.52 18.24
CA GLY B 1 -4.43 -3.16 17.97
C GLY B 1 -4.44 -2.34 19.24
N SER B 2 -5.53 -1.60 19.49
CA SER B 2 -5.89 -0.80 20.68
C SER B 2 -4.94 0.33 21.10
N HIS B 3 -3.68 0.33 20.65
CA HIS B 3 -2.64 1.30 21.02
C HIS B 3 -1.67 1.54 19.86
N MET B 4 -1.67 2.77 19.34
CA MET B 4 -0.93 3.24 18.16
C MET B 4 -1.31 2.61 16.81
N ALA B 5 -1.03 3.36 15.75
CA ALA B 5 -1.10 2.94 14.34
C ALA B 5 0.01 3.65 13.54
N THR B 6 0.68 2.91 12.64
CA THR B 6 1.70 3.42 11.73
C THR B 6 1.06 4.14 10.53
N LYS B 7 1.80 5.06 9.89
CA LYS B 7 1.34 5.90 8.77
C LYS B 7 2.26 5.77 7.54
N ALA B 8 1.74 6.04 6.34
CA ALA B 8 2.52 6.08 5.10
C ALA B 8 2.02 7.16 4.13
N ARG B 9 2.93 7.72 3.31
CA ARG B 9 2.63 8.59 2.17
C ARG B 9 2.72 7.82 0.84
N VAL B 10 1.89 8.18 -0.12
CA VAL B 10 1.93 7.65 -1.50
C VAL B 10 2.97 8.33 -2.38
N MET B 11 3.73 7.54 -3.12
CA MET B 11 4.76 7.96 -4.07
C MET B 11 4.28 7.99 -5.53
N TYR B 12 3.29 7.17 -5.89
CA TYR B 12 2.67 7.15 -7.23
C TYR B 12 1.18 6.79 -7.17
N ASP B 13 0.34 7.40 -8.03
CA ASP B 13 -1.10 7.12 -8.04
C ASP B 13 -1.45 5.67 -8.42
N PHE B 14 -2.47 5.12 -7.77
CA PHE B 14 -2.93 3.73 -7.87
C PHE B 14 -4.45 3.63 -8.03
N ALA B 15 -4.96 2.52 -8.56
CA ALA B 15 -6.40 2.30 -8.78
C ALA B 15 -6.84 0.85 -8.50
N ALA B 16 -7.75 0.69 -7.54
CA ALA B 16 -8.23 -0.61 -7.07
C ALA B 16 -9.08 -1.37 -8.10
N GLU B 17 -8.68 -2.61 -8.36
CA GLU B 17 -9.39 -3.52 -9.24
C GLU B 17 -10.76 -3.98 -8.70
N PRO B 18 -11.66 -4.42 -9.61
CA PRO B 18 -12.98 -4.94 -9.26
C PRO B 18 -12.87 -6.16 -8.32
N GLY B 19 -13.50 -6.07 -7.15
CA GLY B 19 -13.64 -7.16 -6.17
C GLY B 19 -12.36 -7.67 -5.48
N ASN B 20 -11.16 -7.22 -5.88
CA ASN B 20 -9.89 -7.66 -5.30
C ASN B 20 -9.69 -7.23 -3.83
N ASN B 21 -10.42 -6.20 -3.40
CA ASN B 21 -10.36 -5.51 -2.12
C ASN B 21 -9.07 -4.67 -1.93
N GLU B 22 -8.69 -4.00 -3.01
CA GLU B 22 -7.63 -2.99 -3.05
C GLU B 22 -8.20 -1.60 -2.66
N LEU B 23 -7.36 -0.65 -2.24
CA LEU B 23 -7.76 0.73 -1.90
C LEU B 23 -7.15 1.74 -2.89
N THR B 24 -7.98 2.55 -3.56
CA THR B 24 -7.51 3.59 -4.50
C THR B 24 -6.90 4.75 -3.74
N VAL B 25 -5.72 5.20 -4.15
CA VAL B 25 -4.97 6.29 -3.51
C VAL B 25 -4.24 7.15 -4.53
N ASN B 26 -4.07 8.43 -4.24
CA ASN B 26 -3.34 9.38 -5.08
C ASN B 26 -1.96 9.66 -4.52
N GLU B 27 -1.03 10.05 -5.39
CA GLU B 27 0.31 10.48 -4.99
C GLU B 27 0.26 11.63 -3.98
N GLY B 28 1.14 11.58 -2.98
CA GLY B 28 1.21 12.56 -1.91
C GLY B 28 0.23 12.34 -0.77
N GLU B 29 -0.81 11.53 -0.98
CA GLU B 29 -1.81 11.24 0.03
C GLU B 29 -1.22 10.51 1.24
N ILE B 30 -1.67 10.87 2.44
CA ILE B 30 -1.34 10.16 3.68
C ILE B 30 -2.41 9.12 4.01
N ILE B 31 -2.00 7.92 4.39
CA ILE B 31 -2.88 6.80 4.83
C ILE B 31 -2.30 6.10 6.06
N THR B 32 -3.17 5.49 6.87
CA THR B 32 -2.77 4.65 8.01
C THR B 32 -2.46 3.24 7.52
N ILE B 33 -1.43 2.60 8.05
CA ILE B 33 -1.17 1.18 7.79
C ILE B 33 -2.02 0.31 8.72
N THR B 34 -2.61 -0.74 8.15
CA THR B 34 -3.37 -1.76 8.90
C THR B 34 -2.78 -3.16 8.78
N ASN B 35 -1.99 -3.46 7.75
CA ASN B 35 -1.26 -4.73 7.65
C ASN B 35 -0.01 -4.64 6.75
N PRO B 36 1.21 -4.53 7.31
CA PRO B 36 2.43 -4.27 6.52
C PRO B 36 2.98 -5.46 5.73
N ASP B 37 2.54 -6.69 5.97
CA ASP B 37 2.99 -7.89 5.28
C ASP B 37 1.78 -8.78 5.01
N VAL B 38 1.39 -8.89 3.74
CA VAL B 38 0.23 -9.68 3.28
C VAL B 38 0.60 -10.67 2.17
N GLY B 39 1.80 -10.50 1.60
CA GLY B 39 2.33 -11.28 0.49
C GLY B 39 2.24 -10.55 -0.85
N GLY B 40 2.95 -11.09 -1.82
CA GLY B 40 2.88 -10.74 -3.25
C GLY B 40 3.36 -9.34 -3.65
N GLY B 41 3.83 -8.51 -2.71
CA GLY B 41 4.25 -7.12 -2.93
C GLY B 41 3.32 -6.06 -2.35
N TRP B 42 2.46 -6.37 -1.35
CA TRP B 42 1.45 -5.43 -0.85
C TRP B 42 1.53 -5.14 0.66
N LEU B 43 0.73 -4.15 1.08
CA LEU B 43 0.39 -3.81 2.45
C LEU B 43 -1.09 -3.40 2.50
N GLU B 44 -1.75 -3.53 3.64
CA GLU B 44 -3.09 -3.01 3.89
C GLU B 44 -2.99 -1.60 4.50
N GLY B 45 -3.87 -0.70 4.08
CA GLY B 45 -3.98 0.65 4.63
C GLY B 45 -5.38 1.22 4.56
N ARG B 46 -5.55 2.43 5.13
CA ARG B 46 -6.82 3.13 5.28
C ARG B 46 -6.67 4.64 5.08
N ASN B 47 -7.47 5.18 4.17
CA ASN B 47 -7.56 6.64 3.93
C ASN B 47 -8.51 7.33 4.89
N ILE B 48 -8.47 8.66 4.86
CA ILE B 48 -9.27 9.56 5.69
C ILE B 48 -10.76 9.19 5.79
N LYS B 49 -11.33 8.68 4.69
CA LYS B 49 -12.72 8.22 4.56
C LYS B 49 -13.07 7.01 5.46
N GLY B 50 -12.05 6.36 6.03
CA GLY B 50 -12.15 5.17 6.85
C GLY B 50 -12.29 3.88 6.05
N GLU B 51 -12.02 3.90 4.75
CA GLU B 51 -12.00 2.69 3.93
C GLU B 51 -10.66 2.01 4.00
N ARG B 52 -10.69 0.69 4.24
CA ARG B 52 -9.52 -0.19 4.25
C ARG B 52 -9.33 -0.90 2.91
N GLY B 53 -8.13 -1.38 2.64
CA GLY B 53 -7.85 -2.20 1.47
C GLY B 53 -6.35 -2.34 1.18
N LEU B 54 -6.04 -3.23 0.23
CA LEU B 54 -4.67 -3.55 -0.18
C LEU B 54 -4.09 -2.50 -1.14
N VAL B 55 -2.81 -2.17 -0.96
CA VAL B 55 -2.02 -1.25 -1.78
C VAL B 55 -0.60 -1.81 -1.98
N PRO B 56 -0.01 -1.68 -3.18
CA PRO B 56 1.37 -2.08 -3.43
C PRO B 56 2.35 -1.25 -2.58
N THR B 57 3.18 -1.91 -1.76
CA THR B 57 4.11 -1.21 -0.85
C THR B 57 5.21 -0.42 -1.56
N ASP B 58 5.61 -0.82 -2.78
CA ASP B 58 6.53 -0.05 -3.61
C ASP B 58 5.94 1.28 -4.09
N TYR B 59 4.61 1.45 -4.07
CA TYR B 59 3.94 2.71 -4.38
C TYR B 59 3.86 3.67 -3.18
N VAL B 60 4.26 3.26 -1.97
CA VAL B 60 4.18 4.09 -0.75
C VAL B 60 5.48 4.06 0.07
N GLU B 61 5.57 4.96 1.05
CA GLU B 61 6.71 5.18 1.96
C GLU B 61 6.24 5.34 3.41
N ILE B 62 6.86 4.59 4.33
CA ILE B 62 6.47 4.52 5.75
C ILE B 62 6.98 5.76 6.50
N LEU B 63 6.06 6.48 7.14
CA LEU B 63 6.32 7.74 7.84
C LEU B 63 6.72 7.52 9.32
N PRO B 64 7.33 8.53 9.96
CA PRO B 64 7.61 8.55 11.40
C PRO B 64 6.35 8.25 12.23
N SER B 65 6.43 7.18 13.02
CA SER B 65 5.32 6.61 13.81
C SER B 65 5.77 6.18 15.21
N ASP B 66 6.59 7.02 15.86
CA ASP B 66 7.07 6.87 17.25
C ASP B 66 6.00 7.27 18.29
N GLY B 67 5.12 8.21 17.93
CA GLY B 67 4.06 8.75 18.80
C GLY B 67 3.40 10.00 18.26
N ALA A 1 -10.24 -17.17 4.33
CA ALA A 1 -11.61 -16.90 3.87
C ALA A 1 -11.98 -15.43 4.04
N GLU A 2 -11.97 -14.89 5.26
CA GLU A 2 -12.32 -13.47 5.50
C GLU A 2 -11.14 -12.50 5.43
N ARG A 3 -9.89 -12.98 5.57
CA ARG A 3 -8.69 -12.13 5.62
C ARG A 3 -8.37 -11.53 4.24
N LEU A 4 -7.98 -10.26 4.19
CA LEU A 4 -7.63 -9.56 2.96
C LEU A 4 -6.32 -10.15 2.38
N ILE A 5 -6.39 -10.68 1.15
CA ILE A 5 -5.30 -11.37 0.45
C ILE A 5 -5.21 -10.85 -1.00
N PRO A 6 -4.04 -10.39 -1.47
CA PRO A 6 -3.86 -9.95 -2.86
C PRO A 6 -4.08 -11.06 -3.88
N ARG A 7 -5.03 -10.85 -4.80
CA ARG A 7 -5.42 -11.76 -5.90
C ARG A 7 -4.49 -11.72 -7.13
N ARG A 8 -3.38 -10.98 -7.02
CA ARG A 8 -2.33 -10.77 -8.03
C ARG A 8 -1.04 -10.29 -7.35
N PRO A 9 0.16 -10.53 -7.93
CA PRO A 9 1.39 -9.89 -7.47
C PRO A 9 1.33 -8.38 -7.72
N ALA A 10 2.15 -7.58 -7.03
CA ALA A 10 2.15 -6.13 -7.19
C ALA A 10 2.46 -5.71 -8.65
N PRO A 11 1.72 -4.74 -9.23
CA PRO A 11 2.03 -4.17 -10.55
C PRO A 11 3.38 -3.42 -10.51
N PRO A 12 4.03 -3.21 -11.68
CA PRO A 12 5.24 -2.41 -11.76
C PRO A 12 4.96 -0.96 -11.35
N VAL A 13 5.73 -0.45 -10.38
CA VAL A 13 5.73 0.97 -10.01
C VAL A 13 6.47 1.79 -11.08
N PRO A 14 5.98 2.98 -11.48
CA PRO A 14 6.55 3.78 -12.57
C PRO A 14 7.78 4.59 -12.12
N VAL A 15 8.75 3.93 -11.49
CA VAL A 15 10.02 4.52 -11.05
C VAL A 15 11.10 4.41 -12.16
N PRO A 16 11.81 5.50 -12.49
CA PRO A 16 12.94 5.46 -13.42
C PRO A 16 14.16 4.81 -12.75
N ALA A 17 14.29 3.49 -12.87
CA ALA A 17 15.36 2.69 -12.28
C ALA A 17 15.53 1.36 -13.05
N ARG A 18 16.76 1.08 -13.45
CA ARG A 18 17.20 -0.16 -14.13
C ARG A 18 16.86 -1.45 -13.38
N ILE A 19 16.69 -2.55 -14.13
CA ILE A 19 16.36 -3.88 -13.62
C ILE A 19 17.63 -4.62 -13.16
N PRO A 20 17.72 -5.14 -11.92
CA PRO A 20 18.93 -5.78 -11.38
C PRO A 20 19.36 -7.10 -12.00
N SER A 21 18.46 -7.73 -12.76
CA SER A 21 18.66 -9.06 -13.37
C SER A 21 19.82 -9.10 -14.40
N PRO A 22 20.39 -10.29 -14.69
CA PRO A 22 21.39 -10.47 -15.74
C PRO A 22 20.93 -9.97 -17.12
N ARG A 23 21.84 -9.36 -17.88
CA ARG A 23 21.65 -8.97 -19.28
C ARG A 23 21.79 -10.17 -20.22
N GLY B 1 6.13 0.15 23.11
CA GLY B 1 5.44 -0.83 22.26
C GLY B 1 4.63 -0.14 21.18
N SER B 2 4.47 -0.82 20.04
CA SER B 2 3.83 -0.35 18.80
C SER B 2 2.30 -0.22 18.86
N HIS B 3 1.77 0.32 19.97
CA HIS B 3 0.33 0.45 20.23
C HIS B 3 -0.38 1.53 19.39
N MET B 4 0.34 2.46 18.77
CA MET B 4 -0.22 3.39 17.77
C MET B 4 -0.21 2.72 16.38
N ALA B 5 -1.10 3.13 15.48
CA ALA B 5 -1.06 2.67 14.10
C ALA B 5 0.11 3.27 13.30
N THR B 6 0.79 2.45 12.49
CA THR B 6 1.77 2.91 11.51
C THR B 6 1.06 3.74 10.41
N LYS B 7 1.76 4.71 9.82
CA LYS B 7 1.24 5.59 8.76
C LYS B 7 2.14 5.53 7.51
N ALA B 8 1.62 5.87 6.34
CA ALA B 8 2.40 5.92 5.08
C ALA B 8 1.93 7.04 4.13
N ARG B 9 2.87 7.62 3.37
CA ARG B 9 2.62 8.53 2.25
C ARG B 9 2.69 7.77 0.92
N VAL B 10 1.86 8.17 -0.05
CA VAL B 10 1.88 7.67 -1.43
C VAL B 10 2.95 8.34 -2.29
N MET B 11 3.69 7.53 -3.04
CA MET B 11 4.77 7.93 -3.95
C MET B 11 4.35 7.98 -5.44
N TYR B 12 3.30 7.24 -5.81
CA TYR B 12 2.69 7.26 -7.16
C TYR B 12 1.18 6.94 -7.12
N ASP B 13 0.38 7.55 -8.00
CA ASP B 13 -1.07 7.26 -8.10
C ASP B 13 -1.39 5.77 -8.35
N PHE B 14 -2.43 5.25 -7.69
CA PHE B 14 -2.89 3.86 -7.78
C PHE B 14 -4.42 3.77 -7.92
N ALA B 15 -4.91 2.65 -8.46
CA ALA B 15 -6.34 2.39 -8.69
C ALA B 15 -6.71 0.96 -8.27
N ALA B 16 -7.78 0.81 -7.49
CA ALA B 16 -8.26 -0.52 -7.10
C ALA B 16 -9.00 -1.27 -8.21
N GLU B 17 -8.63 -2.52 -8.44
CA GLU B 17 -9.26 -3.41 -9.41
C GLU B 17 -10.50 -4.16 -8.86
N PRO B 18 -11.46 -4.50 -9.73
CA PRO B 18 -12.71 -5.17 -9.33
C PRO B 18 -12.44 -6.61 -8.87
N GLY B 19 -12.96 -6.96 -7.70
CA GLY B 19 -12.82 -8.27 -7.06
C GLY B 19 -11.57 -8.46 -6.19
N ASN B 20 -10.59 -7.55 -6.26
CA ASN B 20 -9.29 -7.70 -5.57
C ASN B 20 -9.23 -7.22 -4.11
N ASN B 21 -10.19 -6.39 -3.69
CA ASN B 21 -10.26 -5.73 -2.37
C ASN B 21 -9.16 -4.67 -2.11
N GLU B 22 -8.67 -4.04 -3.18
CA GLU B 22 -7.64 -2.99 -3.16
C GLU B 22 -8.19 -1.64 -2.67
N LEU B 23 -7.33 -0.64 -2.45
CA LEU B 23 -7.72 0.73 -2.06
C LEU B 23 -7.10 1.78 -2.99
N THR B 24 -7.93 2.51 -3.73
CA THR B 24 -7.48 3.59 -4.63
C THR B 24 -6.86 4.74 -3.83
N VAL B 25 -5.71 5.25 -4.28
CA VAL B 25 -4.99 6.37 -3.63
C VAL B 25 -4.28 7.26 -4.65
N ASN B 26 -3.97 8.50 -4.30
CA ASN B 26 -3.23 9.45 -5.15
C ASN B 26 -1.87 9.82 -4.54
N GLU B 27 -0.89 10.16 -5.37
CA GLU B 27 0.44 10.55 -4.90
C GLU B 27 0.39 11.73 -3.91
N GLY B 28 1.21 11.64 -2.85
CA GLY B 28 1.30 12.63 -1.79
C GLY B 28 0.23 12.51 -0.70
N GLU B 29 -0.78 11.67 -0.90
CA GLU B 29 -1.79 11.37 0.11
C GLU B 29 -1.21 10.55 1.27
N ILE B 30 -1.71 10.79 2.48
CA ILE B 30 -1.40 10.03 3.70
C ILE B 30 -2.50 9.00 4.02
N ILE B 31 -2.12 7.76 4.32
CA ILE B 31 -3.00 6.66 4.75
C ILE B 31 -2.46 5.98 6.02
N THR B 32 -3.36 5.38 6.81
CA THR B 32 -2.98 4.56 7.96
C THR B 32 -2.73 3.13 7.51
N ILE B 33 -1.70 2.46 8.01
CA ILE B 33 -1.44 1.04 7.74
C ILE B 33 -2.20 0.15 8.73
N THR B 34 -2.79 -0.93 8.23
CA THR B 34 -3.44 -1.97 9.02
C THR B 34 -2.73 -3.33 8.94
N ASN B 35 -2.06 -3.66 7.82
CA ASN B 35 -1.35 -4.94 7.68
C ASN B 35 -0.13 -4.84 6.73
N PRO B 36 1.07 -4.56 7.24
CA PRO B 36 2.25 -4.33 6.42
C PRO B 36 2.83 -5.58 5.70
N ASP B 37 2.30 -6.78 5.91
CA ASP B 37 2.81 -8.01 5.28
C ASP B 37 1.71 -9.02 4.91
N VAL B 38 1.14 -8.85 3.72
CA VAL B 38 0.03 -9.66 3.14
C VAL B 38 0.51 -10.65 2.07
N GLY B 39 1.76 -10.53 1.65
CA GLY B 39 2.38 -11.27 0.58
C GLY B 39 2.22 -10.56 -0.76
N GLY B 40 2.90 -11.09 -1.75
CA GLY B 40 2.79 -10.71 -3.17
C GLY B 40 3.26 -9.29 -3.53
N GLY B 41 3.88 -8.56 -2.61
CA GLY B 41 4.29 -7.16 -2.81
C GLY B 41 3.31 -6.09 -2.30
N TRP B 42 2.41 -6.40 -1.36
CA TRP B 42 1.37 -5.47 -0.91
C TRP B 42 1.42 -5.16 0.59
N LEU B 43 0.59 -4.22 1.00
CA LEU B 43 0.26 -3.88 2.38
C LEU B 43 -1.24 -3.49 2.47
N GLU B 44 -1.87 -3.67 3.62
CA GLU B 44 -3.22 -3.19 3.91
C GLU B 44 -3.15 -1.79 4.52
N GLY B 45 -4.00 -0.88 4.03
CA GLY B 45 -4.11 0.48 4.55
C GLY B 45 -5.55 1.00 4.50
N ARG B 46 -5.76 2.17 5.13
CA ARG B 46 -7.04 2.89 5.20
C ARG B 46 -6.86 4.37 4.91
N ASN B 47 -7.72 4.92 4.06
CA ASN B 47 -7.82 6.35 3.78
C ASN B 47 -8.69 7.10 4.77
N ILE B 48 -8.61 8.43 4.66
CA ILE B 48 -9.35 9.43 5.43
C ILE B 48 -10.85 9.12 5.59
N LYS B 49 -11.48 8.58 4.54
CA LYS B 49 -12.90 8.18 4.48
C LYS B 49 -13.26 6.98 5.35
N GLY B 50 -12.26 6.28 5.87
CA GLY B 50 -12.39 5.10 6.74
C GLY B 50 -12.60 3.78 6.01
N GLU B 51 -12.22 3.70 4.73
CA GLU B 51 -12.17 2.44 4.00
C GLU B 51 -10.80 1.80 4.01
N ARG B 52 -10.76 0.47 4.15
CA ARG B 52 -9.54 -0.34 4.07
C ARG B 52 -9.39 -1.10 2.78
N GLY B 53 -8.16 -1.42 2.41
CA GLY B 53 -7.87 -2.24 1.25
C GLY B 53 -6.38 -2.40 0.99
N LEU B 54 -6.07 -3.25 0.01
CA LEU B 54 -4.71 -3.57 -0.40
C LEU B 54 -4.10 -2.51 -1.32
N VAL B 55 -2.83 -2.19 -1.09
CA VAL B 55 -2.02 -1.27 -1.91
C VAL B 55 -0.62 -1.85 -2.12
N PRO B 56 -0.03 -1.71 -3.32
CA PRO B 56 1.34 -2.12 -3.59
C PRO B 56 2.33 -1.29 -2.74
N THR B 57 3.15 -1.94 -1.92
CA THR B 57 4.09 -1.24 -1.02
C THR B 57 5.19 -0.48 -1.75
N ASP B 58 5.53 -0.86 -2.99
CA ASP B 58 6.43 -0.11 -3.87
C ASP B 58 5.91 1.30 -4.23
N TYR B 59 4.58 1.49 -4.19
CA TYR B 59 3.91 2.75 -4.46
C TYR B 59 3.81 3.67 -3.23
N VAL B 60 4.20 3.24 -2.03
CA VAL B 60 4.11 4.02 -0.77
C VAL B 60 5.39 3.95 0.09
N GLU B 61 5.48 4.83 1.09
CA GLU B 61 6.61 4.97 2.04
C GLU B 61 6.13 5.13 3.49
N ILE B 62 6.75 4.40 4.43
CA ILE B 62 6.37 4.39 5.85
C ILE B 62 6.85 5.67 6.56
N LEU B 63 5.91 6.36 7.22
CA LEU B 63 6.13 7.62 7.92
C LEU B 63 6.57 7.45 9.40
N PRO B 64 7.19 8.47 10.01
CA PRO B 64 7.50 8.48 11.45
C PRO B 64 6.24 8.68 12.30
N SER B 65 6.33 8.51 13.63
CA SER B 65 5.23 8.75 14.58
C SER B 65 5.32 10.13 15.26
N ASP B 66 5.76 11.16 14.53
CA ASP B 66 5.84 12.56 15.01
C ASP B 66 4.46 13.18 15.29
N GLY B 67 3.39 12.74 14.62
CA GLY B 67 1.99 13.13 14.85
C GLY B 67 1.66 14.53 14.35
N ALA A 1 -11.57 -12.42 5.45
CA ALA A 1 -12.23 -11.50 6.39
C ALA A 1 -11.25 -10.90 7.39
N GLU A 2 -10.50 -11.73 8.12
CA GLU A 2 -9.57 -11.34 9.20
C GLU A 2 -8.46 -10.37 8.76
N ARG A 3 -7.96 -10.53 7.52
CA ARG A 3 -7.05 -9.64 6.79
C ARG A 3 -7.34 -9.77 5.29
N LEU A 4 -7.11 -8.72 4.49
CA LEU A 4 -7.15 -8.86 3.03
C LEU A 4 -6.09 -9.86 2.53
N ILE A 5 -6.32 -10.38 1.33
CA ILE A 5 -5.50 -11.43 0.70
C ILE A 5 -5.25 -11.05 -0.76
N PRO A 6 -3.99 -10.79 -1.18
CA PRO A 6 -3.69 -10.42 -2.56
C PRO A 6 -4.13 -11.48 -3.59
N ARG A 7 -5.02 -11.04 -4.50
CA ARG A 7 -5.60 -11.82 -5.62
C ARG A 7 -4.70 -11.85 -6.87
N ARG A 8 -3.65 -11.02 -6.88
CA ARG A 8 -2.63 -10.87 -7.93
C ARG A 8 -1.29 -10.37 -7.32
N PRO A 9 -0.12 -10.62 -7.93
CA PRO A 9 1.13 -9.97 -7.54
C PRO A 9 1.11 -8.47 -7.85
N ALA A 10 1.93 -7.66 -7.16
CA ALA A 10 1.92 -6.21 -7.32
C ALA A 10 2.29 -5.74 -8.76
N PRO A 11 1.62 -4.71 -9.30
CA PRO A 11 1.99 -4.09 -10.57
C PRO A 11 3.33 -3.33 -10.49
N PRO A 12 4.06 -3.12 -11.61
CA PRO A 12 5.30 -2.37 -11.61
C PRO A 12 5.09 -0.86 -11.43
N VAL A 13 5.77 -0.30 -10.44
CA VAL A 13 5.74 1.11 -10.02
C VAL A 13 6.52 2.01 -11.00
N PRO A 14 6.04 3.23 -11.31
CA PRO A 14 6.64 4.11 -12.32
C PRO A 14 7.82 4.95 -11.78
N VAL A 15 8.72 4.31 -11.03
CA VAL A 15 9.94 4.93 -10.51
C VAL A 15 10.97 5.14 -11.65
N PRO A 16 11.57 6.34 -11.80
CA PRO A 16 12.54 6.65 -12.85
C PRO A 16 13.94 6.06 -12.54
N ALA A 17 14.01 4.73 -12.42
CA ALA A 17 15.21 3.98 -11.98
C ALA A 17 15.37 2.57 -12.56
N ARG A 18 14.70 2.27 -13.69
CA ARG A 18 14.77 0.95 -14.33
C ARG A 18 16.17 0.67 -14.89
N ILE A 19 16.65 -0.56 -14.71
CA ILE A 19 17.93 -1.06 -15.23
C ILE A 19 17.71 -2.29 -16.11
N PRO A 20 18.56 -2.54 -17.14
CA PRO A 20 18.35 -3.63 -18.09
C PRO A 20 18.54 -5.02 -17.45
N SER A 21 17.68 -5.97 -17.83
CA SER A 21 17.72 -7.36 -17.35
C SER A 21 17.34 -8.38 -18.44
N PRO A 22 17.88 -9.61 -18.39
CA PRO A 22 17.44 -10.72 -19.22
C PRO A 22 16.04 -11.20 -18.83
N ARG A 23 15.38 -11.97 -19.71
CA ARG A 23 14.01 -12.49 -19.56
C ARG A 23 13.86 -13.43 -18.36
N GLY B 1 3.94 -1.55 22.84
CA GLY B 1 4.80 -1.49 21.65
C GLY B 1 4.86 -0.08 21.13
N SER B 2 4.39 0.16 19.90
CA SER B 2 4.24 1.52 19.33
C SER B 2 3.12 2.35 19.98
N HIS B 3 2.16 1.69 20.64
CA HIS B 3 0.95 2.25 21.30
C HIS B 3 -0.05 2.98 20.40
N MET B 4 0.23 3.13 19.10
CA MET B 4 -0.68 3.64 18.08
C MET B 4 -0.31 3.12 16.67
N ALA B 5 -1.22 3.28 15.72
CA ALA B 5 -1.11 2.76 14.35
C ALA B 5 0.07 3.33 13.55
N THR B 6 0.66 2.47 12.71
CA THR B 6 1.65 2.86 11.69
C THR B 6 0.95 3.66 10.58
N LYS B 7 1.69 4.52 9.89
CA LYS B 7 1.18 5.41 8.84
C LYS B 7 2.01 5.25 7.56
N ALA B 8 1.51 5.69 6.41
CA ALA B 8 2.30 5.78 5.18
C ALA B 8 1.81 6.92 4.27
N ARG B 9 2.74 7.46 3.47
CA ARG B 9 2.45 8.39 2.37
C ARG B 9 2.56 7.67 1.02
N VAL B 10 1.72 8.04 0.07
CA VAL B 10 1.78 7.56 -1.32
C VAL B 10 2.86 8.27 -2.14
N MET B 11 3.64 7.48 -2.87
CA MET B 11 4.70 7.93 -3.77
C MET B 11 4.26 8.02 -5.23
N TYR B 12 3.25 7.26 -5.65
CA TYR B 12 2.69 7.29 -7.02
C TYR B 12 1.18 6.97 -7.05
N ASP B 13 0.41 7.61 -7.94
CA ASP B 13 -1.03 7.33 -8.10
C ASP B 13 -1.34 5.85 -8.42
N PHE B 14 -2.31 5.27 -7.70
CA PHE B 14 -2.71 3.86 -7.78
C PHE B 14 -4.23 3.71 -7.96
N ALA B 15 -4.65 2.65 -8.67
CA ALA B 15 -6.06 2.36 -8.92
C ALA B 15 -6.38 0.88 -8.71
N ALA B 16 -7.37 0.61 -7.87
CA ALA B 16 -7.86 -0.73 -7.54
C ALA B 16 -8.45 -1.49 -8.74
N GLU B 17 -8.21 -2.80 -8.81
CA GLU B 17 -8.90 -3.71 -9.73
C GLU B 17 -10.30 -4.06 -9.18
N PRO B 18 -11.26 -4.40 -10.05
CA PRO B 18 -12.62 -4.73 -9.62
C PRO B 18 -12.60 -6.07 -8.86
N GLY B 19 -13.23 -6.12 -7.68
CA GLY B 19 -13.38 -7.33 -6.86
C GLY B 19 -12.16 -7.78 -6.05
N ASN B 20 -10.94 -7.32 -6.33
CA ASN B 20 -9.72 -7.78 -5.65
C ASN B 20 -9.57 -7.33 -4.18
N ASN B 21 -10.32 -6.29 -3.77
CA ASN B 21 -10.26 -5.60 -2.48
C ASN B 21 -9.01 -4.71 -2.30
N GLU B 22 -8.60 -4.05 -3.39
CA GLU B 22 -7.55 -3.04 -3.41
C GLU B 22 -8.14 -1.65 -3.07
N LEU B 23 -7.31 -0.74 -2.56
CA LEU B 23 -7.71 0.59 -2.08
C LEU B 23 -7.09 1.70 -2.95
N THR B 24 -7.88 2.31 -3.84
CA THR B 24 -7.43 3.42 -4.73
C THR B 24 -6.92 4.60 -3.91
N VAL B 25 -5.82 5.23 -4.36
CA VAL B 25 -5.16 6.36 -3.68
C VAL B 25 -4.41 7.26 -4.68
N ASN B 26 -4.13 8.51 -4.31
CA ASN B 26 -3.30 9.43 -5.09
C ASN B 26 -1.95 9.70 -4.43
N GLU B 27 -0.94 10.08 -5.21
CA GLU B 27 0.36 10.50 -4.74
C GLU B 27 0.25 11.64 -3.71
N GLY B 28 1.06 11.54 -2.65
CA GLY B 28 1.06 12.46 -1.53
C GLY B 28 -0.04 12.25 -0.50
N GLU B 29 -1.03 11.40 -0.78
CA GLU B 29 -2.06 11.04 0.18
C GLU B 29 -1.47 10.29 1.38
N ILE B 30 -1.91 10.63 2.60
CA ILE B 30 -1.60 9.89 3.81
C ILE B 30 -2.69 8.83 4.08
N ILE B 31 -2.28 7.62 4.48
CA ILE B 31 -3.16 6.53 4.94
C ILE B 31 -2.59 5.87 6.20
N THR B 32 -3.45 5.22 6.98
CA THR B 32 -3.05 4.42 8.13
C THR B 32 -2.74 3.00 7.66
N ILE B 33 -1.61 2.43 8.08
CA ILE B 33 -1.24 1.03 7.78
C ILE B 33 -1.84 0.08 8.82
N THR B 34 -2.57 -0.93 8.33
CA THR B 34 -3.11 -2.02 9.15
C THR B 34 -2.27 -3.29 9.04
N ASN B 35 -1.65 -3.59 7.89
CA ASN B 35 -0.82 -4.79 7.72
C ASN B 35 0.34 -4.59 6.72
N PRO B 36 1.58 -4.34 7.18
CA PRO B 36 2.71 -3.99 6.31
C PRO B 36 3.33 -5.12 5.46
N ASP B 37 2.79 -6.34 5.53
CA ASP B 37 3.13 -7.46 4.65
C ASP B 37 1.97 -8.45 4.60
N VAL B 38 1.36 -8.61 3.44
CA VAL B 38 0.26 -9.56 3.13
C VAL B 38 0.63 -10.59 2.06
N GLY B 39 1.75 -10.40 1.38
CA GLY B 39 2.21 -11.22 0.26
C GLY B 39 2.19 -10.45 -1.06
N GLY B 40 2.89 -11.01 -2.05
CA GLY B 40 2.87 -10.63 -3.47
C GLY B 40 3.40 -9.23 -3.84
N GLY B 41 3.78 -8.40 -2.85
CA GLY B 41 4.19 -7.00 -3.05
C GLY B 41 3.21 -5.97 -2.46
N TRP B 42 2.29 -6.38 -1.59
CA TRP B 42 1.21 -5.52 -1.04
C TRP B 42 1.30 -5.31 0.47
N LEU B 43 0.59 -4.28 0.93
CA LEU B 43 0.30 -3.97 2.33
C LEU B 43 -1.19 -3.60 2.50
N GLU B 44 -1.75 -3.78 3.70
CA GLU B 44 -3.12 -3.38 4.07
C GLU B 44 -3.10 -1.97 4.68
N GLY B 45 -4.02 -1.11 4.26
CA GLY B 45 -4.16 0.26 4.76
C GLY B 45 -5.58 0.80 4.69
N ARG B 46 -5.81 1.98 5.28
CA ARG B 46 -7.12 2.67 5.37
C ARG B 46 -7.01 4.18 5.17
N ASN B 47 -7.84 4.69 4.26
CA ASN B 47 -7.96 6.14 3.95
C ASN B 47 -8.99 6.84 4.82
N ILE B 48 -9.01 8.16 4.66
CA ILE B 48 -9.88 9.12 5.37
C ILE B 48 -11.35 8.69 5.43
N LYS B 49 -11.89 8.07 4.37
CA LYS B 49 -13.27 7.57 4.29
C LYS B 49 -13.60 6.45 5.30
N GLY B 50 -12.56 5.78 5.81
CA GLY B 50 -12.64 4.60 6.67
C GLY B 50 -12.76 3.29 5.90
N GLU B 51 -12.42 3.29 4.61
CA GLU B 51 -12.29 2.05 3.85
C GLU B 51 -10.89 1.50 4.03
N ARG B 52 -10.79 0.18 4.19
CA ARG B 52 -9.52 -0.54 4.14
C ARG B 52 -9.37 -1.38 2.88
N GLY B 53 -8.14 -1.75 2.55
CA GLY B 53 -7.84 -2.63 1.42
C GLY B 53 -6.34 -2.73 1.13
N LEU B 54 -6.01 -3.43 0.04
CA LEU B 54 -4.64 -3.66 -0.42
C LEU B 54 -4.09 -2.49 -1.24
N VAL B 55 -2.83 -2.14 -1.00
CA VAL B 55 -2.02 -1.21 -1.81
C VAL B 55 -0.62 -1.80 -2.01
N PRO B 56 -0.03 -1.68 -3.21
CA PRO B 56 1.33 -2.13 -3.47
C PRO B 56 2.34 -1.33 -2.62
N THR B 57 3.16 -2.01 -1.82
CA THR B 57 4.11 -1.35 -0.89
C THR B 57 5.21 -0.57 -1.60
N ASP B 58 5.54 -0.96 -2.84
CA ASP B 58 6.47 -0.21 -3.69
C ASP B 58 5.92 1.17 -4.13
N TYR B 59 4.59 1.38 -4.08
CA TYR B 59 3.93 2.65 -4.39
C TYR B 59 3.84 3.61 -3.19
N VAL B 60 4.16 3.17 -1.97
CA VAL B 60 4.02 3.96 -0.73
C VAL B 60 5.25 3.85 0.16
N GLU B 61 5.35 4.72 1.17
CA GLU B 61 6.47 4.78 2.10
C GLU B 61 6.00 4.89 3.56
N ILE B 62 6.56 4.02 4.42
CA ILE B 62 6.19 3.93 5.83
C ILE B 62 6.65 5.18 6.60
N LEU B 63 5.69 5.85 7.24
CA LEU B 63 5.85 6.98 8.14
C LEU B 63 5.85 6.55 9.63
N PRO B 64 6.36 7.38 10.56
CA PRO B 64 6.45 7.05 11.99
C PRO B 64 5.12 7.18 12.74
N SER B 65 4.95 6.38 13.80
CA SER B 65 3.88 6.46 14.82
C SER B 65 4.08 7.63 15.80
N ASP B 66 4.51 8.79 15.29
CA ASP B 66 4.88 9.97 16.09
C ASP B 66 3.70 10.81 16.64
N GLY B 67 2.49 10.67 16.09
CA GLY B 67 1.29 11.42 16.50
C GLY B 67 1.43 12.93 16.39
N ALA A 1 -11.76 -16.86 5.67
CA ALA A 1 -10.64 -15.96 5.33
C ALA A 1 -10.21 -15.15 6.55
N GLU A 2 -9.07 -15.49 7.15
CA GLU A 2 -8.59 -14.87 8.40
C GLU A 2 -8.19 -13.39 8.23
N ARG A 3 -7.57 -13.01 7.10
CA ARG A 3 -7.20 -11.62 6.76
C ARG A 3 -7.41 -11.30 5.28
N LEU A 4 -7.32 -10.03 4.91
CA LEU A 4 -7.41 -9.55 3.52
C LEU A 4 -6.19 -10.01 2.71
N ILE A 5 -6.40 -10.61 1.54
CA ILE A 5 -5.33 -11.21 0.70
C ILE A 5 -5.37 -10.71 -0.76
N PRO A 6 -4.22 -10.30 -1.36
CA PRO A 6 -4.15 -9.81 -2.74
C PRO A 6 -4.26 -10.92 -3.80
N ARG A 7 -5.24 -10.77 -4.70
CA ARG A 7 -5.57 -11.69 -5.82
C ARG A 7 -4.58 -11.66 -7.01
N ARG A 8 -3.48 -10.91 -6.90
CA ARG A 8 -2.45 -10.72 -7.93
C ARG A 8 -1.11 -10.25 -7.34
N PRO A 9 0.03 -10.41 -8.03
CA PRO A 9 1.29 -9.77 -7.62
C PRO A 9 1.23 -8.25 -7.85
N ALA A 10 2.04 -7.48 -7.12
CA ALA A 10 2.05 -6.02 -7.23
C ALA A 10 2.48 -5.51 -8.64
N PRO A 11 1.83 -4.47 -9.20
CA PRO A 11 2.12 -3.95 -10.54
C PRO A 11 3.48 -3.23 -10.67
N PRO A 12 3.98 -3.01 -11.90
CA PRO A 12 5.25 -2.34 -12.16
C PRO A 12 5.20 -0.84 -11.86
N VAL A 13 5.91 -0.40 -10.81
CA VAL A 13 5.90 0.98 -10.30
C VAL A 13 6.72 1.94 -11.18
N PRO A 14 6.26 3.18 -11.41
CA PRO A 14 6.89 4.14 -12.31
C PRO A 14 7.98 4.98 -11.60
N VAL A 15 8.87 4.32 -10.87
CA VAL A 15 9.99 4.95 -10.15
C VAL A 15 11.05 5.47 -11.14
N PRO A 16 11.40 6.77 -11.11
CA PRO A 16 12.30 7.43 -12.05
C PRO A 16 13.80 7.25 -11.71
N ALA A 17 14.22 6.01 -11.46
CA ALA A 17 15.58 5.68 -11.03
C ALA A 17 15.96 4.21 -11.26
N ARG A 18 17.11 4.01 -11.92
CA ARG A 18 17.86 2.74 -12.13
C ARG A 18 17.11 1.55 -12.76
N ILE A 19 15.88 1.75 -13.25
CA ILE A 19 15.05 0.68 -13.82
C ILE A 19 15.68 0.00 -15.07
N PRO A 20 15.48 -1.32 -15.28
CA PRO A 20 16.02 -2.06 -16.43
C PRO A 20 15.50 -1.62 -17.80
N SER A 21 16.23 -1.96 -18.86
CA SER A 21 15.84 -1.78 -20.26
C SER A 21 16.55 -2.80 -21.18
N PRO A 22 15.88 -3.40 -22.18
CA PRO A 22 16.51 -4.37 -23.08
C PRO A 22 17.45 -3.67 -24.09
N ARG A 23 18.77 -3.87 -23.94
CA ARG A 23 19.84 -3.25 -24.74
C ARG A 23 20.52 -4.26 -25.67
N GLY B 1 2.86 0.57 25.15
CA GLY B 1 2.60 1.18 23.82
C GLY B 1 1.46 0.47 23.14
N SER B 2 1.68 0.00 21.91
CA SER B 2 0.71 -0.80 21.12
C SER B 2 -0.65 -0.12 20.85
N HIS B 3 -0.70 1.22 20.83
CA HIS B 3 -1.93 2.00 20.59
C HIS B 3 -1.81 3.00 19.42
N MET B 4 -0.61 3.45 19.08
CA MET B 4 -0.36 4.31 17.91
C MET B 4 -0.31 3.46 16.63
N ALA B 5 -1.06 3.87 15.60
CA ALA B 5 -1.12 3.14 14.34
C ALA B 5 0.05 3.49 13.40
N THR B 6 0.58 2.49 12.69
CA THR B 6 1.60 2.72 11.64
C THR B 6 0.96 3.53 10.50
N LYS B 7 1.76 4.35 9.81
CA LYS B 7 1.31 5.28 8.77
C LYS B 7 2.23 5.23 7.54
N ALA B 8 1.74 5.65 6.38
CA ALA B 8 2.53 5.74 5.15
C ALA B 8 2.07 6.87 4.22
N ARG B 9 3.00 7.43 3.42
CA ARG B 9 2.71 8.36 2.31
C ARG B 9 2.79 7.65 0.96
N VAL B 10 1.93 8.04 0.02
CA VAL B 10 1.93 7.54 -1.36
C VAL B 10 2.98 8.23 -2.22
N MET B 11 3.74 7.43 -2.97
CA MET B 11 4.76 7.88 -3.91
C MET B 11 4.24 7.96 -5.36
N TYR B 12 3.22 7.18 -5.73
CA TYR B 12 2.59 7.20 -7.07
C TYR B 12 1.08 6.88 -7.04
N ASP B 13 0.30 7.50 -7.93
CA ASP B 13 -1.14 7.18 -8.08
C ASP B 13 -1.42 5.68 -8.35
N PHE B 14 -2.45 5.12 -7.71
CA PHE B 14 -2.87 3.71 -7.82
C PHE B 14 -4.38 3.56 -7.97
N ALA B 15 -4.83 2.49 -8.62
CA ALA B 15 -6.25 2.21 -8.88
C ALA B 15 -6.63 0.74 -8.65
N ALA B 16 -7.59 0.52 -7.74
CA ALA B 16 -8.08 -0.79 -7.32
C ALA B 16 -8.88 -1.56 -8.39
N GLU B 17 -8.53 -2.83 -8.60
CA GLU B 17 -9.34 -3.75 -9.38
C GLU B 17 -10.68 -4.04 -8.66
N PRO B 18 -11.81 -4.20 -9.39
CA PRO B 18 -13.10 -4.50 -8.78
C PRO B 18 -13.07 -5.87 -8.09
N GLY B 19 -13.65 -5.97 -6.90
CA GLY B 19 -13.78 -7.20 -6.11
C GLY B 19 -12.47 -7.79 -5.53
N ASN B 20 -11.28 -7.33 -5.95
CA ASN B 20 -10.01 -7.78 -5.37
C ASN B 20 -9.78 -7.32 -3.91
N ASN B 21 -10.53 -6.31 -3.47
CA ASN B 21 -10.42 -5.60 -2.18
C ASN B 21 -9.12 -4.77 -2.08
N GLU B 22 -8.68 -4.17 -3.18
CA GLU B 22 -7.59 -3.20 -3.23
C GLU B 22 -8.12 -1.81 -2.76
N LEU B 23 -7.27 -0.79 -2.61
CA LEU B 23 -7.69 0.56 -2.17
C LEU B 23 -7.08 1.64 -3.08
N THR B 24 -7.89 2.30 -3.90
CA THR B 24 -7.45 3.42 -4.75
C THR B 24 -6.88 4.58 -3.92
N VAL B 25 -5.71 5.08 -4.31
CA VAL B 25 -4.99 6.17 -3.65
C VAL B 25 -4.26 7.08 -4.65
N ASN B 26 -3.94 8.30 -4.24
CA ASN B 26 -3.21 9.29 -5.05
C ASN B 26 -1.87 9.67 -4.42
N GLU B 27 -0.88 10.03 -5.24
CA GLU B 27 0.44 10.43 -4.78
C GLU B 27 0.37 11.60 -3.78
N GLY B 28 1.16 11.52 -2.68
CA GLY B 28 1.16 12.47 -1.58
C GLY B 28 0.09 12.24 -0.51
N GLU B 29 -0.92 11.43 -0.81
CA GLU B 29 -1.93 11.02 0.18
C GLU B 29 -1.27 10.24 1.33
N ILE B 30 -1.66 10.52 2.57
CA ILE B 30 -1.27 9.75 3.76
C ILE B 30 -2.37 8.73 4.10
N ILE B 31 -1.97 7.49 4.40
CA ILE B 31 -2.87 6.43 4.86
C ILE B 31 -2.36 5.77 6.14
N THR B 32 -3.30 5.25 6.94
CA THR B 32 -2.98 4.44 8.12
C THR B 32 -2.80 2.98 7.68
N ILE B 33 -1.76 2.30 8.15
CA ILE B 33 -1.47 0.90 7.83
C ILE B 33 -2.14 -0.05 8.81
N THR B 34 -2.72 -1.13 8.29
CA THR B 34 -3.39 -2.19 9.05
C THR B 34 -2.78 -3.58 8.84
N ASN B 35 -2.05 -3.83 7.75
CA ASN B 35 -1.28 -5.09 7.58
C ASN B 35 -0.09 -4.91 6.62
N PRO B 36 1.12 -4.61 7.10
CA PRO B 36 2.26 -4.29 6.25
C PRO B 36 2.89 -5.43 5.43
N ASP B 37 2.47 -6.69 5.60
CA ASP B 37 3.12 -7.85 4.96
C ASP B 37 2.14 -8.98 4.60
N VAL B 38 1.28 -8.72 3.62
CA VAL B 38 0.20 -9.63 3.15
C VAL B 38 0.66 -10.67 2.12
N GLY B 39 1.82 -10.44 1.48
CA GLY B 39 2.35 -11.24 0.39
C GLY B 39 2.14 -10.55 -0.95
N GLY B 40 2.91 -10.97 -1.95
CA GLY B 40 2.78 -10.55 -3.36
C GLY B 40 3.24 -9.14 -3.70
N GLY B 41 3.64 -8.35 -2.70
CA GLY B 41 4.11 -6.96 -2.86
C GLY B 41 3.15 -5.90 -2.31
N TRP B 42 2.26 -6.25 -1.38
CA TRP B 42 1.21 -5.35 -0.89
C TRP B 42 1.27 -5.06 0.61
N LEU B 43 0.43 -4.12 1.04
CA LEU B 43 0.10 -3.78 2.41
C LEU B 43 -1.40 -3.46 2.52
N GLU B 44 -2.03 -3.74 3.66
CA GLU B 44 -3.40 -3.31 4.00
C GLU B 44 -3.33 -1.91 4.63
N GLY B 45 -4.24 -1.02 4.23
CA GLY B 45 -4.33 0.34 4.74
C GLY B 45 -5.75 0.90 4.70
N ARG B 46 -5.92 2.08 5.30
CA ARG B 46 -7.14 2.88 5.32
C ARG B 46 -6.82 4.35 5.03
N ASN B 47 -7.62 4.97 4.16
CA ASN B 47 -7.59 6.41 3.89
C ASN B 47 -8.59 7.18 4.73
N ILE B 48 -8.47 8.51 4.69
CA ILE B 48 -9.28 9.47 5.44
C ILE B 48 -10.79 9.20 5.40
N LYS B 49 -11.30 8.72 4.25
CA LYS B 49 -12.71 8.37 4.02
C LYS B 49 -13.22 7.20 4.88
N GLY B 50 -12.32 6.40 5.45
CA GLY B 50 -12.61 5.19 6.20
C GLY B 50 -12.79 3.95 5.34
N GLU B 51 -12.30 3.96 4.10
CA GLU B 51 -12.22 2.75 3.28
C GLU B 51 -10.90 2.05 3.55
N ARG B 52 -10.95 0.73 3.75
CA ARG B 52 -9.79 -0.15 3.83
C ARG B 52 -9.56 -0.96 2.56
N GLY B 53 -8.36 -1.49 2.41
CA GLY B 53 -8.01 -2.38 1.31
C GLY B 53 -6.52 -2.51 1.11
N LEU B 54 -6.15 -3.25 0.06
CA LEU B 54 -4.79 -3.59 -0.30
C LEU B 54 -4.16 -2.55 -1.26
N VAL B 55 -2.91 -2.16 -1.01
CA VAL B 55 -2.10 -1.27 -1.87
C VAL B 55 -0.70 -1.86 -2.06
N PRO B 56 -0.10 -1.73 -3.26
CA PRO B 56 1.28 -2.16 -3.50
C PRO B 56 2.25 -1.35 -2.63
N THR B 57 3.07 -2.03 -1.80
CA THR B 57 4.05 -1.33 -0.94
C THR B 57 5.19 -0.68 -1.74
N ASP B 58 5.40 -1.12 -2.98
CA ASP B 58 6.30 -0.48 -3.94
C ASP B 58 5.89 0.97 -4.28
N TYR B 59 4.59 1.31 -4.15
CA TYR B 59 3.99 2.60 -4.44
C TYR B 59 3.94 3.56 -3.24
N VAL B 60 4.28 3.12 -2.02
CA VAL B 60 4.16 3.91 -0.78
C VAL B 60 5.38 3.77 0.14
N GLU B 61 5.56 4.70 1.06
CA GLU B 61 6.68 4.74 2.01
C GLU B 61 6.21 4.85 3.46
N ILE B 62 6.70 3.96 4.33
CA ILE B 62 6.31 3.88 5.74
C ILE B 62 6.92 5.08 6.50
N LEU B 63 6.06 5.82 7.21
CA LEU B 63 6.44 7.01 7.99
C LEU B 63 6.86 6.65 9.43
N PRO B 64 7.65 7.49 10.13
CA PRO B 64 7.99 7.29 11.55
C PRO B 64 6.81 7.65 12.48
N SER B 65 6.84 7.15 13.71
CA SER B 65 5.80 7.40 14.75
C SER B 65 6.39 7.37 16.17
N ASP B 66 5.65 7.92 17.14
CA ASP B 66 6.04 8.07 18.57
C ASP B 66 7.41 8.74 18.76
N GLY B 67 7.57 9.89 18.10
CA GLY B 67 8.78 10.72 18.08
C GLY B 67 9.31 11.15 19.45
N ALA A 1 -2.73 -7.40 11.11
CA ALA A 1 -3.05 -8.79 10.71
C ALA A 1 -3.80 -8.82 9.39
N GLU A 2 -3.62 -9.88 8.60
CA GLU A 2 -4.19 -9.98 7.25
C GLU A 2 -5.73 -10.08 7.30
N ARG A 3 -6.43 -8.97 7.04
CA ARG A 3 -7.89 -8.96 6.83
C ARG A 3 -8.26 -9.21 5.37
N LEU A 4 -7.34 -8.88 4.48
CA LEU A 4 -7.39 -9.07 3.03
C LEU A 4 -6.24 -9.95 2.53
N ILE A 5 -6.41 -10.56 1.35
CA ILE A 5 -5.39 -11.36 0.66
C ILE A 5 -5.29 -10.97 -0.83
N PRO A 6 -4.11 -10.63 -1.37
CA PRO A 6 -3.95 -10.30 -2.78
C PRO A 6 -4.08 -11.54 -3.70
N ARG A 7 -5.01 -11.46 -4.66
CA ARG A 7 -5.26 -12.48 -5.71
C ARG A 7 -4.21 -12.49 -6.84
N ARG A 8 -3.37 -11.44 -6.91
CA ARG A 8 -2.32 -11.19 -7.91
C ARG A 8 -1.09 -10.55 -7.27
N PRO A 9 0.15 -10.76 -7.77
CA PRO A 9 1.33 -10.01 -7.33
C PRO A 9 1.24 -8.52 -7.73
N ALA A 10 1.98 -7.66 -7.05
CA ALA A 10 1.94 -6.20 -7.22
C ALA A 10 2.27 -5.73 -8.66
N PRO A 11 1.60 -4.67 -9.17
CA PRO A 11 1.91 -4.07 -10.48
C PRO A 11 3.29 -3.39 -10.50
N PRO A 12 3.90 -3.20 -11.70
CA PRO A 12 5.14 -2.44 -11.86
C PRO A 12 4.94 -0.94 -11.52
N VAL A 13 5.96 -0.31 -10.90
CA VAL A 13 5.90 1.07 -10.39
C VAL A 13 6.66 2.08 -11.28
N PRO A 14 6.12 3.31 -11.49
CA PRO A 14 6.68 4.31 -12.42
C PRO A 14 7.81 5.17 -11.81
N VAL A 15 8.75 4.50 -11.12
CA VAL A 15 9.87 5.11 -10.40
C VAL A 15 10.96 5.65 -11.36
N PRO A 16 11.50 6.86 -11.13
CA PRO A 16 12.66 7.41 -11.85
C PRO A 16 14.00 6.82 -11.38
N ALA A 17 14.12 5.49 -11.44
CA ALA A 17 15.28 4.70 -10.99
C ALA A 17 15.44 3.33 -11.68
N ARG A 18 14.80 3.14 -12.84
CA ARG A 18 14.87 1.89 -13.63
C ARG A 18 16.26 1.68 -14.23
N ILE A 19 16.62 0.42 -14.48
CA ILE A 19 17.82 0.04 -15.24
C ILE A 19 17.55 -0.01 -16.77
N PRO A 20 18.58 0.07 -17.62
CA PRO A 20 18.47 -0.14 -19.07
C PRO A 20 17.91 -1.51 -19.46
N SER A 21 16.85 -1.50 -20.29
CA SER A 21 16.23 -2.64 -21.00
C SER A 21 16.27 -4.00 -20.25
N PRO A 22 15.50 -4.16 -19.14
CA PRO A 22 15.41 -5.40 -18.36
C PRO A 22 14.42 -6.43 -18.97
N ARG A 23 14.59 -7.72 -18.63
CA ARG A 23 13.81 -8.85 -19.19
C ARG A 23 12.57 -9.26 -18.38
N GLY B 1 1.81 -4.20 18.33
CA GLY B 1 1.59 -4.27 19.77
C GLY B 1 0.51 -3.29 20.21
N SER B 2 0.81 -2.44 21.20
CA SER B 2 -0.15 -1.51 21.83
C SER B 2 0.12 -0.02 21.58
N HIS B 3 1.11 0.32 20.75
CA HIS B 3 1.36 1.71 20.30
C HIS B 3 0.37 2.13 19.20
N MET B 4 0.48 3.37 18.72
CA MET B 4 -0.31 3.90 17.59
C MET B 4 -0.07 3.05 16.32
N ALA B 5 -1.07 2.99 15.42
CA ALA B 5 -0.93 2.36 14.12
C ALA B 5 0.10 3.09 13.24
N THR B 6 0.92 2.33 12.51
CA THR B 6 1.92 2.87 11.56
C THR B 6 1.26 3.68 10.45
N LYS B 7 2.00 4.63 9.88
CA LYS B 7 1.55 5.53 8.81
C LYS B 7 2.43 5.42 7.56
N ALA B 8 1.90 5.78 6.38
CA ALA B 8 2.66 5.82 5.13
C ALA B 8 2.19 6.95 4.21
N ARG B 9 3.12 7.53 3.43
CA ARG B 9 2.82 8.47 2.33
C ARG B 9 2.87 7.75 0.99
N VAL B 10 2.03 8.16 0.06
CA VAL B 10 2.01 7.66 -1.31
C VAL B 10 3.07 8.33 -2.19
N MET B 11 3.82 7.52 -2.94
CA MET B 11 4.85 7.97 -3.87
C MET B 11 4.33 8.10 -5.31
N TYR B 12 3.31 7.33 -5.70
CA TYR B 12 2.67 7.39 -7.03
C TYR B 12 1.17 7.07 -6.94
N ASP B 13 0.35 7.72 -7.76
CA ASP B 13 -1.08 7.41 -7.88
C ASP B 13 -1.35 5.92 -8.16
N PHE B 14 -2.44 5.38 -7.61
CA PHE B 14 -2.87 3.99 -7.77
C PHE B 14 -4.39 3.87 -7.95
N ALA B 15 -4.83 2.89 -8.72
CA ALA B 15 -6.23 2.64 -9.03
C ALA B 15 -6.64 1.18 -8.80
N ALA B 16 -7.66 0.98 -7.97
CA ALA B 16 -8.19 -0.29 -7.49
C ALA B 16 -9.04 -1.10 -8.49
N GLU B 17 -9.26 -2.36 -8.09
CA GLU B 17 -10.21 -3.32 -8.64
C GLU B 17 -11.15 -3.81 -7.53
N PRO B 18 -12.41 -4.16 -7.87
CA PRO B 18 -13.43 -4.53 -6.89
C PRO B 18 -13.18 -5.91 -6.28
N GLY B 19 -13.04 -6.96 -7.10
CA GLY B 19 -12.87 -8.34 -6.62
C GLY B 19 -11.50 -8.61 -5.99
N ASN B 20 -10.50 -7.76 -6.28
CA ASN B 20 -9.19 -7.83 -5.64
C ASN B 20 -9.18 -7.18 -4.23
N ASN B 21 -10.19 -6.38 -3.90
CA ASN B 21 -10.34 -5.61 -2.66
C ASN B 21 -9.24 -4.53 -2.46
N GLU B 22 -8.75 -3.92 -3.55
CA GLU B 22 -7.72 -2.86 -3.52
C GLU B 22 -8.31 -1.51 -3.04
N LEU B 23 -7.48 -0.61 -2.47
CA LEU B 23 -7.86 0.77 -2.08
C LEU B 23 -7.21 1.78 -3.04
N THR B 24 -8.01 2.55 -3.78
CA THR B 24 -7.51 3.64 -4.66
C THR B 24 -6.91 4.77 -3.82
N VAL B 25 -5.74 5.27 -4.20
CA VAL B 25 -5.02 6.35 -3.50
C VAL B 25 -4.28 7.26 -4.48
N ASN B 26 -3.91 8.46 -4.04
CA ASN B 26 -3.17 9.45 -4.84
C ASN B 26 -1.83 9.84 -4.22
N GLU B 27 -0.89 10.26 -5.05
CA GLU B 27 0.45 10.66 -4.63
C GLU B 27 0.44 11.77 -3.56
N GLY B 28 1.28 11.63 -2.54
CA GLY B 28 1.35 12.54 -1.42
C GLY B 28 0.23 12.40 -0.40
N GLU B 29 -0.76 11.54 -0.65
CA GLU B 29 -1.76 11.18 0.35
C GLU B 29 -1.11 10.40 1.50
N ILE B 30 -1.59 10.63 2.72
CA ILE B 30 -1.19 9.91 3.94
C ILE B 30 -2.26 8.88 4.30
N ILE B 31 -1.87 7.62 4.51
CA ILE B 31 -2.74 6.52 4.96
C ILE B 31 -2.19 5.83 6.21
N THR B 32 -3.08 5.22 6.99
CA THR B 32 -2.70 4.37 8.13
C THR B 32 -2.54 2.94 7.65
N ILE B 33 -1.56 2.20 8.15
CA ILE B 33 -1.37 0.78 7.86
C ILE B 33 -2.27 -0.09 8.75
N THR B 34 -2.85 -1.13 8.15
CA THR B 34 -3.55 -2.22 8.84
C THR B 34 -2.85 -3.57 8.67
N ASN B 35 -2.04 -3.75 7.61
CA ASN B 35 -1.15 -4.90 7.47
C ASN B 35 0.07 -4.65 6.57
N PRO B 36 1.30 -4.58 7.08
CA PRO B 36 2.47 -4.23 6.27
C PRO B 36 2.95 -5.30 5.29
N ASP B 37 2.56 -6.57 5.45
CA ASP B 37 2.98 -7.66 4.57
C ASP B 37 1.95 -8.80 4.50
N VAL B 38 1.10 -8.69 3.49
CA VAL B 38 0.03 -9.63 3.10
C VAL B 38 0.50 -10.69 2.08
N GLY B 39 1.70 -10.51 1.55
CA GLY B 39 2.29 -11.30 0.47
C GLY B 39 2.18 -10.59 -0.87
N GLY B 40 2.98 -11.06 -1.82
CA GLY B 40 2.89 -10.68 -3.24
C GLY B 40 3.30 -9.24 -3.59
N GLY B 41 3.79 -8.45 -2.65
CA GLY B 41 4.21 -7.05 -2.88
C GLY B 41 3.24 -5.98 -2.37
N TRP B 42 2.28 -6.35 -1.51
CA TRP B 42 1.22 -5.46 -1.03
C TRP B 42 1.29 -5.20 0.49
N LEU B 43 0.55 -4.17 0.90
CA LEU B 43 0.22 -3.83 2.27
C LEU B 43 -1.28 -3.47 2.34
N GLU B 44 -1.90 -3.73 3.48
CA GLU B 44 -3.27 -3.31 3.81
C GLU B 44 -3.22 -1.94 4.48
N GLY B 45 -4.09 -1.02 4.06
CA GLY B 45 -4.13 0.36 4.56
C GLY B 45 -5.51 0.98 4.52
N ARG B 46 -5.66 2.11 5.22
CA ARG B 46 -6.89 2.90 5.35
C ARG B 46 -6.64 4.38 5.12
N ASN B 47 -7.48 4.98 4.27
CA ASN B 47 -7.52 6.43 4.05
C ASN B 47 -8.45 7.17 5.01
N ILE B 48 -8.33 8.49 4.99
CA ILE B 48 -9.05 9.44 5.83
C ILE B 48 -10.57 9.18 5.92
N LYS B 49 -11.15 8.73 4.81
CA LYS B 49 -12.56 8.34 4.63
C LYS B 49 -13.01 7.25 5.61
N GLY B 50 -12.05 6.42 6.05
CA GLY B 50 -12.21 5.25 6.88
C GLY B 50 -12.32 3.93 6.13
N GLU B 51 -12.03 3.90 4.83
CA GLU B 51 -12.04 2.67 4.04
C GLU B 51 -10.70 1.97 4.03
N ARG B 52 -10.74 0.64 4.05
CA ARG B 52 -9.58 -0.25 3.96
C ARG B 52 -9.41 -0.84 2.56
N GLY B 53 -8.24 -1.42 2.31
CA GLY B 53 -7.97 -2.22 1.12
C GLY B 53 -6.47 -2.48 0.91
N LEU B 54 -6.15 -3.25 -0.12
CA LEU B 54 -4.77 -3.57 -0.51
C LEU B 54 -4.17 -2.47 -1.42
N VAL B 55 -2.90 -2.15 -1.19
CA VAL B 55 -2.07 -1.23 -1.99
C VAL B 55 -0.66 -1.81 -2.15
N PRO B 56 -0.04 -1.72 -3.34
CA PRO B 56 1.34 -2.15 -3.54
C PRO B 56 2.32 -1.35 -2.66
N THR B 57 3.13 -2.01 -1.83
CA THR B 57 4.11 -1.31 -0.96
C THR B 57 5.18 -0.58 -1.75
N ASP B 58 5.49 -1.06 -2.97
CA ASP B 58 6.41 -0.39 -3.89
C ASP B 58 5.96 1.03 -4.32
N TYR B 59 4.65 1.35 -4.20
CA TYR B 59 4.04 2.64 -4.49
C TYR B 59 3.98 3.63 -3.30
N VAL B 60 4.28 3.19 -2.07
CA VAL B 60 4.17 4.00 -0.84
C VAL B 60 5.44 3.90 0.01
N GLU B 61 5.56 4.72 1.06
CA GLU B 61 6.69 4.71 1.98
C GLU B 61 6.29 4.96 3.44
N ILE B 62 6.87 4.17 4.35
CA ILE B 62 6.54 4.22 5.78
C ILE B 62 7.10 5.49 6.46
N LEU B 63 6.23 6.17 7.21
CA LEU B 63 6.50 7.43 7.92
C LEU B 63 6.95 7.26 9.39
N PRO B 64 7.59 8.28 9.99
CA PRO B 64 8.00 8.28 11.40
C PRO B 64 6.81 8.34 12.37
N SER B 65 6.99 7.79 13.57
CA SER B 65 5.97 7.63 14.63
C SER B 65 6.03 8.69 15.75
N ASP B 66 6.52 9.89 15.45
CA ASP B 66 6.72 10.98 16.44
C ASP B 66 5.42 11.49 17.10
N GLY B 67 4.26 11.30 16.46
CA GLY B 67 2.96 11.81 16.88
C GLY B 67 2.73 13.24 16.40
N ALA A 1 -12.22 -12.12 6.86
CA ALA A 1 -11.12 -13.12 6.79
C ALA A 1 -10.07 -12.86 7.89
N GLU A 2 -9.13 -13.78 8.10
CA GLU A 2 -7.98 -13.58 9.01
C GLU A 2 -7.06 -12.45 8.52
N ARG A 3 -6.73 -12.47 7.22
CA ARG A 3 -6.04 -11.39 6.49
C ARG A 3 -6.74 -11.10 5.16
N LEU A 4 -6.62 -9.87 4.68
CA LEU A 4 -7.02 -9.47 3.33
C LEU A 4 -6.03 -10.09 2.32
N ILE A 5 -6.52 -10.78 1.28
CA ILE A 5 -5.66 -11.54 0.36
C ILE A 5 -5.54 -10.86 -1.03
N PRO A 6 -4.31 -10.49 -1.47
CA PRO A 6 -4.08 -10.07 -2.85
C PRO A 6 -4.24 -11.21 -3.85
N ARG A 7 -5.18 -11.04 -4.79
CA ARG A 7 -5.47 -12.00 -5.89
C ARG A 7 -4.50 -11.94 -7.08
N ARG A 8 -3.43 -11.15 -6.98
CA ARG A 8 -2.36 -10.98 -7.98
C ARG A 8 -1.06 -10.43 -7.34
N PRO A 9 0.14 -10.71 -7.88
CA PRO A 9 1.38 -10.04 -7.45
C PRO A 9 1.34 -8.53 -7.74
N ALA A 10 2.00 -7.72 -6.91
CA ALA A 10 1.96 -6.25 -7.01
C ALA A 10 2.45 -5.72 -8.38
N PRO A 11 1.73 -4.76 -9.01
CA PRO A 11 2.08 -4.21 -10.32
C PRO A 11 3.38 -3.38 -10.30
N PRO A 12 4.01 -3.15 -11.48
CA PRO A 12 5.21 -2.32 -11.60
C PRO A 12 4.92 -0.85 -11.26
N VAL A 13 5.82 -0.23 -10.51
CA VAL A 13 5.73 1.19 -10.10
C VAL A 13 6.37 2.12 -11.15
N PRO A 14 5.78 3.28 -11.46
CA PRO A 14 6.24 4.18 -12.54
C PRO A 14 7.44 5.06 -12.14
N VAL A 15 8.40 4.48 -11.42
CA VAL A 15 9.66 5.11 -11.01
C VAL A 15 10.55 5.39 -12.23
N PRO A 16 11.24 6.55 -12.33
CA PRO A 16 12.18 6.89 -13.40
C PRO A 16 13.52 6.12 -13.27
N ALA A 17 13.43 4.79 -13.36
CA ALA A 17 14.52 3.82 -13.39
C ALA A 17 14.01 2.50 -14.00
N ARG A 18 14.65 2.05 -15.08
CA ARG A 18 14.32 0.79 -15.79
C ARG A 18 15.45 -0.23 -15.72
N ILE A 19 15.08 -1.50 -15.52
CA ILE A 19 15.99 -2.65 -15.33
C ILE A 19 15.53 -3.85 -16.19
N PRO A 20 16.32 -4.93 -16.32
CA PRO A 20 15.94 -6.10 -17.11
C PRO A 20 14.60 -6.73 -16.69
N SER A 21 13.84 -7.20 -17.68
CA SER A 21 12.58 -7.95 -17.45
C SER A 21 12.84 -9.32 -16.80
N PRO A 22 11.86 -9.90 -16.08
CA PRO A 22 11.96 -11.27 -15.58
C PRO A 22 11.99 -12.27 -16.75
N ARG A 23 12.99 -13.17 -16.74
CA ARG A 23 13.23 -14.17 -17.78
C ARG A 23 12.67 -15.53 -17.38
N GLY B 1 -2.99 -6.77 16.56
CA GLY B 1 -3.38 -5.35 16.65
C GLY B 1 -2.61 -4.64 17.75
N SER B 2 -2.38 -3.32 17.59
CA SER B 2 -1.61 -2.49 18.53
C SER B 2 -2.29 -1.13 18.80
N HIS B 3 -2.06 -0.50 19.95
CA HIS B 3 -2.67 0.79 20.33
C HIS B 3 -2.21 1.98 19.48
N MET B 4 -1.00 1.95 18.93
CA MET B 4 -0.49 2.93 17.97
C MET B 4 -0.70 2.46 16.53
N ALA B 5 -1.35 3.29 15.69
CA ALA B 5 -1.50 3.01 14.27
C ALA B 5 -0.31 3.54 13.44
N THR B 6 0.27 2.68 12.59
CA THR B 6 1.33 3.02 11.63
C THR B 6 0.78 3.86 10.48
N LYS B 7 1.62 4.71 9.86
CA LYS B 7 1.22 5.62 8.77
C LYS B 7 2.11 5.47 7.53
N ALA B 8 1.62 5.83 6.35
CA ALA B 8 2.40 5.90 5.12
C ALA B 8 1.97 7.05 4.21
N ARG B 9 2.91 7.58 3.41
CA ARG B 9 2.65 8.52 2.30
C ARG B 9 2.75 7.80 0.96
N VAL B 10 1.89 8.16 0.02
CA VAL B 10 1.93 7.66 -1.36
C VAL B 10 3.02 8.36 -2.19
N MET B 11 3.77 7.56 -2.95
CA MET B 11 4.83 7.99 -3.87
C MET B 11 4.36 8.06 -5.34
N TYR B 12 3.33 7.30 -5.73
CA TYR B 12 2.73 7.32 -7.07
C TYR B 12 1.22 7.01 -7.04
N ASP B 13 0.46 7.60 -7.96
CA ASP B 13 -0.99 7.37 -8.10
C ASP B 13 -1.34 5.89 -8.38
N PHE B 14 -2.47 5.41 -7.83
CA PHE B 14 -2.95 4.03 -7.96
C PHE B 14 -4.48 3.97 -8.06
N ALA B 15 -5.01 2.83 -8.53
CA ALA B 15 -6.44 2.58 -8.67
C ALA B 15 -6.78 1.11 -8.39
N ALA B 16 -7.79 0.86 -7.57
CA ALA B 16 -8.23 -0.48 -7.19
C ALA B 16 -8.99 -1.22 -8.30
N GLU B 17 -8.62 -2.46 -8.53
CA GLU B 17 -9.36 -3.41 -9.36
C GLU B 17 -10.58 -4.01 -8.65
N PRO B 18 -11.66 -4.37 -9.38
CA PRO B 18 -12.76 -5.14 -8.83
C PRO B 18 -12.29 -6.54 -8.44
N GLY B 19 -12.91 -7.09 -7.39
CA GLY B 19 -12.70 -8.45 -6.88
C GLY B 19 -11.36 -8.73 -6.19
N ASN B 20 -10.32 -7.89 -6.41
CA ASN B 20 -8.98 -8.09 -5.88
C ASN B 20 -8.75 -7.61 -4.43
N ASN B 21 -9.67 -6.83 -3.87
CA ASN B 21 -9.60 -6.20 -2.53
C ASN B 21 -8.66 -4.99 -2.39
N GLU B 22 -8.40 -4.24 -3.47
CA GLU B 22 -7.47 -3.10 -3.50
C GLU B 22 -8.11 -1.79 -2.97
N LEU B 23 -7.29 -0.75 -2.69
CA LEU B 23 -7.72 0.60 -2.28
C LEU B 23 -7.10 1.68 -3.19
N THR B 24 -7.93 2.48 -3.88
CA THR B 24 -7.49 3.61 -4.74
C THR B 24 -6.86 4.70 -3.90
N VAL B 25 -5.73 5.26 -4.34
CA VAL B 25 -5.00 6.34 -3.64
C VAL B 25 -4.27 7.25 -4.64
N ASN B 26 -3.96 8.48 -4.23
CA ASN B 26 -3.22 9.46 -5.03
C ASN B 26 -1.85 9.79 -4.42
N GLU B 27 -0.87 10.15 -5.26
CA GLU B 27 0.48 10.52 -4.82
C GLU B 27 0.47 11.70 -3.83
N GLY B 28 1.27 11.59 -2.77
CA GLY B 28 1.33 12.55 -1.68
C GLY B 28 0.20 12.45 -0.65
N GLU B 29 -0.79 11.60 -0.90
CA GLU B 29 -1.82 11.28 0.10
C GLU B 29 -1.21 10.52 1.29
N ILE B 30 -1.70 10.82 2.49
CA ILE B 30 -1.41 10.04 3.71
C ILE B 30 -2.51 9.00 3.95
N ILE B 31 -2.12 7.77 4.30
CA ILE B 31 -3.00 6.67 4.74
C ILE B 31 -2.47 6.01 6.01
N THR B 32 -3.37 5.41 6.79
CA THR B 32 -2.99 4.58 7.94
C THR B 32 -2.68 3.16 7.44
N ILE B 33 -1.54 2.60 7.80
CA ILE B 33 -1.17 1.21 7.50
C ILE B 33 -1.75 0.26 8.54
N THR B 34 -2.36 -0.83 8.08
CA THR B 34 -3.04 -1.82 8.93
C THR B 34 -2.42 -3.22 8.85
N ASN B 35 -1.81 -3.62 7.72
CA ASN B 35 -1.14 -4.92 7.56
C ASN B 35 0.05 -4.86 6.58
N PRO B 36 1.27 -4.54 7.04
CA PRO B 36 2.44 -4.34 6.18
C PRO B 36 3.03 -5.60 5.50
N ASP B 37 2.51 -6.80 5.77
CA ASP B 37 2.96 -8.08 5.19
C ASP B 37 1.78 -9.03 4.92
N VAL B 38 1.14 -8.87 3.76
CA VAL B 38 -0.04 -9.64 3.32
C VAL B 38 0.32 -10.77 2.35
N GLY B 39 1.48 -10.67 1.69
CA GLY B 39 1.94 -11.55 0.62
C GLY B 39 1.88 -10.85 -0.74
N GLY B 40 2.68 -11.33 -1.69
CA GLY B 40 2.62 -10.94 -3.11
C GLY B 40 3.09 -9.52 -3.46
N GLY B 41 3.67 -8.77 -2.51
CA GLY B 41 4.23 -7.43 -2.74
C GLY B 41 3.33 -6.26 -2.29
N TRP B 42 2.34 -6.51 -1.43
CA TRP B 42 1.34 -5.52 -1.00
C TRP B 42 1.43 -5.18 0.49
N LEU B 43 0.60 -4.22 0.90
CA LEU B 43 0.30 -3.86 2.28
C LEU B 43 -1.19 -3.48 2.39
N GLU B 44 -1.81 -3.67 3.56
CA GLU B 44 -3.15 -3.17 3.85
C GLU B 44 -3.05 -1.74 4.41
N GLY B 45 -3.95 -0.86 3.96
CA GLY B 45 -4.11 0.49 4.47
C GLY B 45 -5.55 0.98 4.44
N ARG B 46 -5.81 2.09 5.15
CA ARG B 46 -7.08 2.84 5.18
C ARG B 46 -6.84 4.32 4.88
N ASN B 47 -7.70 4.86 4.02
CA ASN B 47 -7.79 6.29 3.70
C ASN B 47 -8.83 7.05 4.50
N ILE B 48 -8.85 8.36 4.26
CA ILE B 48 -9.75 9.36 4.87
C ILE B 48 -11.22 8.93 4.96
N LYS B 49 -11.69 8.19 3.95
CA LYS B 49 -13.05 7.64 3.83
C LYS B 49 -13.41 6.58 4.88
N GLY B 50 -12.41 6.06 5.57
CA GLY B 50 -12.50 4.94 6.50
C GLY B 50 -12.70 3.62 5.77
N GLU B 51 -12.29 3.56 4.50
CA GLU B 51 -12.25 2.32 3.73
C GLU B 51 -10.85 1.75 3.76
N ARG B 52 -10.78 0.41 3.80
CA ARG B 52 -9.55 -0.38 3.75
C ARG B 52 -9.40 -1.18 2.47
N GLY B 53 -8.16 -1.52 2.18
CA GLY B 53 -7.82 -2.38 1.06
C GLY B 53 -6.32 -2.50 0.86
N LEU B 54 -5.95 -3.29 -0.14
CA LEU B 54 -4.58 -3.59 -0.52
C LEU B 54 -3.99 -2.50 -1.43
N VAL B 55 -2.73 -2.14 -1.16
CA VAL B 55 -1.93 -1.22 -1.96
C VAL B 55 -0.51 -1.77 -2.13
N PRO B 56 0.11 -1.64 -3.33
CA PRO B 56 1.48 -2.05 -3.57
C PRO B 56 2.47 -1.23 -2.71
N THR B 57 3.28 -1.87 -1.88
CA THR B 57 4.25 -1.15 -1.01
C THR B 57 5.34 -0.40 -1.80
N ASP B 58 5.67 -0.82 -3.02
CA ASP B 58 6.57 -0.10 -3.92
C ASP B 58 6.07 1.32 -4.27
N TYR B 59 4.75 1.54 -4.20
CA TYR B 59 4.07 2.81 -4.48
C TYR B 59 3.97 3.74 -3.27
N VAL B 60 4.30 3.31 -2.04
CA VAL B 60 4.15 4.10 -0.79
C VAL B 60 5.40 4.03 0.09
N GLU B 61 5.47 4.83 1.15
CA GLU B 61 6.59 4.83 2.12
C GLU B 61 6.11 4.88 3.58
N ILE B 62 6.65 4.00 4.42
CA ILE B 62 6.25 3.87 5.84
C ILE B 62 6.86 5.02 6.67
N LEU B 63 5.99 5.88 7.18
CA LEU B 63 6.35 7.08 7.94
C LEU B 63 6.76 6.74 9.39
N PRO B 64 7.56 7.60 10.06
CA PRO B 64 7.89 7.42 11.48
C PRO B 64 6.59 7.43 12.29
N SER B 65 6.33 6.33 13.00
CA SER B 65 5.06 6.09 13.68
C SER B 65 5.11 5.87 15.20
N ASP B 66 6.27 6.00 15.83
CA ASP B 66 6.44 5.88 17.28
C ASP B 66 5.99 7.16 18.03
N GLY B 67 4.66 7.34 18.13
CA GLY B 67 3.99 8.52 18.74
C GLY B 67 4.05 8.59 20.27
N ALA A 1 -14.47 -11.74 6.16
CA ALA A 1 -14.58 -10.43 6.83
C ALA A 1 -13.26 -9.65 6.81
N GLU A 2 -12.20 -10.16 7.46
CA GLU A 2 -10.92 -9.44 7.65
C GLU A 2 -9.66 -10.15 7.11
N ARG A 3 -9.78 -11.38 6.58
CA ARG A 3 -8.66 -12.11 5.94
C ARG A 3 -8.45 -11.68 4.48
N LEU A 4 -8.11 -10.40 4.32
CA LEU A 4 -7.84 -9.73 3.06
C LEU A 4 -6.54 -10.26 2.43
N ILE A 5 -6.58 -10.66 1.16
CA ILE A 5 -5.47 -11.31 0.45
C ILE A 5 -5.33 -10.78 -1.00
N PRO A 6 -4.14 -10.37 -1.45
CA PRO A 6 -3.93 -9.89 -2.82
C PRO A 6 -4.00 -10.99 -3.89
N ARG A 7 -5.03 -10.92 -4.74
CA ARG A 7 -5.35 -11.88 -5.81
C ARG A 7 -4.41 -11.83 -7.03
N ARG A 8 -3.34 -11.03 -6.96
CA ARG A 8 -2.31 -10.78 -7.99
C ARG A 8 -1.01 -10.26 -7.35
N PRO A 9 0.18 -10.46 -7.95
CA PRO A 9 1.42 -9.81 -7.51
C PRO A 9 1.36 -8.27 -7.65
N ALA A 10 2.20 -7.53 -6.93
CA ALA A 10 2.28 -6.07 -7.08
C ALA A 10 2.69 -5.65 -8.52
N PRO A 11 2.03 -4.64 -9.11
CA PRO A 11 2.28 -4.18 -10.49
C PRO A 11 3.57 -3.33 -10.65
N PRO A 12 4.05 -3.11 -11.88
CA PRO A 12 5.23 -2.27 -12.17
C PRO A 12 5.02 -0.78 -11.81
N VAL A 13 5.69 -0.32 -10.74
CA VAL A 13 5.63 1.07 -10.26
C VAL A 13 6.32 2.01 -11.26
N PRO A 14 5.76 3.21 -11.54
CA PRO A 14 6.25 4.12 -12.58
C PRO A 14 7.43 5.00 -12.13
N VAL A 15 8.42 4.38 -11.51
CA VAL A 15 9.70 5.02 -11.15
C VAL A 15 10.55 5.26 -12.42
N PRO A 16 11.26 6.40 -12.55
CA PRO A 16 12.23 6.64 -13.62
C PRO A 16 13.56 5.90 -13.36
N ALA A 17 13.50 4.56 -13.34
CA ALA A 17 14.60 3.67 -13.01
C ALA A 17 14.40 2.30 -13.67
N ARG A 18 15.47 1.79 -14.28
CA ARG A 18 15.53 0.53 -15.05
C ARG A 18 16.63 -0.41 -14.55
N ILE A 19 16.24 -1.52 -13.95
CA ILE A 19 17.14 -2.56 -13.41
C ILE A 19 18.09 -3.13 -14.49
N PRO A 20 19.32 -3.54 -14.13
CA PRO A 20 20.28 -4.12 -15.07
C PRO A 20 19.89 -5.53 -15.53
N SER A 21 20.45 -5.97 -16.66
CA SER A 21 20.34 -7.35 -17.17
C SER A 21 21.00 -8.38 -16.23
N PRO A 22 20.56 -9.65 -16.25
CA PRO A 22 21.17 -10.71 -15.43
C PRO A 22 22.66 -10.95 -15.74
N ARG A 23 23.46 -11.21 -14.71
CA ARG A 23 24.86 -11.63 -14.75
C ARG A 23 25.01 -13.14 -14.55
N GLY B 1 5.28 -3.76 20.63
CA GLY B 1 4.74 -3.28 19.34
C GLY B 1 3.23 -3.26 19.32
N SER B 2 2.66 -2.74 18.23
CA SER B 2 1.20 -2.70 17.99
C SER B 2 0.38 -1.91 19.03
N HIS B 3 0.96 -0.87 19.64
CA HIS B 3 0.27 0.03 20.58
C HIS B 3 -0.20 1.35 19.92
N MET B 4 0.46 1.77 18.84
CA MET B 4 0.11 2.95 18.02
C MET B 4 -0.02 2.56 16.54
N ALA B 5 -0.94 3.20 15.80
CA ALA B 5 -1.15 2.92 14.38
C ALA B 5 -0.02 3.50 13.50
N THR B 6 0.59 2.65 12.68
CA THR B 6 1.58 3.04 11.66
C THR B 6 0.89 3.77 10.50
N LYS B 7 1.65 4.61 9.78
CA LYS B 7 1.15 5.49 8.71
C LYS B 7 2.02 5.35 7.44
N ALA B 8 1.54 5.79 6.28
CA ALA B 8 2.35 5.86 5.05
C ALA B 8 1.89 6.99 4.12
N ARG B 9 2.83 7.56 3.34
CA ARG B 9 2.56 8.49 2.23
C ARG B 9 2.70 7.79 0.88
N VAL B 10 1.89 8.19 -0.10
CA VAL B 10 1.95 7.66 -1.47
C VAL B 10 3.01 8.35 -2.33
N MET B 11 3.74 7.56 -3.12
CA MET B 11 4.79 8.01 -4.04
C MET B 11 4.33 8.09 -5.51
N TYR B 12 3.32 7.30 -5.90
CA TYR B 12 2.70 7.30 -7.23
C TYR B 12 1.21 6.94 -7.14
N ASP B 13 0.34 7.56 -7.95
CA ASP B 13 -1.10 7.26 -7.92
C ASP B 13 -1.44 5.80 -8.33
N PHE B 14 -2.45 5.23 -7.67
CA PHE B 14 -2.87 3.83 -7.79
C PHE B 14 -4.40 3.71 -7.87
N ALA B 15 -4.89 2.70 -8.60
CA ALA B 15 -6.31 2.44 -8.81
C ALA B 15 -6.66 0.96 -8.54
N ALA B 16 -7.58 0.75 -7.59
CA ALA B 16 -7.99 -0.56 -7.10
C ALA B 16 -8.84 -1.39 -8.05
N GLU B 17 -8.54 -2.69 -8.13
CA GLU B 17 -9.39 -3.70 -8.76
C GLU B 17 -10.60 -4.05 -7.85
N PRO B 18 -11.79 -4.27 -8.44
CA PRO B 18 -13.04 -4.49 -7.70
C PRO B 18 -13.15 -5.87 -7.02
N GLY B 19 -12.71 -6.95 -7.68
CA GLY B 19 -12.82 -8.33 -7.16
C GLY B 19 -11.71 -8.70 -6.18
N ASN B 20 -10.66 -7.86 -6.08
CA ASN B 20 -9.47 -8.10 -5.27
C ASN B 20 -9.47 -7.36 -3.93
N ASN B 21 -10.36 -6.36 -3.76
CA ASN B 21 -10.53 -5.56 -2.54
C ASN B 21 -9.34 -4.61 -2.25
N GLU B 22 -8.69 -4.10 -3.30
CA GLU B 22 -7.64 -3.08 -3.23
C GLU B 22 -8.22 -1.69 -2.82
N LEU B 23 -7.37 -0.71 -2.46
CA LEU B 23 -7.77 0.66 -2.08
C LEU B 23 -7.11 1.72 -2.98
N THR B 24 -7.90 2.54 -3.67
CA THR B 24 -7.43 3.62 -4.56
C THR B 24 -6.85 4.78 -3.77
N VAL B 25 -5.67 5.26 -4.18
CA VAL B 25 -4.94 6.33 -3.51
C VAL B 25 -4.21 7.22 -4.52
N ASN B 26 -4.05 8.50 -4.21
CA ASN B 26 -3.31 9.46 -5.02
C ASN B 26 -1.92 9.73 -4.44
N GLU B 27 -0.98 10.11 -5.29
CA GLU B 27 0.38 10.51 -4.87
C GLU B 27 0.35 11.66 -3.85
N GLY B 28 1.17 11.56 -2.81
CA GLY B 28 1.20 12.50 -1.71
C GLY B 28 0.08 12.34 -0.67
N GLU B 29 -0.90 11.48 -0.93
CA GLU B 29 -1.92 11.14 0.08
C GLU B 29 -1.30 10.38 1.28
N ILE B 30 -1.83 10.61 2.47
CA ILE B 30 -1.50 9.91 3.70
C ILE B 30 -2.59 8.88 4.05
N ILE B 31 -2.19 7.66 4.43
CA ILE B 31 -3.08 6.58 4.88
C ILE B 31 -2.54 5.87 6.13
N THR B 32 -3.43 5.30 6.93
CA THR B 32 -3.06 4.49 8.10
C THR B 32 -2.85 3.04 7.66
N ILE B 33 -1.83 2.36 8.16
CA ILE B 33 -1.61 0.93 7.87
C ILE B 33 -2.51 0.05 8.76
N THR B 34 -3.10 -0.99 8.16
CA THR B 34 -3.81 -2.08 8.84
C THR B 34 -3.07 -3.41 8.79
N ASN B 35 -2.27 -3.68 7.74
CA ASN B 35 -1.47 -4.90 7.62
C ASN B 35 -0.25 -4.76 6.67
N PRO B 36 0.96 -4.50 7.18
CA PRO B 36 2.13 -4.22 6.35
C PRO B 36 2.73 -5.39 5.55
N ASP B 37 2.31 -6.64 5.79
CA ASP B 37 2.89 -7.84 5.16
C ASP B 37 1.85 -8.90 4.82
N VAL B 38 1.09 -8.67 3.75
CA VAL B 38 -0.05 -9.50 3.31
C VAL B 38 0.32 -10.59 2.29
N GLY B 39 1.52 -10.54 1.73
CA GLY B 39 1.97 -11.43 0.66
C GLY B 39 1.93 -10.74 -0.70
N GLY B 40 2.64 -11.32 -1.66
CA GLY B 40 2.62 -10.94 -3.07
C GLY B 40 3.12 -9.52 -3.40
N GLY B 41 3.73 -8.82 -2.45
CA GLY B 41 4.26 -7.46 -2.63
C GLY B 41 3.39 -6.29 -2.14
N TRP B 42 2.40 -6.54 -1.29
CA TRP B 42 1.42 -5.54 -0.85
C TRP B 42 1.46 -5.21 0.65
N LEU B 43 0.69 -4.20 1.02
CA LEU B 43 0.33 -3.79 2.37
C LEU B 43 -1.16 -3.41 2.41
N GLU B 44 -1.81 -3.52 3.57
CA GLU B 44 -3.19 -3.11 3.81
C GLU B 44 -3.23 -1.75 4.52
N GLY B 45 -4.14 -0.86 4.11
CA GLY B 45 -4.31 0.47 4.71
C GLY B 45 -5.71 1.03 4.59
N ARG B 46 -5.96 2.15 5.30
CA ARG B 46 -7.21 2.91 5.32
C ARG B 46 -6.96 4.39 5.05
N ASN B 47 -7.78 4.98 4.19
CA ASN B 47 -7.84 6.42 3.94
C ASN B 47 -8.86 7.13 4.79
N ILE B 48 -8.80 8.46 4.76
CA ILE B 48 -9.66 9.39 5.48
C ILE B 48 -11.16 9.02 5.42
N LYS B 49 -11.60 8.49 4.28
CA LYS B 49 -12.98 8.06 3.98
C LYS B 49 -13.48 6.91 4.88
N GLY B 50 -12.56 6.23 5.57
CA GLY B 50 -12.75 5.07 6.44
C GLY B 50 -12.80 3.73 5.72
N GLU B 51 -12.42 3.71 4.44
CA GLU B 51 -12.35 2.49 3.65
C GLU B 51 -10.95 1.89 3.75
N ARG B 52 -10.89 0.56 3.75
CA ARG B 52 -9.63 -0.20 3.75
C ARG B 52 -9.40 -0.94 2.45
N GLY B 53 -8.16 -1.38 2.25
CA GLY B 53 -7.81 -2.29 1.17
C GLY B 53 -6.32 -2.42 0.94
N LEU B 54 -6.00 -3.26 -0.04
CA LEU B 54 -4.64 -3.60 -0.43
C LEU B 54 -4.04 -2.53 -1.37
N VAL B 55 -2.78 -2.19 -1.13
CA VAL B 55 -1.95 -1.29 -1.94
C VAL B 55 -0.53 -1.86 -2.07
N PRO B 56 0.10 -1.76 -3.25
CA PRO B 56 1.48 -2.18 -3.45
C PRO B 56 2.47 -1.34 -2.62
N THR B 57 3.32 -1.96 -1.79
CA THR B 57 4.28 -1.21 -0.95
C THR B 57 5.37 -0.50 -1.76
N ASP B 58 5.63 -0.94 -2.99
CA ASP B 58 6.49 -0.22 -3.95
C ASP B 58 5.95 1.19 -4.31
N TYR B 59 4.63 1.41 -4.22
CA TYR B 59 3.97 2.68 -4.54
C TYR B 59 3.91 3.67 -3.36
N VAL B 60 4.26 3.26 -2.14
CA VAL B 60 4.13 4.08 -0.91
C VAL B 60 5.42 4.05 -0.07
N GLU B 61 5.49 4.92 0.92
CA GLU B 61 6.58 5.01 1.90
C GLU B 61 6.04 5.02 3.33
N ILE B 62 6.55 4.12 4.16
CA ILE B 62 6.17 4.02 5.56
C ILE B 62 6.65 5.28 6.31
N LEU B 63 5.75 5.87 7.08
CA LEU B 63 5.98 6.96 8.01
C LEU B 63 6.07 6.42 9.47
N PRO B 64 6.66 7.18 10.42
CA PRO B 64 6.74 6.77 11.81
C PRO B 64 5.36 6.61 12.46
N SER B 65 5.23 5.60 13.33
CA SER B 65 4.09 5.33 14.22
C SER B 65 4.01 6.28 15.42
N ASP B 66 4.13 7.58 15.12
CA ASP B 66 4.19 8.69 16.07
C ASP B 66 2.80 9.14 16.61
N GLY B 67 1.70 8.47 16.24
CA GLY B 67 0.35 8.66 16.79
C GLY B 67 -0.31 10.04 16.63
N ALA A 1 -15.69 -14.40 7.79
CA ALA A 1 -14.72 -13.53 8.48
C ALA A 1 -14.07 -12.57 7.50
N GLU A 2 -14.07 -11.27 7.82
CA GLU A 2 -13.54 -10.22 6.93
C GLU A 2 -12.00 -10.18 6.94
N ARG A 3 -11.36 -10.84 5.97
CA ARG A 3 -9.89 -10.87 5.77
C ARG A 3 -9.48 -10.47 4.36
N LEU A 4 -8.34 -9.79 4.23
CA LEU A 4 -7.73 -9.36 2.97
C LEU A 4 -6.43 -10.10 2.66
N ILE A 5 -6.38 -10.68 1.46
CA ILE A 5 -5.21 -11.32 0.83
C ILE A 5 -5.18 -10.91 -0.66
N PRO A 6 -4.03 -10.51 -1.23
CA PRO A 6 -3.93 -10.13 -2.64
C PRO A 6 -4.09 -11.33 -3.59
N ARG A 7 -4.84 -11.09 -4.67
CA ARG A 7 -5.24 -12.10 -5.68
C ARG A 7 -4.31 -12.17 -6.90
N ARG A 8 -3.25 -11.35 -6.90
CA ARG A 8 -2.23 -11.17 -7.95
C ARG A 8 -0.94 -10.56 -7.36
N PRO A 9 0.22 -10.67 -8.01
CA PRO A 9 1.44 -9.93 -7.63
C PRO A 9 1.24 -8.41 -7.80
N ALA A 10 2.00 -7.59 -7.06
CA ALA A 10 1.94 -6.14 -7.16
C ALA A 10 2.29 -5.61 -8.56
N PRO A 11 1.59 -4.58 -9.08
CA PRO A 11 1.87 -4.00 -10.40
C PRO A 11 3.24 -3.28 -10.48
N PRO A 12 3.77 -3.04 -11.70
CA PRO A 12 5.00 -2.27 -11.90
C PRO A 12 4.85 -0.80 -11.50
N VAL A 13 5.83 -0.26 -10.76
CA VAL A 13 5.85 1.14 -10.29
C VAL A 13 6.62 2.03 -11.29
N PRO A 14 6.13 3.23 -11.64
CA PRO A 14 6.70 4.09 -12.70
C PRO A 14 7.94 4.90 -12.29
N VAL A 15 8.93 4.25 -11.67
CA VAL A 15 10.23 4.84 -11.32
C VAL A 15 11.22 4.75 -12.51
N PRO A 16 11.99 5.82 -12.83
CA PRO A 16 13.01 5.80 -13.88
C PRO A 16 14.23 4.96 -13.47
N ALA A 17 14.28 3.71 -13.93
CA ALA A 17 15.32 2.70 -13.72
C ALA A 17 15.00 1.52 -14.67
N ARG A 18 16.03 0.86 -15.24
CA ARG A 18 15.86 -0.19 -16.25
C ARG A 18 14.99 -1.37 -15.77
N ILE A 19 13.99 -1.74 -16.56
CA ILE A 19 13.09 -2.88 -16.31
C ILE A 19 13.54 -4.15 -17.07
N PRO A 20 13.11 -5.35 -16.65
CA PRO A 20 13.30 -6.60 -17.41
C PRO A 20 12.32 -6.66 -18.61
N SER A 21 12.51 -5.78 -19.59
CA SER A 21 11.68 -5.70 -20.80
C SER A 21 11.96 -6.87 -21.76
N PRO A 22 10.93 -7.48 -22.38
CA PRO A 22 11.08 -8.49 -23.43
C PRO A 22 11.85 -7.97 -24.65
N ARG A 23 12.31 -8.89 -25.51
CA ARG A 23 13.06 -8.58 -26.73
C ARG A 23 12.26 -7.81 -27.79
N GLY B 1 -2.88 0.12 26.12
CA GLY B 1 -1.72 0.92 26.52
C GLY B 1 -0.73 1.05 25.38
N SER B 2 -0.35 2.29 25.04
CA SER B 2 0.64 2.71 24.04
C SER B 2 0.42 2.17 22.60
N HIS B 3 -0.82 1.87 22.19
CA HIS B 3 -1.13 1.53 20.79
C HIS B 3 -1.14 2.77 19.88
N MET B 4 -0.43 2.68 18.76
CA MET B 4 -0.47 3.63 17.64
C MET B 4 -0.58 2.86 16.33
N ALA B 5 -1.62 3.13 15.54
CA ALA B 5 -1.73 2.61 14.18
C ALA B 5 -0.60 3.17 13.30
N THR B 6 0.04 2.31 12.51
CA THR B 6 1.09 2.72 11.55
C THR B 6 0.49 3.55 10.42
N LYS B 7 1.30 4.38 9.77
CA LYS B 7 0.89 5.34 8.73
C LYS B 7 1.84 5.29 7.53
N ALA B 8 1.38 5.72 6.36
CA ALA B 8 2.21 5.80 5.15
C ALA B 8 1.78 6.93 4.20
N ARG B 9 2.73 7.51 3.46
CA ARG B 9 2.50 8.44 2.35
C ARG B 9 2.63 7.72 1.00
N VAL B 10 1.83 8.12 0.02
CA VAL B 10 1.90 7.61 -1.36
C VAL B 10 3.00 8.28 -2.19
N MET B 11 3.72 7.49 -2.98
CA MET B 11 4.83 7.89 -3.85
C MET B 11 4.45 7.96 -5.35
N TYR B 12 3.42 7.19 -5.76
CA TYR B 12 2.84 7.20 -7.11
C TYR B 12 1.34 6.85 -7.01
N ASP B 13 0.48 7.53 -7.79
CA ASP B 13 -0.97 7.29 -7.81
C ASP B 13 -1.34 5.87 -8.25
N PHE B 14 -2.40 5.31 -7.65
CA PHE B 14 -2.86 3.94 -7.85
C PHE B 14 -4.38 3.81 -7.88
N ALA B 15 -4.87 2.90 -8.72
CA ALA B 15 -6.28 2.53 -8.84
C ALA B 15 -6.54 1.10 -8.39
N ALA B 16 -7.64 0.90 -7.65
CA ALA B 16 -8.13 -0.43 -7.32
C ALA B 16 -8.81 -1.12 -8.52
N GLU B 17 -8.64 -2.44 -8.61
CA GLU B 17 -9.36 -3.33 -9.51
C GLU B 17 -10.65 -3.90 -8.87
N PRO B 18 -11.69 -4.20 -9.65
CA PRO B 18 -12.99 -4.65 -9.14
C PRO B 18 -12.91 -6.07 -8.57
N GLY B 19 -13.46 -6.26 -7.37
CA GLY B 19 -13.52 -7.54 -6.65
C GLY B 19 -12.21 -8.05 -6.03
N ASN B 20 -11.06 -7.50 -6.44
CA ASN B 20 -9.75 -7.81 -5.84
C ASN B 20 -9.59 -7.31 -4.38
N ASN B 21 -10.36 -6.30 -3.98
CA ASN B 21 -10.32 -5.62 -2.67
C ASN B 21 -9.14 -4.65 -2.44
N GLU B 22 -8.62 -4.02 -3.50
CA GLU B 22 -7.59 -2.97 -3.39
C GLU B 22 -8.19 -1.63 -2.86
N LEU B 23 -7.35 -0.64 -2.55
CA LEU B 23 -7.76 0.74 -2.20
C LEU B 23 -7.09 1.76 -3.14
N THR B 24 -7.89 2.50 -3.91
CA THR B 24 -7.42 3.61 -4.76
C THR B 24 -6.82 4.72 -3.90
N VAL B 25 -5.67 5.25 -4.32
CA VAL B 25 -4.95 6.33 -3.62
C VAL B 25 -4.24 7.26 -4.61
N ASN B 26 -4.03 8.52 -4.21
CA ASN B 26 -3.30 9.53 -4.99
C ASN B 26 -1.90 9.80 -4.42
N GLU B 27 -0.93 10.19 -5.23
CA GLU B 27 0.42 10.54 -4.76
C GLU B 27 0.41 11.66 -3.71
N GLY B 28 1.20 11.51 -2.65
CA GLY B 28 1.22 12.45 -1.53
C GLY B 28 0.08 12.31 -0.54
N GLU B 29 -0.89 11.44 -0.80
CA GLU B 29 -1.95 11.09 0.16
C GLU B 29 -1.35 10.34 1.36
N ILE B 30 -1.83 10.65 2.57
CA ILE B 30 -1.54 9.89 3.79
C ILE B 30 -2.64 8.83 4.04
N ILE B 31 -2.25 7.59 4.37
CA ILE B 31 -3.16 6.50 4.79
C ILE B 31 -2.67 5.80 6.06
N THR B 32 -3.59 5.21 6.82
CA THR B 32 -3.29 4.37 7.99
C THR B 32 -3.06 2.95 7.49
N ILE B 33 -2.02 2.26 7.96
CA ILE B 33 -1.75 0.86 7.63
C ILE B 33 -2.57 -0.07 8.54
N THR B 34 -3.25 -1.04 7.96
CA THR B 34 -3.91 -2.14 8.69
C THR B 34 -3.11 -3.44 8.66
N ASN B 35 -2.25 -3.66 7.65
CA ASN B 35 -1.33 -4.80 7.59
C ASN B 35 -0.12 -4.55 6.66
N PRO B 36 1.11 -4.31 7.18
CA PRO B 36 2.26 -3.92 6.38
C PRO B 36 2.88 -4.99 5.48
N ASP B 37 2.46 -6.24 5.59
CA ASP B 37 2.81 -7.29 4.64
C ASP B 37 1.68 -8.32 4.58
N VAL B 38 1.14 -8.51 3.38
CA VAL B 38 0.07 -9.49 3.09
C VAL B 38 0.49 -10.55 2.06
N GLY B 39 1.66 -10.37 1.45
CA GLY B 39 2.19 -11.19 0.36
C GLY B 39 2.10 -10.48 -1.00
N GLY B 40 2.87 -10.99 -1.96
CA GLY B 40 2.85 -10.63 -3.38
C GLY B 40 3.41 -9.24 -3.75
N GLY B 41 3.81 -8.43 -2.77
CA GLY B 41 4.25 -7.04 -2.94
C GLY B 41 3.31 -5.98 -2.36
N TRP B 42 2.31 -6.38 -1.56
CA TRP B 42 1.26 -5.49 -1.04
C TRP B 42 1.30 -5.28 0.49
N LEU B 43 0.55 -4.26 0.91
CA LEU B 43 0.18 -3.93 2.28
C LEU B 43 -1.33 -3.62 2.32
N GLU B 44 -1.96 -3.80 3.47
CA GLU B 44 -3.35 -3.43 3.76
C GLU B 44 -3.35 -2.04 4.39
N GLY B 45 -4.25 -1.15 3.94
CA GLY B 45 -4.31 0.25 4.35
C GLY B 45 -5.70 0.85 4.23
N ARG B 46 -5.88 2.01 4.87
CA ARG B 46 -7.15 2.75 4.99
C ARG B 46 -6.94 4.25 4.85
N ASN B 47 -7.78 4.91 4.06
CA ASN B 47 -7.79 6.37 3.94
C ASN B 47 -8.71 7.03 4.96
N ILE B 48 -8.60 8.35 5.03
CA ILE B 48 -9.32 9.22 5.97
C ILE B 48 -10.83 8.95 6.06
N LYS B 49 -11.45 8.55 4.95
CA LYS B 49 -12.89 8.19 4.87
C LYS B 49 -13.28 6.93 5.64
N GLY B 50 -12.29 6.11 6.01
CA GLY B 50 -12.43 4.82 6.67
C GLY B 50 -12.62 3.64 5.72
N GLU B 51 -12.30 3.80 4.43
CA GLU B 51 -12.25 2.65 3.52
C GLU B 51 -10.88 2.00 3.59
N ARG B 52 -10.88 0.67 3.69
CA ARG B 52 -9.68 -0.18 3.67
C ARG B 52 -9.49 -0.85 2.32
N GLY B 53 -8.32 -1.44 2.10
CA GLY B 53 -8.04 -2.26 0.94
C GLY B 53 -6.55 -2.58 0.78
N LEU B 54 -6.21 -3.29 -0.29
CA LEU B 54 -4.85 -3.64 -0.67
C LEU B 54 -4.18 -2.53 -1.47
N VAL B 55 -2.90 -2.25 -1.20
CA VAL B 55 -2.06 -1.30 -1.95
C VAL B 55 -0.65 -1.89 -2.11
N PRO B 56 -0.02 -1.79 -3.28
CA PRO B 56 1.37 -2.18 -3.49
C PRO B 56 2.33 -1.36 -2.60
N THR B 57 3.15 -2.00 -1.75
CA THR B 57 4.08 -1.25 -0.88
C THR B 57 5.16 -0.51 -1.67
N ASP B 58 5.49 -0.98 -2.87
CA ASP B 58 6.38 -0.29 -3.82
C ASP B 58 5.89 1.12 -4.21
N TYR B 59 4.58 1.39 -4.09
CA TYR B 59 3.94 2.66 -4.39
C TYR B 59 3.86 3.63 -3.18
N VAL B 60 4.19 3.21 -1.96
CA VAL B 60 4.05 4.01 -0.72
C VAL B 60 5.29 3.94 0.19
N GLU B 61 5.35 4.78 1.20
CA GLU B 61 6.47 4.88 2.17
C GLU B 61 5.96 5.04 3.61
N ILE B 62 6.48 4.22 4.53
CA ILE B 62 6.04 4.15 5.93
C ILE B 62 6.50 5.39 6.71
N LEU B 63 5.57 6.06 7.39
CA LEU B 63 5.78 7.27 8.19
C LEU B 63 5.98 6.95 9.70
N PRO B 64 6.74 7.77 10.44
CA PRO B 64 7.06 7.51 11.85
C PRO B 64 5.86 7.72 12.78
N SER B 65 5.87 7.02 13.93
CA SER B 65 4.90 7.17 15.03
C SER B 65 5.04 8.49 15.83
N ASP B 66 5.34 9.60 15.16
CA ASP B 66 5.53 10.94 15.77
C ASP B 66 4.21 11.69 16.05
N GLY B 67 3.09 11.23 15.48
CA GLY B 67 1.74 11.78 15.70
C GLY B 67 1.50 13.11 15.01
N ALA A 1 -8.50 -14.19 5.29
CA ALA A 1 -9.31 -14.58 6.46
C ALA A 1 -9.19 -13.55 7.60
N GLU A 2 -8.24 -13.70 8.54
CA GLU A 2 -8.05 -12.74 9.64
C GLU A 2 -7.52 -11.37 9.13
N ARG A 3 -6.75 -11.40 8.04
CA ARG A 3 -6.31 -10.25 7.22
C ARG A 3 -6.77 -10.43 5.77
N LEU A 4 -6.78 -9.32 5.02
CA LEU A 4 -7.20 -9.25 3.62
C LEU A 4 -6.12 -9.86 2.70
N ILE A 5 -6.51 -10.62 1.67
CA ILE A 5 -5.55 -11.36 0.81
C ILE A 5 -5.49 -10.83 -0.64
N PRO A 6 -4.29 -10.47 -1.16
CA PRO A 6 -4.10 -10.12 -2.57
C PRO A 6 -4.23 -11.32 -3.50
N ARG A 7 -4.83 -11.10 -4.68
CA ARG A 7 -5.13 -12.14 -5.69
C ARG A 7 -4.16 -12.15 -6.89
N ARG A 8 -3.13 -11.31 -6.83
CA ARG A 8 -2.13 -11.08 -7.89
C ARG A 8 -0.87 -10.46 -7.28
N PRO A 9 0.32 -10.60 -7.88
CA PRO A 9 1.50 -9.84 -7.48
C PRO A 9 1.35 -8.35 -7.82
N ALA A 10 2.12 -7.48 -7.17
CA ALA A 10 2.06 -6.03 -7.36
C ALA A 10 2.40 -5.60 -8.80
N PRO A 11 1.64 -4.65 -9.39
CA PRO A 11 1.95 -4.06 -10.69
C PRO A 11 3.28 -3.28 -10.66
N PRO A 12 3.94 -3.03 -11.80
CA PRO A 12 5.21 -2.31 -11.84
C PRO A 12 5.05 -0.85 -11.38
N VAL A 13 5.95 -0.38 -10.51
CA VAL A 13 6.00 1.02 -10.05
C VAL A 13 6.91 1.88 -10.97
N PRO A 14 6.50 3.09 -11.35
CA PRO A 14 7.21 3.94 -12.31
C PRO A 14 8.44 4.68 -11.73
N VAL A 15 9.45 3.93 -11.26
CA VAL A 15 10.78 4.46 -10.83
C VAL A 15 11.93 3.60 -11.39
N PRO A 16 13.04 4.20 -11.88
CA PRO A 16 14.22 3.48 -12.38
C PRO A 16 15.10 2.91 -11.25
N ALA A 17 14.62 1.88 -10.56
CA ALA A 17 15.29 1.17 -9.49
C ALA A 17 16.39 0.25 -10.05
N ARG A 18 17.62 0.70 -9.93
CA ARG A 18 18.86 -0.06 -10.23
C ARG A 18 19.67 -0.39 -8.97
N ILE A 19 20.48 -1.45 -9.05
CA ILE A 19 21.49 -1.82 -8.06
C ILE A 19 22.90 -1.46 -8.60
N PRO A 20 23.75 -0.73 -7.84
CA PRO A 20 25.10 -0.36 -8.28
C PRO A 20 26.06 -1.55 -8.35
N SER A 21 27.10 -1.44 -9.18
CA SER A 21 28.12 -2.48 -9.38
C SER A 21 29.16 -2.49 -8.23
N PRO A 22 29.34 -3.61 -7.50
CA PRO A 22 30.31 -3.71 -6.40
C PRO A 22 31.79 -3.79 -6.85
N ARG A 23 32.07 -3.88 -8.17
CA ARG A 23 33.41 -3.82 -8.76
C ARG A 23 33.43 -3.40 -10.22
N GLY B 1 -1.68 -4.47 18.19
CA GLY B 1 -3.13 -4.46 17.91
C GLY B 1 -3.46 -3.32 16.96
N SER B 2 -4.68 -2.78 17.06
CA SER B 2 -5.15 -1.66 16.22
C SER B 2 -4.97 -0.27 16.84
N HIS B 3 -4.60 -0.17 18.12
CA HIS B 3 -4.31 1.11 18.78
C HIS B 3 -2.89 1.57 18.47
N MET B 4 -2.73 2.87 18.20
CA MET B 4 -1.46 3.51 17.77
C MET B 4 -0.90 2.91 16.47
N ALA B 5 -1.78 2.79 15.46
CA ALA B 5 -1.47 2.19 14.17
C ALA B 5 -0.40 2.95 13.36
N THR B 6 0.40 2.22 12.58
CA THR B 6 1.46 2.75 11.70
C THR B 6 0.87 3.49 10.50
N LYS B 7 1.63 4.40 9.90
CA LYS B 7 1.19 5.28 8.80
C LYS B 7 2.09 5.18 7.56
N ALA B 8 1.57 5.54 6.39
CA ALA B 8 2.35 5.66 5.15
C ALA B 8 1.85 6.81 4.25
N ARG B 9 2.77 7.41 3.49
CA ARG B 9 2.49 8.36 2.40
C ARG B 9 2.57 7.66 1.05
N VAL B 10 1.75 8.08 0.09
CA VAL B 10 1.79 7.58 -1.30
C VAL B 10 2.88 8.24 -2.13
N MET B 11 3.56 7.45 -2.96
CA MET B 11 4.64 7.89 -3.85
C MET B 11 4.20 8.04 -5.32
N TYR B 12 3.18 7.31 -5.76
CA TYR B 12 2.59 7.40 -7.12
C TYR B 12 1.08 7.09 -7.11
N ASP B 13 0.26 7.75 -7.94
CA ASP B 13 -1.19 7.46 -8.06
C ASP B 13 -1.50 5.98 -8.39
N PHE B 14 -2.50 5.39 -7.71
CA PHE B 14 -2.91 3.97 -7.84
C PHE B 14 -4.44 3.79 -7.91
N ALA B 15 -4.90 2.89 -8.77
CA ALA B 15 -6.29 2.50 -8.93
C ALA B 15 -6.55 1.04 -8.52
N ALA B 16 -7.51 0.83 -7.62
CA ALA B 16 -7.99 -0.49 -7.27
C ALA B 16 -8.71 -1.20 -8.42
N GLU B 17 -8.32 -2.44 -8.70
CA GLU B 17 -9.06 -3.30 -9.60
C GLU B 17 -10.37 -3.75 -8.93
N PRO B 18 -11.46 -3.99 -9.69
CA PRO B 18 -12.78 -4.32 -9.15
C PRO B 18 -12.81 -5.71 -8.50
N GLY B 19 -13.55 -5.84 -7.40
CA GLY B 19 -13.74 -7.09 -6.64
C GLY B 19 -12.51 -7.56 -5.82
N ASN B 20 -11.30 -7.14 -6.18
CA ASN B 20 -10.04 -7.53 -5.52
C ASN B 20 -9.91 -7.05 -4.05
N ASN B 21 -10.66 -6.02 -3.67
CA ASN B 21 -10.60 -5.31 -2.38
C ASN B 21 -9.26 -4.53 -2.23
N GLU B 22 -8.83 -3.88 -3.31
CA GLU B 22 -7.72 -2.93 -3.32
C GLU B 22 -8.24 -1.52 -2.95
N LEU B 23 -7.40 -0.60 -2.47
CA LEU B 23 -7.82 0.76 -2.06
C LEU B 23 -7.18 1.85 -2.95
N THR B 24 -7.99 2.54 -3.74
CA THR B 24 -7.54 3.64 -4.63
C THR B 24 -6.99 4.82 -3.81
N VAL B 25 -5.83 5.31 -4.23
CA VAL B 25 -5.10 6.40 -3.56
C VAL B 25 -4.37 7.28 -4.58
N ASN B 26 -4.07 8.52 -4.20
CA ASN B 26 -3.31 9.48 -5.00
C ASN B 26 -1.93 9.77 -4.39
N GLU B 27 -0.95 10.13 -5.21
CA GLU B 27 0.37 10.54 -4.74
C GLU B 27 0.26 11.68 -3.71
N GLY B 28 1.01 11.56 -2.60
CA GLY B 28 0.97 12.55 -1.52
C GLY B 28 -0.19 12.44 -0.53
N GLU B 29 -1.06 11.43 -0.67
CA GLU B 29 -2.05 11.09 0.35
C GLU B 29 -1.38 10.29 1.48
N ILE B 30 -1.88 10.44 2.71
CA ILE B 30 -1.54 9.68 3.92
C ILE B 30 -2.62 8.64 4.21
N ILE B 31 -2.22 7.41 4.53
CA ILE B 31 -3.10 6.31 4.96
C ILE B 31 -2.53 5.57 6.18
N THR B 32 -3.41 4.96 6.98
CA THR B 32 -3.02 4.09 8.09
C THR B 32 -2.76 2.68 7.56
N ILE B 33 -1.69 2.02 8.01
CA ILE B 33 -1.38 0.63 7.70
C ILE B 33 -2.12 -0.31 8.66
N THR B 34 -2.84 -1.28 8.10
CA THR B 34 -3.48 -2.37 8.83
C THR B 34 -2.78 -3.73 8.65
N ASN B 35 -1.95 -3.89 7.61
CA ASN B 35 -1.06 -5.05 7.48
C ASN B 35 0.14 -4.79 6.53
N PRO B 36 1.39 -4.62 7.02
CA PRO B 36 2.54 -4.24 6.18
C PRO B 36 3.13 -5.33 5.26
N ASP B 37 2.76 -6.59 5.46
CA ASP B 37 3.22 -7.75 4.67
C ASP B 37 2.08 -8.77 4.60
N VAL B 38 1.46 -8.87 3.43
CA VAL B 38 0.31 -9.75 3.10
C VAL B 38 0.65 -10.80 2.04
N GLY B 39 1.78 -10.61 1.35
CA GLY B 39 2.25 -11.39 0.22
C GLY B 39 2.09 -10.61 -1.09
N GLY B 40 2.79 -11.08 -2.11
CA GLY B 40 2.69 -10.60 -3.50
C GLY B 40 3.21 -9.18 -3.78
N GLY B 41 3.71 -8.46 -2.78
CA GLY B 41 4.20 -7.08 -2.94
C GLY B 41 3.25 -5.99 -2.42
N TRP B 42 2.27 -6.35 -1.58
CA TRP B 42 1.23 -5.44 -1.07
C TRP B 42 1.30 -5.19 0.43
N LEU B 43 0.49 -4.24 0.87
CA LEU B 43 0.14 -3.94 2.26
C LEU B 43 -1.37 -3.65 2.35
N GLU B 44 -1.97 -3.95 3.50
CA GLU B 44 -3.33 -3.55 3.86
C GLU B 44 -3.30 -2.15 4.48
N GLY B 45 -4.20 -1.26 4.05
CA GLY B 45 -4.28 0.13 4.52
C GLY B 45 -5.68 0.71 4.45
N ARG B 46 -5.87 1.86 5.10
CA ARG B 46 -7.15 2.58 5.23
C ARG B 46 -6.96 4.09 5.06
N ASN B 47 -7.84 4.70 4.27
CA ASN B 47 -7.92 6.16 4.10
C ASN B 47 -8.93 6.80 5.05
N ILE B 48 -8.92 8.13 5.07
CA ILE B 48 -9.76 9.02 5.89
C ILE B 48 -11.24 8.58 6.02
N LYS B 49 -11.79 8.01 4.96
CA LYS B 49 -13.18 7.53 4.87
C LYS B 49 -13.50 6.30 5.73
N GLY B 50 -12.47 5.64 6.26
CA GLY B 50 -12.57 4.37 6.99
C GLY B 50 -12.75 3.16 6.06
N GLU B 51 -12.42 3.33 4.78
CA GLU B 51 -12.39 2.25 3.79
C GLU B 51 -11.01 1.61 3.84
N ARG B 52 -10.95 0.28 3.91
CA ARG B 52 -9.72 -0.52 3.88
C ARG B 52 -9.52 -1.21 2.54
N GLY B 53 -8.30 -1.64 2.29
CA GLY B 53 -7.98 -2.44 1.11
C GLY B 53 -6.49 -2.61 0.93
N LEU B 54 -6.14 -3.35 -0.11
CA LEU B 54 -4.77 -3.66 -0.48
C LEU B 54 -4.17 -2.58 -1.39
N VAL B 55 -2.90 -2.27 -1.19
CA VAL B 55 -2.10 -1.36 -2.02
C VAL B 55 -0.71 -1.93 -2.22
N PRO B 56 -0.12 -1.84 -3.42
CA PRO B 56 1.27 -2.24 -3.67
C PRO B 56 2.22 -1.43 -2.77
N THR B 57 3.00 -2.08 -1.90
CA THR B 57 3.92 -1.34 -0.99
C THR B 57 5.02 -0.62 -1.75
N ASP B 58 5.35 -1.08 -2.96
CA ASP B 58 6.28 -0.43 -3.87
C ASP B 58 5.83 1.00 -4.26
N TYR B 59 4.52 1.30 -4.22
CA TYR B 59 3.91 2.60 -4.51
C TYR B 59 3.82 3.56 -3.32
N VAL B 60 4.14 3.13 -2.09
CA VAL B 60 3.99 3.91 -0.85
C VAL B 60 5.25 3.81 0.03
N GLU B 61 5.34 4.70 1.01
CA GLU B 61 6.49 4.84 1.90
C GLU B 61 6.04 4.98 3.36
N ILE B 62 6.60 4.13 4.21
CA ILE B 62 6.27 4.06 5.64
C ILE B 62 6.77 5.33 6.33
N LEU B 63 5.89 5.97 7.10
CA LEU B 63 6.18 7.14 7.93
C LEU B 63 6.70 6.72 9.31
N PRO B 64 7.39 7.60 10.06
CA PRO B 64 7.86 7.30 11.42
C PRO B 64 6.70 7.04 12.39
N SER B 65 6.98 6.33 13.48
CA SER B 65 5.98 5.87 14.48
C SER B 65 6.22 6.39 15.90
N ASP B 66 7.42 6.87 16.17
CA ASP B 66 7.89 7.45 17.43
C ASP B 66 7.37 8.88 17.63
N GLY B 67 6.04 9.05 17.63
CA GLY B 67 5.30 10.33 17.67
C GLY B 67 5.87 11.42 18.57
N ALA A 1 -6.20 -6.90 12.26
CA ALA A 1 -5.19 -7.17 11.21
C ALA A 1 -5.44 -8.54 10.58
N GLU A 2 -4.66 -8.93 9.56
CA GLU A 2 -4.71 -10.25 8.90
C GLU A 2 -6.07 -10.59 8.24
N ARG A 3 -6.77 -9.60 7.63
CA ARG A 3 -8.11 -9.80 7.01
C ARG A 3 -8.17 -9.92 5.49
N LEU A 4 -7.28 -9.27 4.74
CA LEU A 4 -7.20 -9.36 3.27
C LEU A 4 -6.04 -10.26 2.80
N ILE A 5 -6.23 -10.87 1.60
CA ILE A 5 -5.18 -11.59 0.84
C ILE A 5 -5.29 -11.19 -0.64
N PRO A 6 -4.19 -10.75 -1.30
CA PRO A 6 -4.18 -10.40 -2.72
C PRO A 6 -4.30 -11.61 -3.66
N ARG A 7 -5.13 -11.45 -4.72
CA ARG A 7 -5.36 -12.42 -5.81
C ARG A 7 -4.33 -12.34 -6.95
N ARG A 8 -3.33 -11.44 -6.85
CA ARG A 8 -2.32 -11.15 -7.90
C ARG A 8 -1.01 -10.61 -7.32
N PRO A 9 0.14 -10.73 -8.01
CA PRO A 9 1.37 -10.02 -7.61
C PRO A 9 1.20 -8.50 -7.76
N ALA A 10 2.02 -7.70 -7.09
CA ALA A 10 1.97 -6.24 -7.20
C ALA A 10 2.20 -5.74 -8.64
N PRO A 11 1.50 -4.68 -9.11
CA PRO A 11 1.76 -4.03 -10.40
C PRO A 11 3.15 -3.35 -10.43
N PRO A 12 3.69 -3.02 -11.63
CA PRO A 12 4.95 -2.27 -11.75
C PRO A 12 4.80 -0.84 -11.21
N VAL A 13 5.77 -0.35 -10.43
CA VAL A 13 5.78 1.05 -9.94
C VAL A 13 6.40 2.02 -10.97
N PRO A 14 5.84 3.23 -11.17
CA PRO A 14 6.28 4.18 -12.19
C PRO A 14 7.46 5.07 -11.70
N VAL A 15 8.50 4.45 -11.15
CA VAL A 15 9.68 5.15 -10.66
C VAL A 15 10.53 5.68 -11.84
N PRO A 16 10.94 6.97 -11.84
CA PRO A 16 11.65 7.64 -12.94
C PRO A 16 13.17 7.37 -12.99
N ALA A 17 13.55 6.14 -12.63
CA ALA A 17 14.90 5.60 -12.61
C ALA A 17 14.86 4.06 -12.54
N ARG A 18 15.46 3.38 -13.54
CA ARG A 18 15.43 1.93 -13.71
C ARG A 18 15.84 1.13 -12.47
N ILE A 19 14.98 0.20 -12.06
CA ILE A 19 15.18 -0.65 -10.89
C ILE A 19 16.37 -1.59 -11.13
N PRO A 20 17.33 -1.72 -10.18
CA PRO A 20 18.52 -2.54 -10.34
C PRO A 20 18.24 -4.04 -10.45
N SER A 21 19.14 -4.76 -11.11
CA SER A 21 19.07 -6.21 -11.34
C SER A 21 20.48 -6.80 -11.53
N PRO A 22 20.83 -7.94 -10.90
CA PRO A 22 22.18 -8.50 -10.95
C PRO A 22 22.42 -9.45 -12.13
N ARG A 23 23.69 -9.53 -12.55
CA ARG A 23 24.19 -10.35 -13.67
C ARG A 23 25.55 -10.99 -13.33
N GLY B 1 6.25 -3.35 20.16
CA GLY B 1 5.87 -2.29 19.22
C GLY B 1 4.86 -1.31 19.82
N SER B 2 4.55 -0.24 19.10
CA SER B 2 3.63 0.79 19.58
C SER B 2 2.16 0.34 19.53
N HIS B 3 1.40 0.72 20.56
CA HIS B 3 -0.07 0.58 20.64
C HIS B 3 -0.83 1.36 19.54
N MET B 4 -0.29 2.50 19.09
CA MET B 4 -0.88 3.29 18.00
C MET B 4 -0.69 2.61 16.63
N ALA B 5 -1.47 3.02 15.64
CA ALA B 5 -1.39 2.50 14.28
C ALA B 5 -0.21 3.09 13.48
N THR B 6 0.43 2.25 12.66
CA THR B 6 1.47 2.64 11.70
C THR B 6 0.83 3.41 10.54
N LYS B 7 1.59 4.29 9.90
CA LYS B 7 1.14 5.21 8.84
C LYS B 7 2.07 5.15 7.62
N ALA B 8 1.57 5.55 6.45
CA ALA B 8 2.38 5.69 5.24
C ALA B 8 1.90 6.83 4.32
N ARG B 9 2.84 7.46 3.60
CA ARG B 9 2.57 8.41 2.52
C ARG B 9 2.69 7.75 1.14
N VAL B 10 1.90 8.19 0.17
CA VAL B 10 1.95 7.70 -1.23
C VAL B 10 3.04 8.39 -2.06
N MET B 11 3.74 7.61 -2.89
CA MET B 11 4.80 8.04 -3.81
C MET B 11 4.34 8.15 -5.27
N TYR B 12 3.31 7.40 -5.68
CA TYR B 12 2.72 7.48 -7.04
C TYR B 12 1.21 7.17 -7.04
N ASP B 13 0.43 7.79 -7.94
CA ASP B 13 -1.00 7.49 -8.11
C ASP B 13 -1.27 6.01 -8.47
N PHE B 14 -2.25 5.40 -7.81
CA PHE B 14 -2.67 4.00 -7.95
C PHE B 14 -4.19 3.89 -8.18
N ALA B 15 -4.65 2.77 -8.74
CA ALA B 15 -6.06 2.50 -8.98
C ALA B 15 -6.43 1.05 -8.63
N ALA B 16 -7.49 0.89 -7.83
CA ALA B 16 -8.06 -0.39 -7.44
C ALA B 16 -8.91 -1.04 -8.53
N GLU B 17 -8.82 -2.36 -8.60
CA GLU B 17 -9.67 -3.25 -9.39
C GLU B 17 -10.81 -3.89 -8.57
N PRO B 18 -11.93 -4.28 -9.23
CA PRO B 18 -13.08 -4.90 -8.58
C PRO B 18 -12.78 -6.34 -8.17
N GLY B 19 -13.44 -6.84 -7.12
CA GLY B 19 -13.22 -8.19 -6.55
C GLY B 19 -11.87 -8.39 -5.84
N ASN B 20 -10.82 -7.68 -6.28
CA ASN B 20 -9.48 -7.74 -5.71
C ASN B 20 -9.37 -7.09 -4.32
N ASN B 21 -10.30 -6.18 -3.97
CA ASN B 21 -10.40 -5.48 -2.69
C ASN B 21 -9.27 -4.46 -2.42
N GLU B 22 -8.75 -3.85 -3.49
CA GLU B 22 -7.70 -2.84 -3.47
C GLU B 22 -8.23 -1.44 -3.07
N LEU B 23 -7.35 -0.54 -2.61
CA LEU B 23 -7.71 0.83 -2.21
C LEU B 23 -7.06 1.88 -3.14
N THR B 24 -7.84 2.56 -3.97
CA THR B 24 -7.36 3.66 -4.83
C THR B 24 -6.78 4.80 -4.00
N VAL B 25 -5.61 5.32 -4.39
CA VAL B 25 -4.92 6.41 -3.68
C VAL B 25 -4.20 7.35 -4.65
N ASN B 26 -3.98 8.59 -4.23
CA ASN B 26 -3.22 9.60 -4.96
C ASN B 26 -1.87 9.90 -4.28
N GLU B 27 -0.88 10.29 -5.07
CA GLU B 27 0.46 10.63 -4.57
C GLU B 27 0.45 11.77 -3.53
N GLY B 28 1.22 11.61 -2.44
CA GLY B 28 1.23 12.55 -1.33
C GLY B 28 0.08 12.41 -0.32
N GLU B 29 -0.91 11.56 -0.61
CA GLU B 29 -1.94 11.17 0.35
C GLU B 29 -1.32 10.35 1.51
N ILE B 30 -1.89 10.46 2.71
CA ILE B 30 -1.51 9.71 3.92
C ILE B 30 -2.56 8.63 4.23
N ILE B 31 -2.13 7.42 4.53
CA ILE B 31 -3.01 6.30 4.92
C ILE B 31 -2.51 5.59 6.17
N THR B 32 -3.43 5.01 6.95
CA THR B 32 -3.08 4.15 8.07
C THR B 32 -2.80 2.75 7.52
N ILE B 33 -1.80 2.05 8.05
CA ILE B 33 -1.54 0.64 7.74
C ILE B 33 -2.37 -0.28 8.64
N THR B 34 -2.86 -1.38 8.06
CA THR B 34 -3.54 -2.48 8.76
C THR B 34 -2.83 -3.83 8.61
N ASN B 35 -2.09 -4.06 7.51
CA ASN B 35 -1.28 -5.28 7.31
C ASN B 35 -0.07 -5.01 6.40
N PRO B 36 1.12 -4.69 6.93
CA PRO B 36 2.27 -4.28 6.14
C PRO B 36 2.89 -5.32 5.21
N ASP B 37 2.52 -6.60 5.30
CA ASP B 37 3.04 -7.67 4.44
C ASP B 37 2.06 -8.84 4.27
N VAL B 38 1.06 -8.60 3.44
CA VAL B 38 -0.01 -9.55 3.06
C VAL B 38 0.46 -10.65 2.10
N GLY B 39 1.63 -10.48 1.48
CA GLY B 39 2.16 -11.34 0.45
C GLY B 39 2.02 -10.73 -0.94
N GLY B 40 2.82 -11.25 -1.87
CA GLY B 40 2.76 -10.91 -3.30
C GLY B 40 3.30 -9.52 -3.68
N GLY B 41 3.72 -8.70 -2.71
CA GLY B 41 4.21 -7.34 -2.93
C GLY B 41 3.26 -6.23 -2.44
N TRP B 42 2.32 -6.53 -1.55
CA TRP B 42 1.27 -5.59 -1.11
C TRP B 42 1.31 -5.30 0.40
N LEU B 43 0.58 -4.26 0.79
CA LEU B 43 0.25 -3.90 2.16
C LEU B 43 -1.24 -3.54 2.24
N GLU B 44 -1.90 -3.83 3.36
CA GLU B 44 -3.27 -3.41 3.65
C GLU B 44 -3.25 -2.05 4.35
N GLY B 45 -4.13 -1.13 3.94
CA GLY B 45 -4.21 0.22 4.47
C GLY B 45 -5.58 0.86 4.30
N ARG B 46 -5.79 2.00 4.97
CA ARG B 46 -7.06 2.76 5.04
C ARG B 46 -6.83 4.26 4.89
N ASN B 47 -7.65 4.88 4.04
CA ASN B 47 -7.68 6.34 3.88
C ASN B 47 -8.61 7.01 4.87
N ILE B 48 -8.48 8.33 4.95
CA ILE B 48 -9.21 9.23 5.85
C ILE B 48 -10.74 9.00 5.87
N LYS B 49 -11.29 8.59 4.73
CA LYS B 49 -12.71 8.29 4.51
C LYS B 49 -13.20 7.05 5.26
N GLY B 50 -12.26 6.21 5.71
CA GLY B 50 -12.47 4.98 6.47
C GLY B 50 -12.64 3.72 5.63
N GLU B 51 -12.28 3.75 4.35
CA GLU B 51 -12.22 2.53 3.54
C GLU B 51 -10.84 1.91 3.63
N ARG B 52 -10.79 0.58 3.70
CA ARG B 52 -9.56 -0.22 3.68
C ARG B 52 -9.37 -1.00 2.38
N GLY B 53 -8.15 -1.45 2.11
CA GLY B 53 -7.85 -2.32 1.00
C GLY B 53 -6.36 -2.52 0.76
N LEU B 54 -6.04 -3.32 -0.24
CA LEU B 54 -4.68 -3.63 -0.65
C LEU B 54 -4.08 -2.53 -1.53
N VAL B 55 -2.81 -2.19 -1.27
CA VAL B 55 -1.99 -1.25 -2.05
C VAL B 55 -0.57 -1.81 -2.21
N PRO B 56 0.06 -1.67 -3.39
CA PRO B 56 1.46 -2.06 -3.60
C PRO B 56 2.42 -1.25 -2.71
N THR B 57 3.25 -1.90 -1.88
CA THR B 57 4.20 -1.22 -1.00
C THR B 57 5.27 -0.40 -1.73
N ASP B 58 5.64 -0.80 -2.96
CA ASP B 58 6.55 -0.02 -3.81
C ASP B 58 6.01 1.38 -4.13
N TYR B 59 4.69 1.56 -4.13
CA TYR B 59 4.01 2.83 -4.40
C TYR B 59 3.91 3.76 -3.18
N VAL B 60 4.25 3.32 -1.97
CA VAL B 60 4.12 4.10 -0.73
C VAL B 60 5.40 4.04 0.11
N GLU B 61 5.45 4.86 1.17
CA GLU B 61 6.56 4.94 2.13
C GLU B 61 6.05 4.97 3.57
N ILE B 62 6.60 4.08 4.41
CA ILE B 62 6.24 4.01 5.83
C ILE B 62 6.77 5.25 6.59
N LEU B 63 5.90 5.88 7.38
CA LEU B 63 6.19 7.04 8.22
C LEU B 63 6.72 6.63 9.63
N PRO B 64 7.48 7.51 10.30
CA PRO B 64 8.14 7.23 11.58
C PRO B 64 7.21 7.18 12.80
N SER B 65 7.70 6.58 13.90
CA SER B 65 7.03 6.61 15.20
C SER B 65 7.05 8.01 15.82
N ASP B 66 5.90 8.42 16.37
CA ASP B 66 5.72 9.66 17.12
C ASP B 66 6.23 9.49 18.57
N GLY B 67 6.03 8.30 19.14
CA GLY B 67 6.62 7.84 20.41
C GLY B 67 6.15 8.57 21.65
N ALA A 1 -11.49 -15.43 0.77
CA ALA A 1 -11.02 -15.38 2.16
C ALA A 1 -11.80 -14.37 2.99
N GLU A 2 -11.88 -14.57 4.31
CA GLU A 2 -12.40 -13.59 5.28
C GLU A 2 -11.43 -12.41 5.44
N ARG A 3 -10.13 -12.69 5.66
CA ARG A 3 -9.05 -11.70 5.75
C ARG A 3 -8.71 -11.10 4.38
N LEU A 4 -8.21 -9.86 4.33
CA LEU A 4 -7.66 -9.29 3.09
C LEU A 4 -6.33 -9.95 2.74
N ILE A 5 -6.28 -10.59 1.57
CA ILE A 5 -5.11 -11.27 1.01
C ILE A 5 -5.15 -11.08 -0.54
N PRO A 6 -4.08 -10.60 -1.19
CA PRO A 6 -4.07 -10.35 -2.64
C PRO A 6 -4.18 -11.62 -3.49
N ARG A 7 -4.66 -11.43 -4.73
CA ARG A 7 -4.87 -12.47 -5.76
C ARG A 7 -3.99 -12.29 -7.01
N ARG A 8 -3.04 -11.37 -6.96
CA ARG A 8 -2.05 -11.05 -8.01
C ARG A 8 -0.76 -10.49 -7.39
N PRO A 9 0.41 -10.60 -8.05
CA PRO A 9 1.61 -9.89 -7.62
C PRO A 9 1.41 -8.37 -7.76
N ALA A 10 2.20 -7.56 -7.07
CA ALA A 10 2.13 -6.10 -7.20
C ALA A 10 2.42 -5.65 -8.66
N PRO A 11 1.68 -4.68 -9.22
CA PRO A 11 1.95 -4.12 -10.54
C PRO A 11 3.30 -3.37 -10.58
N PRO A 12 3.91 -3.17 -11.77
CA PRO A 12 5.10 -2.34 -11.93
C PRO A 12 4.87 -0.91 -11.42
N VAL A 13 5.87 -0.34 -10.75
CA VAL A 13 5.83 1.04 -10.24
C VAL A 13 6.63 1.99 -11.15
N PRO A 14 6.18 3.23 -11.41
CA PRO A 14 6.82 4.15 -12.36
C PRO A 14 8.02 4.91 -11.75
N VAL A 15 8.85 4.18 -11.00
CA VAL A 15 10.07 4.68 -10.34
C VAL A 15 11.17 4.97 -11.39
N PRO A 16 11.95 6.06 -11.24
CA PRO A 16 13.16 6.30 -12.03
C PRO A 16 14.28 5.35 -11.59
N ALA A 17 14.22 4.12 -12.11
CA ALA A 17 15.16 3.01 -11.98
C ALA A 17 14.80 1.96 -13.05
N ARG A 18 15.81 1.40 -13.72
CA ARG A 18 15.65 0.29 -14.68
C ARG A 18 15.42 -1.06 -13.96
N ILE A 19 14.75 -2.00 -14.63
CA ILE A 19 14.47 -3.35 -14.13
C ILE A 19 14.90 -4.42 -15.16
N PRO A 20 15.82 -5.35 -14.82
CA PRO A 20 16.23 -6.44 -15.70
C PRO A 20 15.19 -7.56 -15.81
N SER A 21 15.34 -8.43 -16.82
CA SER A 21 14.39 -9.52 -17.15
C SER A 21 15.06 -10.91 -17.06
N PRO A 22 15.31 -11.44 -15.84
CA PRO A 22 15.87 -12.79 -15.65
C PRO A 22 14.89 -13.88 -16.14
N ARG A 23 15.42 -14.84 -16.90
CA ARG A 23 14.68 -15.95 -17.53
C ARG A 23 14.18 -16.98 -16.51
N GLY B 1 5.91 -2.26 20.21
CA GLY B 1 4.75 -2.00 19.33
C GLY B 1 3.81 -1.01 19.97
N SER B 2 3.99 0.29 19.69
CA SER B 2 3.14 1.37 20.25
C SER B 2 1.67 1.21 19.87
N HIS B 3 0.75 1.68 20.73
CA HIS B 3 -0.70 1.64 20.46
C HIS B 3 -1.10 2.63 19.35
N MET B 4 -0.36 3.72 19.21
CA MET B 4 -0.49 4.69 18.09
C MET B 4 -0.21 4.03 16.73
N ALA B 5 -1.10 4.23 15.76
CA ALA B 5 -1.05 3.59 14.44
C ALA B 5 0.16 4.00 13.58
N THR B 6 0.65 3.05 12.76
CA THR B 6 1.66 3.29 11.72
C THR B 6 1.00 3.92 10.49
N LYS B 7 1.73 4.80 9.81
CA LYS B 7 1.26 5.61 8.68
C LYS B 7 2.16 5.45 7.44
N ALA B 8 1.64 5.79 6.25
CA ALA B 8 2.41 5.82 5.01
C ALA B 8 1.95 6.95 4.07
N ARG B 9 2.89 7.52 3.31
CA ARG B 9 2.63 8.45 2.20
C ARG B 9 2.71 7.72 0.85
N VAL B 10 1.89 8.14 -0.10
CA VAL B 10 1.90 7.66 -1.49
C VAL B 10 2.99 8.33 -2.33
N MET B 11 3.76 7.53 -3.05
CA MET B 11 4.83 7.97 -3.95
C MET B 11 4.39 8.10 -5.42
N TYR B 12 3.39 7.31 -5.83
CA TYR B 12 2.80 7.35 -7.18
C TYR B 12 1.30 7.01 -7.15
N ASP B 13 0.48 7.64 -8.01
CA ASP B 13 -0.97 7.41 -8.06
C ASP B 13 -1.36 5.94 -8.32
N PHE B 14 -2.43 5.45 -7.68
CA PHE B 14 -2.94 4.09 -7.81
C PHE B 14 -4.46 4.03 -7.90
N ALA B 15 -4.96 3.05 -8.65
CA ALA B 15 -6.37 2.75 -8.79
C ALA B 15 -6.67 1.29 -8.45
N ALA B 16 -7.73 1.07 -7.67
CA ALA B 16 -8.14 -0.23 -7.16
C ALA B 16 -8.89 -1.14 -8.14
N GLU B 17 -9.10 -2.37 -7.70
CA GLU B 17 -9.96 -3.40 -8.27
C GLU B 17 -10.96 -3.87 -7.18
N PRO B 18 -12.22 -4.18 -7.56
CA PRO B 18 -13.29 -4.49 -6.62
C PRO B 18 -13.18 -5.87 -5.97
N GLY B 19 -13.05 -6.95 -6.75
CA GLY B 19 -12.98 -8.34 -6.29
C GLY B 19 -11.62 -8.75 -5.74
N ASN B 20 -10.57 -7.96 -5.99
CA ASN B 20 -9.28 -8.11 -5.31
C ASN B 20 -9.31 -7.45 -3.92
N ASN B 21 -10.16 -6.41 -3.77
CA ASN B 21 -10.35 -5.59 -2.57
C ASN B 21 -9.19 -4.59 -2.31
N GLU B 22 -8.67 -3.96 -3.37
CA GLU B 22 -7.64 -2.92 -3.28
C GLU B 22 -8.25 -1.57 -2.79
N LEU B 23 -7.44 -0.57 -2.43
CA LEU B 23 -7.87 0.81 -2.08
C LEU B 23 -7.23 1.85 -3.01
N THR B 24 -8.04 2.67 -3.70
CA THR B 24 -7.56 3.76 -4.57
C THR B 24 -6.91 4.85 -3.73
N VAL B 25 -5.73 5.32 -4.15
CA VAL B 25 -4.97 6.37 -3.46
C VAL B 25 -4.23 7.26 -4.47
N ASN B 26 -3.87 8.48 -4.06
CA ASN B 26 -3.24 9.48 -4.93
C ASN B 26 -1.87 9.91 -4.40
N GLU B 27 -0.95 10.26 -5.28
CA GLU B 27 0.41 10.63 -4.88
C GLU B 27 0.45 11.79 -3.89
N GLY B 28 1.23 11.63 -2.81
CA GLY B 28 1.31 12.57 -1.72
C GLY B 28 0.18 12.47 -0.69
N GLU B 29 -0.82 11.62 -0.91
CA GLU B 29 -1.81 11.32 0.13
C GLU B 29 -1.17 10.51 1.28
N ILE B 30 -1.69 10.73 2.49
CA ILE B 30 -1.35 9.96 3.70
C ILE B 30 -2.46 8.93 3.99
N ILE B 31 -2.08 7.69 4.29
CA ILE B 31 -2.97 6.60 4.76
C ILE B 31 -2.41 5.89 6.00
N THR B 32 -3.28 5.28 6.79
CA THR B 32 -2.88 4.47 7.95
C THR B 32 -2.68 3.03 7.52
N ILE B 33 -1.65 2.36 8.02
CA ILE B 33 -1.40 0.94 7.75
C ILE B 33 -2.24 0.05 8.68
N THR B 34 -2.77 -1.05 8.14
CA THR B 34 -3.40 -2.15 8.88
C THR B 34 -2.61 -3.46 8.76
N ASN B 35 -1.91 -3.71 7.64
CA ASN B 35 -1.07 -4.90 7.46
C ASN B 35 0.11 -4.64 6.50
N PRO B 36 1.33 -4.34 6.99
CA PRO B 36 2.45 -3.95 6.13
C PRO B 36 2.99 -5.03 5.17
N ASP B 37 2.60 -6.29 5.33
CA ASP B 37 2.99 -7.42 4.49
C ASP B 37 1.90 -8.51 4.48
N VAL B 38 1.12 -8.53 3.40
CA VAL B 38 0.00 -9.48 3.14
C VAL B 38 0.38 -10.59 2.15
N GLY B 39 1.49 -10.42 1.44
CA GLY B 39 1.97 -11.30 0.37
C GLY B 39 2.01 -10.58 -0.99
N GLY B 40 2.85 -11.08 -1.90
CA GLY B 40 2.89 -10.70 -3.31
C GLY B 40 3.41 -9.30 -3.65
N GLY B 41 3.77 -8.48 -2.66
CA GLY B 41 4.21 -7.08 -2.85
C GLY B 41 3.21 -6.03 -2.38
N TRP B 42 2.20 -6.41 -1.58
CA TRP B 42 1.14 -5.51 -1.11
C TRP B 42 1.20 -5.25 0.40
N LEU B 43 0.49 -4.20 0.80
CA LEU B 43 0.18 -3.85 2.19
C LEU B 43 -1.32 -3.50 2.30
N GLU B 44 -1.91 -3.71 3.47
CA GLU B 44 -3.28 -3.31 3.81
C GLU B 44 -3.26 -1.91 4.45
N GLY B 45 -4.14 -1.02 4.01
CA GLY B 45 -4.20 0.37 4.48
C GLY B 45 -5.59 0.98 4.39
N ARG B 46 -5.78 2.08 5.14
CA ARG B 46 -7.03 2.82 5.29
C ARG B 46 -6.79 4.31 5.05
N ASN B 47 -7.67 4.92 4.27
CA ASN B 47 -7.72 6.38 4.02
C ASN B 47 -8.70 7.09 4.94
N ILE B 48 -8.70 8.42 4.81
CA ILE B 48 -9.54 9.38 5.53
C ILE B 48 -11.03 8.99 5.64
N LYS B 49 -11.55 8.36 4.57
CA LYS B 49 -12.93 7.87 4.41
C LYS B 49 -13.30 6.76 5.40
N GLY B 50 -12.28 6.10 5.96
CA GLY B 50 -12.41 4.91 6.80
C GLY B 50 -12.65 3.65 5.98
N GLU B 51 -12.35 3.71 4.67
CA GLU B 51 -12.31 2.53 3.81
C GLU B 51 -10.91 1.94 3.85
N ARG B 52 -10.84 0.61 3.77
CA ARG B 52 -9.59 -0.13 3.72
C ARG B 52 -9.43 -0.90 2.41
N GLY B 53 -8.21 -1.36 2.15
CA GLY B 53 -7.94 -2.23 1.02
C GLY B 53 -6.46 -2.53 0.85
N LEU B 54 -6.16 -3.30 -0.19
CA LEU B 54 -4.80 -3.62 -0.61
C LEU B 54 -4.19 -2.49 -1.46
N VAL B 55 -2.91 -2.20 -1.25
CA VAL B 55 -2.11 -1.26 -2.05
C VAL B 55 -0.71 -1.83 -2.25
N PRO B 56 -0.10 -1.71 -3.45
CA PRO B 56 1.27 -2.12 -3.68
C PRO B 56 2.25 -1.33 -2.79
N THR B 57 3.05 -2.01 -1.97
CA THR B 57 4.04 -1.36 -1.09
C THR B 57 5.16 -0.67 -1.88
N ASP B 58 5.40 -1.10 -3.12
CA ASP B 58 6.31 -0.40 -4.06
C ASP B 58 5.85 1.05 -4.34
N TYR B 59 4.55 1.35 -4.27
CA TYR B 59 3.95 2.65 -4.56
C TYR B 59 3.90 3.61 -3.36
N VAL B 60 4.20 3.17 -2.14
CA VAL B 60 4.06 3.96 -0.90
C VAL B 60 5.29 3.84 0.01
N GLU B 61 5.42 4.74 0.97
CA GLU B 61 6.54 4.79 1.92
C GLU B 61 6.04 4.95 3.35
N ILE B 62 6.52 4.07 4.24
CA ILE B 62 6.18 4.08 5.67
C ILE B 62 6.77 5.33 6.32
N LEU B 63 5.94 6.08 7.05
CA LEU B 63 6.29 7.32 7.73
C LEU B 63 6.71 7.10 9.20
N PRO B 64 7.46 8.06 9.80
CA PRO B 64 7.78 8.02 11.23
C PRO B 64 6.59 8.40 12.12
N SER B 65 6.67 8.01 13.39
CA SER B 65 5.76 8.45 14.45
C SER B 65 5.85 9.96 14.69
N ASP B 66 4.72 10.59 15.01
CA ASP B 66 4.70 11.96 15.53
C ASP B 66 5.18 11.96 17.00
N GLY B 67 4.81 10.92 17.74
CA GLY B 67 5.23 10.65 19.13
C GLY B 67 4.40 11.39 20.16
N ALA A 1 -10.54 -16.95 3.70
CA ALA A 1 -9.70 -16.06 4.52
C ALA A 1 -10.57 -15.09 5.31
N GLU A 2 -10.42 -15.03 6.63
CA GLU A 2 -11.14 -14.07 7.50
C GLU A 2 -10.65 -12.61 7.35
N ARG A 3 -9.56 -12.37 6.62
CA ARG A 3 -9.01 -11.04 6.31
C ARG A 3 -8.51 -10.92 4.86
N LEU A 4 -8.08 -9.71 4.46
CA LEU A 4 -7.61 -9.39 3.11
C LEU A 4 -6.29 -10.11 2.73
N ILE A 5 -6.29 -10.83 1.60
CA ILE A 5 -5.11 -11.49 1.00
C ILE A 5 -5.07 -11.22 -0.52
N PRO A 6 -3.95 -10.73 -1.09
CA PRO A 6 -3.84 -10.34 -2.50
C PRO A 6 -4.18 -11.42 -3.54
N ARG A 7 -4.90 -11.00 -4.58
CA ARG A 7 -5.36 -11.83 -5.71
C ARG A 7 -4.33 -11.98 -6.83
N ARG A 8 -3.31 -11.12 -6.87
CA ARG A 8 -2.28 -11.01 -7.94
C ARG A 8 -0.94 -10.46 -7.40
N PRO A 9 0.19 -10.63 -8.10
CA PRO A 9 1.42 -9.92 -7.77
C PRO A 9 1.25 -8.40 -8.00
N ALA A 10 1.99 -7.59 -7.24
CA ALA A 10 1.94 -6.14 -7.37
C ALA A 10 2.30 -5.66 -8.78
N PRO A 11 1.58 -4.68 -9.35
CA PRO A 11 1.90 -4.11 -10.66
C PRO A 11 3.28 -3.42 -10.66
N PRO A 12 3.92 -3.25 -11.83
CA PRO A 12 5.14 -2.45 -11.94
C PRO A 12 4.89 -1.00 -11.49
N VAL A 13 5.91 -0.36 -10.92
CA VAL A 13 5.84 1.00 -10.37
C VAL A 13 6.72 1.95 -11.19
N PRO A 14 6.32 3.21 -11.43
CA PRO A 14 7.05 4.14 -12.28
C PRO A 14 8.24 4.83 -11.56
N VAL A 15 9.01 4.02 -10.83
CA VAL A 15 10.27 4.41 -10.17
C VAL A 15 11.42 4.41 -11.20
N PRO A 16 12.30 5.42 -11.22
CA PRO A 16 13.37 5.58 -12.21
C PRO A 16 14.59 4.66 -12.05
N ALA A 17 14.35 3.42 -11.63
CA ALA A 17 15.38 2.38 -11.45
C ALA A 17 15.74 1.75 -12.80
N ARG A 18 16.70 2.36 -13.51
CA ARG A 18 17.12 1.99 -14.89
C ARG A 18 17.89 0.66 -15.01
N ILE A 19 18.26 0.06 -13.88
CA ILE A 19 19.10 -1.14 -13.76
C ILE A 19 18.58 -2.38 -14.52
N PRO A 20 19.47 -3.31 -14.92
CA PRO A 20 19.10 -4.61 -15.49
C PRO A 20 18.60 -5.62 -14.45
N SER A 21 18.05 -6.74 -14.94
CA SER A 21 17.56 -7.87 -14.13
C SER A 21 18.71 -8.68 -13.46
N PRO A 22 18.47 -9.33 -12.31
CA PRO A 22 19.49 -10.11 -11.61
C PRO A 22 19.83 -11.42 -12.34
N ARG A 23 21.13 -11.74 -12.40
CA ARG A 23 21.68 -13.02 -12.87
C ARG A 23 21.74 -14.02 -11.72
N GLY B 1 1.80 -5.42 22.04
CA GLY B 1 1.39 -4.70 20.82
C GLY B 1 0.78 -3.35 21.15
N SER B 2 0.99 -2.34 20.31
CA SER B 2 0.46 -0.98 20.47
C SER B 2 -0.98 -0.83 19.93
N HIS B 3 -1.83 -0.10 20.65
CA HIS B 3 -3.17 0.32 20.18
C HIS B 3 -3.13 1.47 19.15
N MET B 4 -1.96 2.07 18.92
CA MET B 4 -1.75 3.08 17.88
C MET B 4 -1.46 2.45 16.51
N ALA B 5 -1.89 3.12 15.44
CA ALA B 5 -1.74 2.65 14.06
C ALA B 5 -0.55 3.30 13.32
N THR B 6 0.15 2.51 12.50
CA THR B 6 1.19 3.00 11.58
C THR B 6 0.57 3.80 10.42
N LYS B 7 1.36 4.66 9.77
CA LYS B 7 0.93 5.56 8.69
C LYS B 7 1.87 5.46 7.48
N ALA B 8 1.39 5.80 6.28
CA ALA B 8 2.21 5.86 5.07
C ALA B 8 1.78 6.98 4.12
N ARG B 9 2.74 7.53 3.36
CA ARG B 9 2.51 8.44 2.23
C ARG B 9 2.63 7.70 0.90
N VAL B 10 1.82 8.12 -0.07
CA VAL B 10 1.87 7.61 -1.44
C VAL B 10 2.96 8.28 -2.27
N MET B 11 3.73 7.48 -3.00
CA MET B 11 4.79 7.93 -3.91
C MET B 11 4.32 8.05 -5.37
N TYR B 12 3.31 7.27 -5.76
CA TYR B 12 2.69 7.31 -7.10
C TYR B 12 1.19 6.95 -7.02
N ASP B 13 0.34 7.60 -7.81
CA ASP B 13 -1.11 7.31 -7.87
C ASP B 13 -1.41 5.86 -8.24
N PHE B 14 -2.35 5.25 -7.53
CA PHE B 14 -2.83 3.89 -7.73
C PHE B 14 -4.35 3.85 -7.78
N ALA B 15 -4.88 2.97 -8.63
CA ALA B 15 -6.30 2.72 -8.80
C ALA B 15 -6.62 1.24 -8.51
N ALA B 16 -7.66 0.99 -7.72
CA ALA B 16 -8.09 -0.36 -7.36
C ALA B 16 -8.67 -1.18 -8.52
N GLU B 17 -8.74 -2.50 -8.30
CA GLU B 17 -9.44 -3.48 -9.14
C GLU B 17 -10.70 -3.96 -8.38
N PRO B 18 -11.84 -4.14 -9.08
CA PRO B 18 -13.15 -4.42 -8.45
C PRO B 18 -13.22 -5.76 -7.71
N GLY B 19 -12.65 -6.83 -8.26
CA GLY B 19 -12.72 -8.19 -7.72
C GLY B 19 -11.61 -8.54 -6.73
N ASN B 20 -10.69 -7.61 -6.46
CA ASN B 20 -9.51 -7.87 -5.63
C ASN B 20 -9.57 -7.24 -4.21
N ASN B 21 -10.45 -6.26 -4.01
CA ASN B 21 -10.57 -5.46 -2.78
C ASN B 21 -9.33 -4.57 -2.48
N GLU B 22 -8.73 -3.98 -3.52
CA GLU B 22 -7.68 -2.96 -3.38
C GLU B 22 -8.26 -1.60 -2.91
N LEU B 23 -7.41 -0.61 -2.59
CA LEU B 23 -7.80 0.78 -2.26
C LEU B 23 -7.17 1.77 -3.25
N THR B 24 -7.97 2.59 -3.95
CA THR B 24 -7.46 3.69 -4.79
C THR B 24 -6.88 4.80 -3.91
N VAL B 25 -5.72 5.34 -4.30
CA VAL B 25 -5.00 6.39 -3.58
C VAL B 25 -4.24 7.30 -4.55
N ASN B 26 -4.03 8.56 -4.17
CA ASN B 26 -3.32 9.56 -4.98
C ASN B 26 -1.92 9.87 -4.45
N GLU B 27 -0.96 10.24 -5.29
CA GLU B 27 0.41 10.61 -4.87
C GLU B 27 0.41 11.76 -3.84
N GLY B 28 1.22 11.60 -2.78
CA GLY B 28 1.28 12.54 -1.66
C GLY B 28 0.15 12.41 -0.63
N GLU B 29 -0.85 11.57 -0.92
CA GLU B 29 -1.91 11.24 0.05
C GLU B 29 -1.33 10.45 1.24
N ILE B 30 -1.85 10.73 2.44
CA ILE B 30 -1.54 10.00 3.67
C ILE B 30 -2.64 8.97 3.98
N ILE B 31 -2.27 7.72 4.27
CA ILE B 31 -3.18 6.63 4.69
C ILE B 31 -2.70 5.96 5.98
N THR B 32 -3.61 5.39 6.74
CA THR B 32 -3.29 4.55 7.90
C THR B 32 -3.00 3.13 7.42
N ILE B 33 -1.92 2.50 7.89
CA ILE B 33 -1.60 1.11 7.61
C ILE B 33 -2.32 0.18 8.59
N THR B 34 -2.94 -0.87 8.08
CA THR B 34 -3.63 -1.91 8.88
C THR B 34 -2.96 -3.28 8.80
N ASN B 35 -2.25 -3.60 7.70
CA ASN B 35 -1.51 -4.86 7.54
C ASN B 35 -0.28 -4.69 6.63
N PRO B 36 0.92 -4.39 7.18
CA PRO B 36 2.10 -4.06 6.38
C PRO B 36 2.77 -5.20 5.59
N ASP B 37 2.39 -6.44 5.85
CA ASP B 37 2.89 -7.65 5.20
C ASP B 37 1.67 -8.55 4.92
N VAL B 38 1.37 -8.77 3.64
CA VAL B 38 0.28 -9.64 3.14
C VAL B 38 0.77 -10.62 2.06
N GLY B 39 1.99 -10.41 1.57
CA GLY B 39 2.61 -11.13 0.47
C GLY B 39 2.36 -10.42 -0.86
N GLY B 40 3.04 -10.91 -1.88
CA GLY B 40 2.84 -10.56 -3.28
C GLY B 40 3.16 -9.12 -3.68
N GLY B 41 3.80 -8.33 -2.82
CA GLY B 41 4.12 -6.91 -3.06
C GLY B 41 3.11 -5.90 -2.50
N TRP B 42 2.23 -6.27 -1.57
CA TRP B 42 1.14 -5.40 -1.06
C TRP B 42 1.24 -5.07 0.43
N LEU B 43 0.34 -4.20 0.88
CA LEU B 43 0.03 -3.87 2.27
C LEU B 43 -1.47 -3.50 2.37
N GLU B 44 -2.10 -3.71 3.53
CA GLU B 44 -3.46 -3.21 3.81
C GLU B 44 -3.38 -1.80 4.40
N GLY B 45 -4.26 -0.92 3.94
CA GLY B 45 -4.39 0.45 4.44
C GLY B 45 -5.82 0.97 4.36
N ARG B 46 -6.05 2.11 5.03
CA ARG B 46 -7.32 2.84 5.08
C ARG B 46 -7.05 4.32 4.85
N ASN B 47 -7.82 4.93 3.95
CA ASN B 47 -7.80 6.37 3.71
C ASN B 47 -8.70 7.12 4.66
N ILE B 48 -8.57 8.44 4.62
CA ILE B 48 -9.34 9.44 5.34
C ILE B 48 -10.85 9.14 5.39
N LYS B 49 -11.39 8.61 4.29
CA LYS B 49 -12.82 8.25 4.07
C LYS B 49 -13.31 6.99 4.83
N GLY B 50 -12.39 6.24 5.42
CA GLY B 50 -12.64 5.01 6.18
C GLY B 50 -12.75 3.73 5.34
N GLU B 51 -12.47 3.83 4.05
CA GLU B 51 -12.40 2.67 3.16
C GLU B 51 -11.05 2.01 3.32
N ARG B 52 -11.04 0.67 3.30
CA ARG B 52 -9.82 -0.15 3.38
C ARG B 52 -9.54 -0.87 2.07
N GLY B 53 -8.33 -1.38 1.94
CA GLY B 53 -7.99 -2.24 0.82
C GLY B 53 -6.51 -2.56 0.74
N LEU B 54 -6.17 -3.35 -0.26
CA LEU B 54 -4.80 -3.65 -0.64
C LEU B 54 -4.20 -2.51 -1.46
N VAL B 55 -2.92 -2.19 -1.21
CA VAL B 55 -2.12 -1.24 -1.98
C VAL B 55 -0.71 -1.81 -2.16
N PRO B 56 -0.10 -1.69 -3.34
CA PRO B 56 1.28 -2.12 -3.56
C PRO B 56 2.26 -1.34 -2.67
N THR B 57 3.05 -2.01 -1.83
CA THR B 57 4.03 -1.34 -0.94
C THR B 57 5.15 -0.65 -1.73
N ASP B 58 5.43 -1.11 -2.96
CA ASP B 58 6.31 -0.42 -3.92
C ASP B 58 5.84 1.01 -4.26
N TYR B 59 4.54 1.31 -4.16
CA TYR B 59 3.94 2.61 -4.46
C TYR B 59 3.87 3.56 -3.26
N VAL B 60 4.19 3.13 -2.03
CA VAL B 60 4.06 3.93 -0.80
C VAL B 60 5.29 3.81 0.12
N GLU B 61 5.37 4.69 1.10
CA GLU B 61 6.45 4.74 2.11
C GLU B 61 5.89 4.94 3.53
N ILE B 62 6.39 4.14 4.49
CA ILE B 62 6.02 4.23 5.90
C ILE B 62 6.54 5.55 6.48
N LEU B 63 5.68 6.25 7.21
CA LEU B 63 5.99 7.55 7.82
C LEU B 63 6.66 7.45 9.20
N PRO B 64 7.41 8.48 9.62
CA PRO B 64 8.14 8.51 10.88
C PRO B 64 7.23 8.72 12.10
N SER B 65 7.57 8.09 13.22
CA SER B 65 6.97 8.36 14.52
C SER B 65 7.68 9.54 15.18
N ASP B 66 7.01 10.69 15.26
CA ASP B 66 7.50 11.90 15.93
C ASP B 66 6.37 12.70 16.62
N GLY B 67 5.20 12.08 16.82
CA GLY B 67 4.02 12.66 17.48
C GLY B 67 4.01 12.50 18.98
N ALA A 1 -14.15 -15.41 5.75
CA ALA A 1 -12.90 -14.89 5.18
C ALA A 1 -12.45 -13.64 5.93
N GLU A 2 -11.95 -13.78 7.15
CA GLU A 2 -11.54 -12.67 8.02
C GLU A 2 -10.37 -11.87 7.46
N ARG A 3 -9.41 -12.56 6.83
CA ARG A 3 -8.16 -11.97 6.31
C ARG A 3 -8.33 -11.43 4.90
N LEU A 4 -7.86 -10.22 4.67
CA LEU A 4 -7.72 -9.62 3.35
C LEU A 4 -6.43 -10.14 2.70
N ILE A 5 -6.55 -10.76 1.53
CA ILE A 5 -5.46 -11.44 0.83
C ILE A 5 -5.37 -10.95 -0.63
N PRO A 6 -4.17 -10.63 -1.16
CA PRO A 6 -4.02 -10.21 -2.56
C PRO A 6 -4.53 -11.22 -3.61
N ARG A 7 -5.14 -10.70 -4.68
CA ARG A 7 -5.71 -11.46 -5.82
C ARG A 7 -4.87 -11.33 -7.11
N ARG A 8 -3.67 -10.77 -7.02
CA ARG A 8 -2.63 -10.67 -8.06
C ARG A 8 -1.27 -10.29 -7.41
N PRO A 9 -0.10 -10.59 -8.00
CA PRO A 9 1.19 -10.07 -7.55
C PRO A 9 1.28 -8.55 -7.81
N ALA A 10 2.09 -7.82 -7.03
CA ALA A 10 2.19 -6.37 -7.14
C ALA A 10 2.64 -5.90 -8.55
N PRO A 11 1.96 -4.90 -9.15
CA PRO A 11 2.30 -4.38 -10.48
C PRO A 11 3.65 -3.62 -10.49
N PRO A 12 4.23 -3.38 -11.68
CA PRO A 12 5.37 -2.49 -11.85
C PRO A 12 5.02 -1.05 -11.45
N VAL A 13 6.01 -0.31 -10.97
CA VAL A 13 5.91 1.06 -10.43
C VAL A 13 6.68 2.08 -11.28
N PRO A 14 6.19 3.33 -11.43
CA PRO A 14 6.81 4.37 -12.26
C PRO A 14 7.92 5.15 -11.52
N VAL A 15 8.79 4.42 -10.82
CA VAL A 15 9.96 4.98 -10.12
C VAL A 15 11.03 5.40 -11.13
N PRO A 16 11.66 6.59 -11.00
CA PRO A 16 12.71 7.09 -11.89
C PRO A 16 14.08 6.42 -11.62
N ALA A 17 14.10 5.09 -11.58
CA ALA A 17 15.22 4.24 -11.23
C ALA A 17 15.07 2.92 -11.98
N ARG A 18 16.21 2.30 -12.28
CA ARG A 18 16.32 0.96 -12.89
C ARG A 18 16.52 -0.16 -11.86
N ILE A 19 16.97 0.19 -10.65
CA ILE A 19 17.00 -0.69 -9.47
C ILE A 19 16.35 0.05 -8.26
N PRO A 20 15.56 -0.65 -7.43
CA PRO A 20 14.80 -0.03 -6.33
C PRO A 20 15.65 0.41 -5.13
N SER A 21 16.88 -0.09 -5.01
CA SER A 21 17.84 0.28 -3.95
C SER A 21 19.29 -0.03 -4.38
N PRO A 22 20.31 0.73 -3.90
CA PRO A 22 21.72 0.52 -4.26
C PRO A 22 22.25 -0.87 -3.88
N ARG A 23 23.31 -1.31 -4.58
CA ARG A 23 23.91 -2.66 -4.53
C ARG A 23 22.98 -3.75 -5.05
N GLY B 1 1.95 -0.41 14.35
CA GLY B 1 1.62 -1.80 14.69
C GLY B 1 0.58 -1.86 15.80
N SER B 2 0.63 -2.90 16.63
CA SER B 2 -0.34 -3.20 17.70
C SER B 2 -0.29 -2.34 18.97
N HIS B 3 0.67 -1.41 19.13
CA HIS B 3 0.69 -0.45 20.25
C HIS B 3 0.41 1.01 19.83
N MET B 4 0.77 1.38 18.60
CA MET B 4 0.51 2.69 18.00
C MET B 4 0.42 2.57 16.48
N ALA B 5 -0.57 3.23 15.87
CA ALA B 5 -0.79 3.09 14.44
C ALA B 5 0.31 3.73 13.58
N THR B 6 0.88 2.93 12.68
CA THR B 6 1.91 3.34 11.73
C THR B 6 1.27 4.01 10.51
N LYS B 7 1.98 4.94 9.87
CA LYS B 7 1.46 5.77 8.77
C LYS B 7 2.36 5.65 7.52
N ALA B 8 1.80 5.90 6.33
CA ALA B 8 2.55 5.96 5.08
C ALA B 8 2.03 7.05 4.13
N ARG B 9 2.92 7.63 3.33
CA ARG B 9 2.60 8.54 2.21
C ARG B 9 2.62 7.79 0.88
N VAL B 10 1.78 8.19 -0.07
CA VAL B 10 1.80 7.69 -1.45
C VAL B 10 2.83 8.41 -2.33
N MET B 11 3.60 7.65 -3.08
CA MET B 11 4.64 8.15 -4.00
C MET B 11 4.17 8.24 -5.46
N TYR B 12 3.20 7.40 -5.86
CA TYR B 12 2.58 7.40 -7.19
C TYR B 12 1.09 7.03 -7.13
N ASP B 13 0.25 7.67 -7.96
CA ASP B 13 -1.20 7.40 -8.04
C ASP B 13 -1.52 5.94 -8.43
N PHE B 14 -2.50 5.33 -7.74
CA PHE B 14 -2.90 3.91 -7.86
C PHE B 14 -4.41 3.72 -7.95
N ALA B 15 -4.87 2.75 -8.75
CA ALA B 15 -6.28 2.47 -9.00
C ALA B 15 -6.60 0.98 -8.80
N ALA B 16 -7.54 0.71 -7.91
CA ALA B 16 -8.01 -0.64 -7.58
C ALA B 16 -8.69 -1.38 -8.75
N GLU B 17 -8.50 -2.70 -8.81
CA GLU B 17 -9.25 -3.61 -9.69
C GLU B 17 -10.62 -4.00 -9.09
N PRO B 18 -11.60 -4.45 -9.90
CA PRO B 18 -12.83 -5.05 -9.38
C PRO B 18 -12.51 -6.37 -8.67
N GLY B 19 -13.26 -6.68 -7.62
CA GLY B 19 -13.19 -7.92 -6.83
C GLY B 19 -11.96 -8.10 -5.93
N ASN B 20 -10.82 -7.51 -6.29
CA ASN B 20 -9.54 -7.71 -5.59
C ASN B 20 -9.45 -7.12 -4.17
N ASN B 21 -10.34 -6.18 -3.84
CA ASN B 21 -10.38 -5.40 -2.59
C ASN B 21 -9.13 -4.51 -2.37
N GLU B 22 -8.67 -3.87 -3.44
CA GLU B 22 -7.58 -2.90 -3.41
C GLU B 22 -8.13 -1.52 -2.99
N LEU B 23 -7.29 -0.67 -2.38
CA LEU B 23 -7.66 0.69 -1.97
C LEU B 23 -7.06 1.70 -2.96
N THR B 24 -7.90 2.34 -3.79
CA THR B 24 -7.49 3.44 -4.68
C THR B 24 -6.94 4.60 -3.85
N VAL B 25 -5.79 5.14 -4.24
CA VAL B 25 -5.12 6.26 -3.55
C VAL B 25 -4.43 7.21 -4.53
N ASN B 26 -4.20 8.44 -4.10
CA ASN B 26 -3.52 9.46 -4.90
C ASN B 26 -2.14 9.81 -4.34
N GLU B 27 -1.24 10.22 -5.22
CA GLU B 27 0.12 10.62 -4.85
C GLU B 27 0.12 11.78 -3.85
N GLY B 28 0.94 11.65 -2.79
CA GLY B 28 1.00 12.62 -1.71
C GLY B 28 -0.10 12.49 -0.67
N GLU B 29 -1.03 11.54 -0.83
CA GLU B 29 -1.98 11.20 0.22
C GLU B 29 -1.29 10.46 1.37
N ILE B 30 -1.77 10.70 2.60
CA ILE B 30 -1.35 10.00 3.81
C ILE B 30 -2.41 8.96 4.24
N ILE B 31 -2.03 7.69 4.41
CA ILE B 31 -2.87 6.58 4.90
C ILE B 31 -2.29 5.92 6.14
N THR B 32 -3.14 5.27 6.94
CA THR B 32 -2.71 4.47 8.09
C THR B 32 -2.47 3.04 7.65
N ILE B 33 -1.41 2.39 8.13
CA ILE B 33 -1.13 0.97 7.85
C ILE B 33 -1.89 0.06 8.83
N THR B 34 -2.41 -1.04 8.31
CA THR B 34 -2.99 -2.16 9.07
C THR B 34 -2.23 -3.48 8.87
N ASN B 35 -1.54 -3.69 7.74
CA ASN B 35 -0.67 -4.87 7.54
C ASN B 35 0.48 -4.62 6.54
N PRO B 36 1.74 -4.45 6.97
CA PRO B 36 2.84 -4.08 6.08
C PRO B 36 3.34 -5.17 5.11
N ASP B 37 2.95 -6.44 5.30
CA ASP B 37 3.35 -7.56 4.44
C ASP B 37 2.34 -8.71 4.44
N VAL B 38 1.42 -8.64 3.49
CA VAL B 38 0.34 -9.61 3.17
C VAL B 38 0.77 -10.69 2.18
N GLY B 39 1.96 -10.56 1.59
CA GLY B 39 2.49 -11.39 0.53
C GLY B 39 2.31 -10.70 -0.82
N GLY B 40 2.95 -11.27 -1.82
CA GLY B 40 2.85 -10.88 -3.24
C GLY B 40 3.39 -9.50 -3.62
N GLY B 41 3.84 -8.68 -2.66
CA GLY B 41 4.28 -7.30 -2.87
C GLY B 41 3.33 -6.21 -2.35
N TRP B 42 2.35 -6.54 -1.50
CA TRP B 42 1.31 -5.60 -1.03
C TRP B 42 1.43 -5.27 0.46
N LEU B 43 0.66 -4.28 0.88
CA LEU B 43 0.37 -3.89 2.26
C LEU B 43 -1.13 -3.52 2.38
N GLU B 44 -1.68 -3.63 3.59
CA GLU B 44 -3.04 -3.26 3.96
C GLU B 44 -3.04 -1.88 4.63
N GLY B 45 -4.00 -1.02 4.27
CA GLY B 45 -4.12 0.33 4.83
C GLY B 45 -5.54 0.89 4.80
N ARG B 46 -5.73 2.04 5.47
CA ARG B 46 -6.99 2.82 5.50
C ARG B 46 -6.75 4.29 5.16
N ASN B 47 -7.60 4.82 4.29
CA ASN B 47 -7.69 6.25 3.98
C ASN B 47 -8.76 6.97 4.76
N ILE B 48 -8.74 8.29 4.61
CA ILE B 48 -9.60 9.28 5.24
C ILE B 48 -11.10 8.89 5.26
N LYS B 49 -11.56 8.22 4.21
CA LYS B 49 -12.94 7.72 4.02
C LYS B 49 -13.34 6.59 4.98
N GLY B 50 -12.38 6.04 5.72
CA GLY B 50 -12.53 4.88 6.59
C GLY B 50 -12.61 3.54 5.86
N GLU B 51 -12.22 3.53 4.58
CA GLU B 51 -12.14 2.32 3.77
C GLU B 51 -10.78 1.67 3.95
N ARG B 52 -10.81 0.35 4.13
CA ARG B 52 -9.61 -0.50 4.14
C ARG B 52 -9.34 -1.08 2.76
N GLY B 53 -8.14 -1.59 2.53
CA GLY B 53 -7.83 -2.35 1.32
C GLY B 53 -6.34 -2.54 1.08
N LEU B 54 -6.03 -3.25 0.00
CA LEU B 54 -4.67 -3.62 -0.41
C LEU B 54 -4.05 -2.59 -1.36
N VAL B 55 -2.76 -2.29 -1.16
CA VAL B 55 -1.95 -1.37 -1.98
C VAL B 55 -0.53 -1.93 -2.18
N PRO B 56 0.07 -1.79 -3.36
CA PRO B 56 1.47 -2.16 -3.59
C PRO B 56 2.43 -1.32 -2.73
N THR B 57 3.26 -1.94 -1.90
CA THR B 57 4.17 -1.22 -0.99
C THR B 57 5.20 -0.35 -1.71
N ASP B 58 5.68 -0.73 -2.88
CA ASP B 58 6.63 0.08 -3.66
C ASP B 58 6.03 1.36 -4.25
N TYR B 59 4.68 1.50 -4.22
CA TYR B 59 3.98 2.75 -4.54
C TYR B 59 3.89 3.72 -3.35
N VAL B 60 4.20 3.30 -2.13
CA VAL B 60 4.07 4.10 -0.89
C VAL B 60 5.34 4.05 -0.04
N GLU B 61 5.39 4.87 1.00
CA GLU B 61 6.55 5.02 1.89
C GLU B 61 6.15 5.16 3.36
N ILE B 62 6.74 4.34 4.21
CA ILE B 62 6.49 4.33 5.66
C ILE B 62 7.06 5.60 6.28
N LEU B 63 6.22 6.33 7.00
CA LEU B 63 6.57 7.58 7.68
C LEU B 63 7.19 7.33 9.07
N PRO B 64 7.91 8.32 9.66
CA PRO B 64 8.42 8.21 11.02
C PRO B 64 7.29 8.28 12.05
N SER B 65 7.37 7.44 13.09
CA SER B 65 6.36 7.26 14.14
C SER B 65 6.89 7.58 15.55
N ASP B 66 7.87 8.48 15.64
CA ASP B 66 8.52 8.94 16.87
C ASP B 66 7.55 9.53 17.93
N GLY B 67 6.40 10.04 17.50
CA GLY B 67 5.36 10.63 18.37
C GLY B 67 5.61 12.08 18.71
N ALA A 1 -12.04 -16.87 6.25
CA ALA A 1 -10.80 -16.06 6.17
C ALA A 1 -11.07 -14.63 6.58
N GLU A 2 -10.58 -14.23 7.76
CA GLU A 2 -10.71 -12.89 8.33
C GLU A 2 -9.77 -11.86 7.66
N ARG A 3 -8.61 -12.33 7.19
CA ARG A 3 -7.55 -11.53 6.58
C ARG A 3 -7.87 -11.11 5.14
N LEU A 4 -7.40 -9.93 4.72
CA LEU A 4 -7.40 -9.49 3.34
C LEU A 4 -6.27 -10.24 2.59
N ILE A 5 -6.52 -10.70 1.36
CA ILE A 5 -5.56 -11.53 0.61
C ILE A 5 -5.46 -11.04 -0.85
N PRO A 6 -4.26 -10.66 -1.33
CA PRO A 6 -4.05 -10.31 -2.74
C PRO A 6 -4.35 -11.46 -3.72
N ARG A 7 -4.92 -11.10 -4.88
CA ARG A 7 -5.31 -12.00 -5.99
C ARG A 7 -4.26 -12.07 -7.13
N ARG A 8 -3.22 -11.24 -7.04
CA ARG A 8 -2.14 -11.01 -8.02
C ARG A 8 -0.88 -10.47 -7.31
N PRO A 9 0.33 -10.61 -7.87
CA PRO A 9 1.52 -9.90 -7.37
C PRO A 9 1.39 -8.38 -7.60
N ALA A 10 2.18 -7.56 -6.91
CA ALA A 10 2.15 -6.11 -7.08
C ALA A 10 2.49 -5.67 -8.53
N PRO A 11 1.75 -4.70 -9.12
CA PRO A 11 2.01 -4.19 -10.45
C PRO A 11 3.35 -3.41 -10.53
N PRO A 12 3.89 -3.17 -11.75
CA PRO A 12 5.08 -2.36 -11.94
C PRO A 12 4.88 -0.90 -11.50
N VAL A 13 5.90 -0.30 -10.90
CA VAL A 13 5.88 1.08 -10.39
C VAL A 13 6.68 2.03 -11.30
N PRO A 14 6.19 3.25 -11.58
CA PRO A 14 6.84 4.18 -12.51
C PRO A 14 8.01 4.97 -11.89
N VAL A 15 8.96 4.26 -11.27
CA VAL A 15 10.18 4.81 -10.66
C VAL A 15 11.32 4.97 -11.67
N PRO A 16 12.09 6.07 -11.67
CA PRO A 16 13.28 6.30 -12.52
C PRO A 16 14.57 5.67 -11.95
N ALA A 17 14.53 4.38 -11.63
CA ALA A 17 15.61 3.61 -11.01
C ALA A 17 15.48 2.10 -11.31
N ARG A 18 16.62 1.45 -11.48
CA ARG A 18 16.82 0.02 -11.73
C ARG A 18 16.46 -0.86 -10.52
N ILE A 19 15.63 -1.88 -10.74
CA ILE A 19 15.23 -2.87 -9.71
C ILE A 19 15.94 -4.24 -9.83
N PRO A 20 16.28 -4.91 -8.71
CA PRO A 20 17.05 -6.16 -8.67
C PRO A 20 16.20 -7.43 -8.93
N SER A 21 15.11 -7.31 -9.70
CA SER A 21 14.14 -8.39 -9.92
C SER A 21 14.73 -9.72 -10.44
N PRO A 22 14.23 -10.90 -10.01
CA PRO A 22 14.62 -12.21 -10.54
C PRO A 22 14.22 -12.46 -12.01
N ARG A 23 14.66 -13.59 -12.57
CA ARG A 23 14.26 -14.16 -13.87
C ARG A 23 13.98 -15.66 -13.79
N GLY B 1 3.54 -0.43 27.91
CA GLY B 1 3.20 -1.21 26.72
C GLY B 1 2.41 -0.40 25.72
N SER B 2 3.02 0.64 25.14
CA SER B 2 2.35 1.54 24.17
C SER B 2 2.59 1.12 22.72
N HIS B 3 1.57 1.28 21.87
CA HIS B 3 1.62 1.08 20.42
C HIS B 3 0.52 1.89 19.73
N MET B 4 0.81 2.50 18.58
CA MET B 4 -0.13 3.28 17.77
C MET B 4 -0.04 2.89 16.29
N ALA B 5 -1.13 3.07 15.53
CA ALA B 5 -1.19 2.64 14.13
C ALA B 5 -0.10 3.28 13.25
N THR B 6 0.57 2.46 12.44
CA THR B 6 1.64 2.90 11.51
C THR B 6 1.02 3.70 10.37
N LYS B 7 1.77 4.66 9.81
CA LYS B 7 1.32 5.53 8.71
C LYS B 7 2.25 5.38 7.50
N ALA B 8 1.77 5.72 6.31
CA ALA B 8 2.58 5.80 5.09
C ALA B 8 2.12 6.94 4.17
N ARG B 9 3.06 7.48 3.39
CA ARG B 9 2.80 8.41 2.28
C ARG B 9 2.84 7.68 0.94
N VAL B 10 1.98 8.08 0.00
CA VAL B 10 1.98 7.58 -1.37
C VAL B 10 3.05 8.23 -2.24
N MET B 11 3.77 7.43 -3.04
CA MET B 11 4.81 7.85 -3.98
C MET B 11 4.31 7.91 -5.44
N TYR B 12 3.26 7.15 -5.81
CA TYR B 12 2.63 7.21 -7.14
C TYR B 12 1.10 6.94 -7.07
N ASP B 13 0.32 7.57 -7.95
CA ASP B 13 -1.14 7.35 -8.03
C ASP B 13 -1.48 5.86 -8.31
N PHE B 14 -2.45 5.31 -7.58
CA PHE B 14 -2.90 3.91 -7.71
C PHE B 14 -4.42 3.80 -7.76
N ALA B 15 -4.93 2.90 -8.60
CA ALA B 15 -6.35 2.63 -8.77
C ALA B 15 -6.67 1.14 -8.57
N ALA B 16 -7.74 0.87 -7.81
CA ALA B 16 -8.23 -0.46 -7.48
C ALA B 16 -8.78 -1.29 -8.66
N GLU B 17 -9.16 -2.53 -8.34
CA GLU B 17 -9.74 -3.52 -9.27
C GLU B 17 -11.01 -4.17 -8.69
N PRO B 18 -11.90 -4.71 -9.55
CA PRO B 18 -13.18 -5.27 -9.15
C PRO B 18 -12.98 -6.60 -8.43
N GLY B 19 -13.68 -6.80 -7.32
CA GLY B 19 -13.59 -7.99 -6.47
C GLY B 19 -12.29 -8.18 -5.67
N ASN B 20 -11.17 -7.54 -6.03
CA ASN B 20 -9.86 -7.77 -5.37
C ASN B 20 -9.73 -7.21 -3.93
N ASN B 21 -10.49 -6.17 -3.60
CA ASN B 21 -10.44 -5.40 -2.35
C ASN B 21 -9.20 -4.50 -2.21
N GLU B 22 -8.72 -3.93 -3.32
CA GLU B 22 -7.69 -2.89 -3.30
C GLU B 22 -8.28 -1.55 -2.77
N LEU B 23 -7.44 -0.55 -2.49
CA LEU B 23 -7.86 0.81 -2.13
C LEU B 23 -7.21 1.84 -3.07
N THR B 24 -8.02 2.58 -3.85
CA THR B 24 -7.54 3.67 -4.72
C THR B 24 -6.97 4.81 -3.89
N VAL B 25 -5.78 5.28 -4.24
CA VAL B 25 -5.05 6.36 -3.53
C VAL B 25 -4.26 7.25 -4.50
N ASN B 26 -4.01 8.50 -4.10
CA ASN B 26 -3.26 9.47 -4.91
C ASN B 26 -1.88 9.75 -4.31
N GLU B 27 -0.92 10.09 -5.16
CA GLU B 27 0.45 10.44 -4.77
C GLU B 27 0.48 11.60 -3.76
N GLY B 28 1.36 11.51 -2.75
CA GLY B 28 1.47 12.47 -1.67
C GLY B 28 0.41 12.35 -0.58
N GLU B 29 -0.64 11.55 -0.80
CA GLU B 29 -1.64 11.28 0.22
C GLU B 29 -1.04 10.46 1.39
N ILE B 30 -1.50 10.74 2.61
CA ILE B 30 -1.16 9.99 3.81
C ILE B 30 -2.28 8.98 4.14
N ILE B 31 -1.93 7.73 4.40
CA ILE B 31 -2.83 6.65 4.82
C ILE B 31 -2.30 5.87 6.02
N THR B 32 -3.21 5.28 6.80
CA THR B 32 -2.84 4.41 7.92
C THR B 32 -2.60 2.99 7.41
N ILE B 33 -1.50 2.36 7.79
CA ILE B 33 -1.17 0.98 7.45
C ILE B 33 -1.75 0.00 8.47
N THR B 34 -2.55 -0.95 7.99
CA THR B 34 -3.15 -2.02 8.81
C THR B 34 -2.48 -3.38 8.64
N ASN B 35 -1.76 -3.63 7.55
CA ASN B 35 -0.94 -4.84 7.36
C ASN B 35 0.20 -4.63 6.34
N PRO B 36 1.45 -4.36 6.76
CA PRO B 36 2.54 -4.01 5.85
C PRO B 36 3.07 -5.11 4.92
N ASP B 37 2.76 -6.40 5.15
CA ASP B 37 3.25 -7.53 4.34
C ASP B 37 2.23 -8.67 4.23
N VAL B 38 1.19 -8.43 3.44
CA VAL B 38 0.08 -9.39 3.16
C VAL B 38 0.48 -10.52 2.20
N GLY B 39 1.64 -10.38 1.55
CA GLY B 39 2.12 -11.27 0.51
C GLY B 39 2.08 -10.57 -0.85
N GLY B 40 2.92 -11.04 -1.77
CA GLY B 40 2.88 -10.65 -3.18
C GLY B 40 3.37 -9.23 -3.50
N GLY B 41 3.87 -8.46 -2.52
CA GLY B 41 4.28 -7.06 -2.73
C GLY B 41 3.24 -6.01 -2.29
N TRP B 42 2.21 -6.40 -1.54
CA TRP B 42 1.13 -5.51 -1.11
C TRP B 42 1.19 -5.17 0.37
N LEU B 43 0.43 -4.16 0.76
CA LEU B 43 0.12 -3.77 2.12
C LEU B 43 -1.36 -3.43 2.23
N GLU B 44 -1.94 -3.68 3.41
CA GLU B 44 -3.28 -3.23 3.77
C GLU B 44 -3.20 -1.81 4.34
N GLY B 45 -4.07 -0.91 3.87
CA GLY B 45 -4.12 0.48 4.32
C GLY B 45 -5.52 1.06 4.30
N ARG B 46 -5.69 2.22 4.94
CA ARG B 46 -6.95 2.96 5.10
C ARG B 46 -6.73 4.46 4.94
N ASN B 47 -7.58 5.11 4.14
CA ASN B 47 -7.60 6.58 3.99
C ASN B 47 -8.58 7.26 4.95
N ILE B 48 -8.53 8.59 4.94
CA ILE B 48 -9.34 9.52 5.72
C ILE B 48 -10.84 9.17 5.84
N LYS B 49 -11.41 8.58 4.79
CA LYS B 49 -12.81 8.10 4.67
C LYS B 49 -13.16 6.85 5.47
N GLY B 50 -12.15 6.18 6.04
CA GLY B 50 -12.29 4.91 6.75
C GLY B 50 -12.51 3.72 5.83
N GLU B 51 -12.17 3.87 4.54
CA GLU B 51 -12.15 2.77 3.59
C GLU B 51 -10.80 2.08 3.64
N ARG B 52 -10.79 0.75 3.66
CA ARG B 52 -9.58 -0.08 3.69
C ARG B 52 -9.42 -0.92 2.42
N GLY B 53 -8.20 -1.39 2.20
CA GLY B 53 -7.91 -2.26 1.08
C GLY B 53 -6.42 -2.47 0.83
N LEU B 54 -6.12 -3.20 -0.25
CA LEU B 54 -4.77 -3.52 -0.69
C LEU B 54 -4.16 -2.40 -1.56
N VAL B 55 -2.88 -2.11 -1.32
CA VAL B 55 -2.05 -1.18 -2.11
C VAL B 55 -0.63 -1.76 -2.24
N PRO B 56 0.02 -1.67 -3.41
CA PRO B 56 1.41 -2.10 -3.59
C PRO B 56 2.39 -1.32 -2.69
N THR B 57 3.21 -1.98 -1.88
CA THR B 57 4.21 -1.28 -1.03
C THR B 57 5.30 -0.60 -1.84
N ASP B 58 5.57 -1.06 -3.07
CA ASP B 58 6.45 -0.39 -4.04
C ASP B 58 6.01 1.05 -4.38
N TYR B 59 4.71 1.35 -4.25
CA TYR B 59 4.09 2.65 -4.53
C TYR B 59 4.02 3.59 -3.30
N VAL B 60 4.37 3.16 -2.09
CA VAL B 60 4.24 3.95 -0.85
C VAL B 60 5.48 3.85 0.06
N GLU B 61 5.60 4.75 1.03
CA GLU B 61 6.73 4.87 1.96
C GLU B 61 6.29 5.00 3.42
N ILE B 62 6.88 4.19 4.30
CA ILE B 62 6.52 4.10 5.72
C ILE B 62 6.99 5.34 6.51
N LEU B 63 6.07 5.96 7.24
CA LEU B 63 6.31 7.13 8.09
C LEU B 63 6.64 6.74 9.57
N PRO B 64 7.42 7.56 10.30
CA PRO B 64 7.91 7.26 11.65
C PRO B 64 6.86 7.35 12.77
N SER B 65 7.16 6.71 13.91
CA SER B 65 6.35 6.71 15.14
C SER B 65 6.13 8.10 15.76
N ASP B 66 5.04 8.24 16.50
CA ASP B 66 4.49 9.48 17.10
C ASP B 66 4.15 10.61 16.10
N GLY B 67 4.40 10.38 14.80
CA GLY B 67 4.06 11.24 13.66
C GLY B 67 4.48 12.69 13.82
#